data_7NOS
#
_entry.id   7NOS
#
_cell.length_a   91.995
_cell.length_b   143.606
_cell.length_c   97.815
_cell.angle_alpha   90.000
_cell.angle_beta   117.480
_cell.angle_gamma   90.000
#
_symmetry.space_group_name_H-M   'P 1 21 1'
#
loop_
_entity.id
_entity.type
_entity.pdbx_description
1 polymer 'Ornithine carbamoyltransferase'
2 non-polymer 'PHOSPHATE ION'
3 non-polymer 4-bromanyl-6-(trifluoromethyl)-1~{H}-benzimidazole
4 water water
#
_entity_poly.entity_id   1
_entity_poly.type   'polypeptide(L)'
_entity_poly.pdbx_seq_one_letter_code
;GSVIRHFLRDDDLSPAEQAEVLELAAELKKDPVSRRPLQGPRGVAVIFDKNSTRTRFSFELGIAQLGGHAVVVDSGSTQL
GRDETLQDTAKVLSRYVDAIVWRTFGQERLDAMASVATVPVINALSDEFHPCQVLADLQTIAERKGALRGLRLSYFGDGA
NNMAHSLLLGGVTAGIHVTVAAPEGFLPDPSVRAAAERRAQDTGASVTVTADAHAAAAGADVLVTDTWTSMGQENDGLDR
VKPFRPFQLNSRLLALADSDAIVLHCLPAHRGDEITDAVMDGPASAVWDEAENRLHAQKALLVWLLERS
;
_entity_poly.pdbx_strand_id   A,B,C,D,E,F
#
# COMPACT_ATOMS: atom_id res chain seq x y z
N SER A 2 24.05 -15.09 -11.11
CA SER A 2 24.25 -13.71 -11.52
C SER A 2 25.33 -13.07 -10.64
N VAL A 3 26.24 -12.29 -11.24
CA VAL A 3 27.29 -11.66 -10.44
C VAL A 3 26.67 -10.55 -9.61
N ILE A 4 27.09 -10.47 -8.34
CA ILE A 4 26.57 -9.47 -7.41
C ILE A 4 27.39 -8.20 -7.58
N ARG A 5 26.73 -7.08 -7.87
CA ARG A 5 27.42 -5.82 -8.10
C ARG A 5 27.49 -5.01 -6.81
N HIS A 6 28.66 -4.42 -6.56
CA HIS A 6 28.84 -3.51 -5.44
C HIS A 6 29.20 -2.12 -5.97
N PHE A 7 29.15 -1.13 -5.09
CA PHE A 7 29.50 0.24 -5.47
C PHE A 7 30.31 0.80 -4.31
N LEU A 8 31.63 0.60 -4.38
CA LEU A 8 32.54 1.03 -3.32
C LEU A 8 33.36 2.25 -3.71
N ARG A 9 33.52 2.41 -5.02
CA ARG A 9 34.32 3.52 -5.59
C ARG A 9 33.67 3.89 -6.93
N ASP A 10 33.90 5.08 -7.43
CA ASP A 10 33.14 5.60 -8.60
C ASP A 10 33.35 4.80 -9.87
N ASP A 11 34.55 4.28 -10.04
CA ASP A 11 34.92 3.50 -11.25
C ASP A 11 34.36 2.07 -11.21
N ASP A 12 33.63 1.70 -10.16
CA ASP A 12 32.92 0.39 -10.14
C ASP A 12 31.87 0.39 -11.24
N LEU A 13 31.39 1.56 -11.65
CA LEU A 13 30.51 1.67 -12.81
C LEU A 13 31.35 2.03 -14.03
N SER A 14 31.09 1.34 -15.15
CA SER A 14 31.68 1.75 -16.42
C SER A 14 31.05 3.05 -16.88
N PRO A 15 31.63 3.72 -17.87
CA PRO A 15 30.97 4.93 -18.42
C PRO A 15 29.53 4.69 -18.85
N ALA A 16 29.27 3.57 -19.53
CA ALA A 16 27.91 3.32 -19.97
C ALA A 16 26.99 3.01 -18.79
N GLU A 17 27.51 2.32 -17.76
CA GLU A 17 26.72 2.00 -16.58
C GLU A 17 26.40 3.26 -15.78
N GLN A 18 27.39 4.13 -15.61
CA GLN A 18 27.16 5.35 -14.87
C GLN A 18 26.10 6.21 -15.57
N ALA A 19 26.10 6.20 -16.90
CA ALA A 19 25.09 6.97 -17.62
C ALA A 19 23.69 6.40 -17.38
N GLU A 20 23.58 5.06 -17.30
CA GLU A 20 22.27 4.47 -17.00
C GLU A 20 21.79 4.88 -15.61
N VAL A 21 22.71 4.89 -14.63
CA VAL A 21 22.33 5.28 -13.28
C VAL A 21 21.89 6.75 -13.25
N LEU A 22 22.64 7.63 -13.93
CA LEU A 22 22.27 9.05 -13.89
C LEU A 22 20.97 9.33 -14.65
N GLU A 23 20.70 8.60 -15.72
CA GLU A 23 19.41 8.74 -16.39
C GLU A 23 18.28 8.30 -15.46
N LEU A 24 18.49 7.19 -14.75
CA LEU A 24 17.51 6.72 -13.78
C LEU A 24 17.32 7.71 -12.64
N ALA A 25 18.40 8.39 -12.23
CA ALA A 25 18.26 9.41 -11.19
C ALA A 25 17.32 10.52 -11.65
N ALA A 26 17.45 10.94 -12.92
CA ALA A 26 16.58 11.99 -13.42
C ALA A 26 15.14 11.50 -13.49
N GLU A 27 14.94 10.24 -13.89
CA GLU A 27 13.59 9.70 -13.96
C GLU A 27 12.94 9.62 -12.58
N LEU A 28 13.71 9.18 -11.57
CA LEU A 28 13.19 9.05 -10.21
C LEU A 28 12.94 10.40 -9.55
N LYS A 29 13.73 11.42 -9.90
CA LYS A 29 13.42 12.76 -9.42
C LYS A 29 12.04 13.21 -9.92
N LYS A 30 11.71 12.87 -11.17
CA LYS A 30 10.40 13.26 -11.71
C LYS A 30 9.29 12.40 -11.10
N ASP A 31 9.54 11.11 -10.88
CA ASP A 31 8.51 10.17 -10.42
C ASP A 31 9.08 9.35 -9.27
N PRO A 32 9.07 9.91 -8.05
CA PRO A 32 9.86 9.30 -6.96
C PRO A 32 9.31 8.00 -6.37
N VAL A 33 8.08 7.59 -6.66
CA VAL A 33 7.60 6.33 -6.11
C VAL A 33 7.25 5.34 -7.23
N SER A 34 7.83 5.56 -8.41
CA SER A 34 7.50 4.76 -9.59
C SER A 34 8.33 3.49 -9.70
N ARG A 35 9.38 3.33 -8.88
CA ARG A 35 10.18 2.12 -8.87
C ARG A 35 10.09 1.49 -7.48
N ARG A 36 9.61 0.25 -7.40
CA ARG A 36 9.39 -0.38 -6.10
C ARG A 36 10.04 -1.75 -6.03
N PRO A 37 11.37 -1.84 -6.25
CA PRO A 37 12.02 -3.15 -6.20
C PRO A 37 12.08 -3.73 -4.82
N LEU A 38 11.88 -2.93 -3.78
CA LEU A 38 11.96 -3.42 -2.41
C LEU A 38 10.59 -3.55 -1.77
N GLN A 39 9.52 -3.48 -2.58
CA GLN A 39 8.16 -3.66 -2.10
C GLN A 39 8.04 -4.91 -1.24
N GLY A 40 7.32 -4.82 -0.14
CA GLY A 40 7.23 -5.93 0.79
C GLY A 40 6.78 -5.53 2.19
N PRO A 41 7.64 -4.82 2.95
CA PRO A 41 8.96 -4.33 2.54
C PRO A 41 10.07 -5.36 2.63
N ARG A 42 10.99 -5.31 1.68
CA ARG A 42 12.30 -5.90 1.84
C ARG A 42 13.20 -4.96 2.64
N GLY A 43 14.17 -5.54 3.37
CA GLY A 43 15.09 -4.73 4.16
C GLY A 43 16.34 -4.28 3.43
N VAL A 44 16.89 -3.17 3.91
CA VAL A 44 18.23 -2.71 3.53
C VAL A 44 18.91 -2.26 4.83
N ALA A 45 20.14 -2.72 5.06
CA ALA A 45 20.89 -2.28 6.22
C ALA A 45 21.57 -0.96 5.90
N VAL A 46 21.53 -0.03 6.85
CA VAL A 46 22.23 1.25 6.70
C VAL A 46 23.06 1.42 7.96
N ILE A 47 24.37 1.26 7.83
CA ILE A 47 25.27 1.15 8.98
C ILE A 47 26.19 2.36 9.01
N PHE A 48 26.34 2.99 10.18
CA PHE A 48 27.15 4.20 10.37
C PHE A 48 28.21 3.95 11.43
N ASP A 49 29.47 4.22 11.09
CA ASP A 49 30.55 4.18 12.12
C ASP A 49 30.69 5.62 12.59
N LYS A 50 29.98 6.55 11.98
CA LYS A 50 29.97 7.98 12.24
C LYS A 50 28.75 8.56 11.52
N ASN A 51 28.03 9.46 12.16
CA ASN A 51 26.75 9.88 11.58
C ASN A 51 26.93 11.02 10.59
N SER A 52 25.87 11.24 9.79
CA SER A 52 25.85 12.26 8.74
C SER A 52 24.38 12.57 8.48
N THR A 53 23.97 13.84 8.63
CA THR A 53 22.59 14.22 8.32
C THR A 53 22.20 13.86 6.89
N ARG A 54 23.02 14.23 5.93
CA ARG A 54 22.75 13.90 4.54
C ARG A 54 22.62 12.40 4.35
N THR A 55 23.58 11.63 4.84
CA THR A 55 23.56 10.19 4.55
C THR A 55 22.35 9.52 5.17
N ARG A 56 22.06 9.85 6.44
CA ARG A 56 20.91 9.31 7.17
C ARG A 56 19.58 9.59 6.46
N PHE A 57 19.28 10.86 6.23
CA PHE A 57 17.99 11.23 5.67
C PHE A 57 17.85 10.72 4.26
N SER A 58 18.89 10.89 3.43
CA SER A 58 18.77 10.52 2.03
C SER A 58 18.60 9.01 1.85
N PHE A 59 19.38 8.19 2.57
CA PHE A 59 19.20 6.74 2.41
C PHE A 59 17.92 6.22 3.07
N GLU A 60 17.62 6.63 4.31
CA GLU A 60 16.45 6.06 4.97
C GLU A 60 15.17 6.35 4.18
N LEU A 61 15.02 7.58 3.68
CA LEU A 61 13.82 7.94 2.93
C LEU A 61 13.85 7.35 1.53
N GLY A 62 15.04 7.33 0.90
CA GLY A 62 15.14 6.75 -0.44
C GLY A 62 14.77 5.29 -0.46
N ILE A 63 15.25 4.53 0.52
CA ILE A 63 14.89 3.11 0.62
C ILE A 63 13.38 2.94 0.83
N ALA A 64 12.79 3.76 1.70
CA ALA A 64 11.34 3.68 1.92
C ALA A 64 10.57 3.99 0.64
N GLN A 65 11.06 4.93 -0.18
CA GLN A 65 10.37 5.29 -1.42
C GLN A 65 10.53 4.23 -2.49
N LEU A 66 11.48 3.30 -2.34
CA LEU A 66 11.58 2.13 -3.19
C LEU A 66 10.72 0.98 -2.68
N GLY A 67 9.93 1.22 -1.64
CA GLY A 67 9.06 0.22 -1.03
C GLY A 67 9.70 -0.55 0.12
N GLY A 68 10.98 -0.28 0.43
CA GLY A 68 11.72 -1.06 1.37
C GLY A 68 11.65 -0.49 2.78
N HIS A 69 12.43 -1.10 3.67
CA HIS A 69 12.53 -0.64 5.04
C HIS A 69 13.99 -0.62 5.43
N ALA A 70 14.51 0.56 5.74
CA ALA A 70 15.89 0.69 6.18
C ALA A 70 16.00 0.36 7.66
N VAL A 71 16.93 -0.52 8.00
CA VAL A 71 17.34 -0.74 9.39
C VAL A 71 18.62 0.05 9.61
N VAL A 72 18.54 1.11 10.43
CA VAL A 72 19.59 2.11 10.55
C VAL A 72 20.33 1.89 11.85
N VAL A 73 21.63 1.62 11.75
CA VAL A 73 22.47 1.17 12.86
C VAL A 73 23.65 2.12 13.03
N ASP A 74 23.88 2.57 14.26
CA ASP A 74 25.14 3.21 14.63
C ASP A 74 26.10 2.13 15.12
N SER A 75 27.12 1.85 14.31
CA SER A 75 28.10 0.77 14.56
C SER A 75 28.91 1.03 15.81
N GLY A 76 28.99 2.28 16.25
CA GLY A 76 29.59 2.50 17.56
C GLY A 76 28.79 1.81 18.65
N SER A 77 27.46 1.90 18.58
CA SER A 77 26.60 1.26 19.57
C SER A 77 26.64 -0.26 19.45
N THR A 78 26.75 -0.77 18.21
CA THR A 78 26.67 -2.21 17.99
C THR A 78 28.03 -2.89 18.04
N GLN A 79 29.11 -2.11 18.05
CA GLN A 79 30.48 -2.62 18.10
C GLN A 79 30.74 -3.63 16.98
N LEU A 80 30.51 -3.16 15.74
CA LEU A 80 30.68 -4.02 14.57
C LEU A 80 32.15 -4.38 14.38
N GLY A 81 32.38 -5.63 13.95
CA GLY A 81 33.71 -6.18 13.84
C GLY A 81 34.33 -6.63 15.13
N ARG A 82 33.79 -6.16 16.26
CA ARG A 82 34.36 -6.42 17.58
C ARG A 82 33.69 -7.60 18.28
N ASP A 83 32.36 -7.66 18.28
CA ASP A 83 31.68 -8.74 19.00
C ASP A 83 31.59 -10.04 18.20
N GLU A 84 31.91 -10.00 16.90
CA GLU A 84 32.05 -11.20 16.09
C GLU A 84 32.81 -10.83 14.82
N THR A 85 33.26 -11.84 14.09
CA THR A 85 34.04 -11.56 12.88
C THR A 85 33.16 -10.83 11.87
N LEU A 86 33.83 -10.04 11.01
CA LEU A 86 33.12 -9.36 9.95
C LEU A 86 32.38 -10.34 9.06
N GLN A 87 32.99 -11.46 8.77
CA GLN A 87 32.38 -12.46 7.88
C GLN A 87 31.10 -13.03 8.51
N ASP A 88 31.12 -13.29 9.82
CA ASP A 88 29.90 -13.80 10.46
C ASP A 88 28.79 -12.77 10.38
N THR A 89 29.11 -11.49 10.59
CA THR A 89 28.10 -10.44 10.50
C THR A 89 27.51 -10.37 9.09
N ALA A 90 28.37 -10.41 8.07
CA ALA A 90 27.89 -10.30 6.70
C ALA A 90 27.03 -11.47 6.30
N LYS A 91 27.33 -12.67 6.81
CA LYS A 91 26.51 -13.83 6.47
C LYS A 91 25.10 -13.66 7.02
N VAL A 92 24.97 -13.10 8.22
CA VAL A 92 23.65 -12.94 8.82
C VAL A 92 22.90 -11.78 8.18
N LEU A 93 23.60 -10.68 7.92
CA LEU A 93 22.97 -9.56 7.21
C LEU A 93 22.37 -10.02 5.89
N SER A 94 23.10 -10.86 5.15
CA SER A 94 22.62 -11.32 3.85
C SER A 94 21.33 -12.14 3.96
N ARG A 95 21.00 -12.63 5.16
CA ARG A 95 19.74 -13.33 5.37
C ARG A 95 18.59 -12.40 5.72
N TYR A 96 18.88 -11.19 6.24
CA TYR A 96 17.81 -10.28 6.65
C TYR A 96 17.56 -9.14 5.67
N VAL A 97 18.55 -8.74 4.85
CA VAL A 97 18.37 -7.57 3.98
C VAL A 97 18.77 -7.90 2.55
N ASP A 98 18.36 -7.02 1.62
CA ASP A 98 18.67 -7.17 0.20
C ASP A 98 19.84 -6.30 -0.26
N ALA A 99 20.38 -5.47 0.62
CA ALA A 99 21.55 -4.67 0.30
C ALA A 99 22.11 -4.12 1.60
N ILE A 100 23.38 -3.73 1.55
CA ILE A 100 24.09 -3.21 2.72
C ILE A 100 24.68 -1.87 2.34
N VAL A 101 24.25 -0.83 3.05
CA VAL A 101 24.78 0.52 2.88
C VAL A 101 25.65 0.82 4.10
N TRP A 102 26.92 1.19 3.89
CA TRP A 102 27.86 1.25 5.00
C TRP A 102 28.70 2.52 4.90
N ARG A 103 28.62 3.37 5.93
CA ARG A 103 29.55 4.50 6.10
C ARG A 103 30.62 4.06 7.08
N THR A 104 31.85 3.94 6.59
CA THR A 104 32.97 3.41 7.37
C THR A 104 34.24 4.15 6.99
N PHE A 105 35.35 3.78 7.63
CA PHE A 105 36.58 4.54 7.49
C PHE A 105 37.48 3.91 6.43
N GLY A 106 38.11 2.77 6.73
CA GLY A 106 39.07 2.18 5.79
C GLY A 106 38.40 1.45 4.63
N GLN A 107 38.96 1.63 3.44
CA GLN A 107 38.42 1.00 2.22
C GLN A 107 38.54 -0.52 2.27
N GLU A 108 39.63 -1.03 2.83
CA GLU A 108 39.73 -2.46 3.10
C GLU A 108 38.57 -3.05 3.88
N ARG A 109 37.94 -2.29 4.77
CA ARG A 109 36.77 -2.85 5.45
C ARG A 109 35.61 -3.06 4.46
N LEU A 110 35.37 -2.06 3.60
CA LEU A 110 34.33 -2.19 2.59
C LEU A 110 34.60 -3.36 1.65
N ASP A 111 35.86 -3.47 1.19
CA ASP A 111 36.24 -4.57 0.32
C ASP A 111 35.98 -5.92 0.99
N ALA A 112 36.35 -6.04 2.26
CA ALA A 112 36.12 -7.28 2.99
C ALA A 112 34.63 -7.61 3.04
N MET A 113 33.79 -6.62 3.38
CA MET A 113 32.36 -6.86 3.47
C MET A 113 31.78 -7.26 2.11
N ALA A 114 32.27 -6.64 1.04
CA ALA A 114 31.73 -6.92 -0.30
C ALA A 114 32.19 -8.26 -0.83
N SER A 115 33.34 -8.74 -0.39
CA SER A 115 33.78 -10.04 -0.87
C SER A 115 33.05 -11.22 -0.19
N VAL A 116 32.43 -11.01 0.97
CA VAL A 116 31.73 -12.10 1.63
C VAL A 116 30.20 -11.96 1.57
N ALA A 117 29.67 -10.75 1.52
CA ALA A 117 28.22 -10.58 1.49
C ALA A 117 27.67 -11.07 0.15
N THR A 118 26.47 -11.64 0.19
CA THR A 118 25.79 -12.10 -1.02
C THR A 118 24.70 -11.14 -1.46
N VAL A 119 24.80 -9.87 -1.04
CA VAL A 119 23.92 -8.79 -1.51
C VAL A 119 24.81 -7.62 -1.88
N PRO A 120 24.32 -6.67 -2.68
CA PRO A 120 25.12 -5.49 -3.00
C PRO A 120 25.51 -4.70 -1.77
N VAL A 121 26.76 -4.24 -1.75
CA VAL A 121 27.31 -3.37 -0.73
C VAL A 121 27.56 -2.02 -1.37
N ILE A 122 27.13 -0.95 -0.69
CA ILE A 122 27.30 0.41 -1.16
C ILE A 122 28.13 1.18 -0.15
N ASN A 123 29.15 1.89 -0.64
CA ASN A 123 29.93 2.78 0.21
C ASN A 123 29.16 4.09 0.37
N ALA A 124 28.60 4.31 1.57
CA ALA A 124 27.83 5.53 1.82
C ALA A 124 28.73 6.77 1.90
N LEU A 125 30.01 6.58 2.19
CA LEU A 125 31.03 7.56 2.59
C LEU A 125 32.18 6.84 3.28
N SER A 126 33.40 7.01 2.80
CA SER A 126 34.57 6.39 3.44
C SER A 126 35.72 7.39 3.44
N ASP A 127 36.84 6.99 4.05
CA ASP A 127 37.98 7.88 4.08
C ASP A 127 38.50 8.17 2.68
N GLU A 128 38.45 7.18 1.80
CA GLU A 128 39.08 7.33 0.50
C GLU A 128 38.14 7.79 -0.61
N PHE A 129 36.83 7.50 -0.54
CA PHE A 129 35.92 7.79 -1.64
C PHE A 129 34.58 8.24 -1.08
N HIS A 130 33.88 9.08 -1.84
CA HIS A 130 32.49 9.44 -1.54
C HIS A 130 31.69 9.32 -2.84
N PRO A 131 31.52 8.09 -3.35
CA PRO A 131 30.97 7.94 -4.70
C PRO A 131 29.49 8.29 -4.81
N CYS A 132 28.71 8.18 -3.73
CA CYS A 132 27.31 8.58 -3.78
C CYS A 132 27.18 10.10 -3.91
N GLN A 133 28.05 10.85 -3.20
CA GLN A 133 28.02 12.31 -3.36
C GLN A 133 28.33 12.70 -4.80
N VAL A 134 29.30 12.02 -5.43
CA VAL A 134 29.65 12.41 -6.78
C VAL A 134 28.55 12.03 -7.77
N LEU A 135 27.82 10.92 -7.56
CA LEU A 135 26.64 10.69 -8.42
C LEU A 135 25.66 11.86 -8.31
N ALA A 136 25.38 12.31 -7.09
CA ALA A 136 24.51 13.47 -6.91
C ALA A 136 25.08 14.73 -7.57
N ASP A 137 26.40 14.94 -7.46
CA ASP A 137 27.04 16.09 -8.13
C ASP A 137 26.84 16.02 -9.65
N LEU A 138 27.05 14.84 -10.24
CA LEU A 138 26.90 14.70 -11.68
C LEU A 138 25.44 14.91 -12.11
N GLN A 139 24.49 14.41 -11.31
CA GLN A 139 23.08 14.70 -11.57
C GLN A 139 22.80 16.20 -11.53
N THR A 140 23.34 16.88 -10.53
CA THR A 140 23.16 18.33 -10.44
C THR A 140 23.78 19.04 -11.63
N ILE A 141 25.00 18.66 -12.01
CA ILE A 141 25.62 19.33 -13.16
C ILE A 141 24.79 19.12 -14.43
N ALA A 142 24.35 17.87 -14.66
CA ALA A 142 23.56 17.59 -15.86
C ALA A 142 22.26 18.39 -15.86
N GLU A 143 21.64 18.56 -14.69
CA GLU A 143 20.38 19.33 -14.61
C GLU A 143 20.57 20.74 -15.14
N ARG A 144 21.72 21.30 -14.88
CA ARG A 144 21.96 22.71 -15.09
C ARG A 144 22.72 23.00 -16.36
N LYS A 145 23.43 22.01 -16.90
CA LYS A 145 24.31 22.26 -18.03
C LYS A 145 24.06 21.32 -19.20
N GLY A 146 23.41 20.19 -19.01
CA GLY A 146 23.09 19.28 -20.10
C GLY A 146 24.11 18.16 -20.19
N ALA A 147 24.62 17.93 -21.40
CA ALA A 147 25.58 16.85 -21.60
C ALA A 147 26.82 17.06 -20.73
N LEU A 148 27.24 16.00 -20.04
CA LEU A 148 28.41 16.08 -19.17
C LEU A 148 29.71 15.99 -19.96
N ARG A 149 29.71 15.25 -21.07
CA ARG A 149 30.92 15.07 -21.86
C ARG A 149 31.52 16.40 -22.26
N GLY A 150 32.83 16.57 -21.99
CA GLY A 150 33.57 17.75 -22.39
C GLY A 150 33.55 18.90 -21.40
N LEU A 151 32.72 18.87 -20.35
CA LEU A 151 32.76 19.94 -19.37
C LEU A 151 34.12 19.94 -18.66
N ARG A 152 34.45 21.10 -18.09
CA ARG A 152 35.66 21.27 -17.31
C ARG A 152 35.29 21.55 -15.86
N LEU A 153 35.76 20.70 -14.96
CA LEU A 153 35.48 20.83 -13.54
C LEU A 153 36.79 20.95 -12.79
N SER A 154 36.89 21.94 -11.90
CA SER A 154 38.05 22.10 -11.03
C SER A 154 37.61 21.98 -9.58
N TYR A 155 38.35 21.17 -8.83
CA TYR A 155 38.20 20.99 -7.40
C TYR A 155 39.37 21.67 -6.70
N PHE A 156 39.09 22.32 -5.57
CA PHE A 156 40.09 23.09 -4.83
C PHE A 156 40.17 22.63 -3.39
N GLY A 157 41.40 22.48 -2.88
CA GLY A 157 41.53 22.25 -1.45
C GLY A 157 42.44 21.08 -1.12
N ASP A 158 42.00 20.17 -0.26
CA ASP A 158 42.78 18.97 0.06
C ASP A 158 42.61 17.98 -1.09
N GLY A 159 43.68 17.77 -1.85
CA GLY A 159 43.65 16.94 -3.05
C GLY A 159 43.63 15.44 -2.80
N ALA A 160 43.72 14.99 -1.55
CA ALA A 160 43.75 13.55 -1.26
C ALA A 160 42.59 13.07 -0.41
N ASN A 161 41.55 13.88 -0.26
CA ASN A 161 40.41 13.45 0.52
C ASN A 161 39.43 12.70 -0.36
N ASN A 162 38.32 12.28 0.25
CA ASN A 162 37.39 11.40 -0.45
C ASN A 162 36.75 12.09 -1.64
N MET A 163 36.45 13.39 -1.52
CA MET A 163 35.78 14.10 -2.61
C MET A 163 36.72 14.33 -3.79
N ALA A 164 37.99 14.67 -3.52
CA ALA A 164 38.97 14.79 -4.61
C ALA A 164 39.10 13.49 -5.37
N HIS A 165 39.25 12.38 -4.64
CA HIS A 165 39.39 11.10 -5.31
C HIS A 165 38.15 10.76 -6.14
N SER A 166 36.96 10.96 -5.58
CA SER A 166 35.74 10.57 -6.30
C SER A 166 35.43 11.53 -7.45
N LEU A 167 35.76 12.82 -7.30
CA LEU A 167 35.55 13.71 -8.46
C LEU A 167 36.47 13.32 -9.61
N LEU A 168 37.71 12.90 -9.30
CA LEU A 168 38.58 12.35 -10.35
C LEU A 168 37.95 11.13 -11.02
N LEU A 169 37.62 10.10 -10.25
CA LEU A 169 37.16 8.85 -10.86
C LEU A 169 35.76 9.00 -11.49
N GLY A 170 34.80 9.53 -10.73
CA GLY A 170 33.45 9.68 -11.26
C GLY A 170 33.37 10.75 -12.35
N GLY A 171 34.18 11.80 -12.23
CA GLY A 171 34.15 12.85 -13.22
C GLY A 171 34.66 12.37 -14.57
N VAL A 172 35.81 11.70 -14.60
CA VAL A 172 36.31 11.25 -15.90
C VAL A 172 35.46 10.10 -16.45
N THR A 173 34.81 9.32 -15.58
CA THR A 173 33.87 8.31 -16.07
C THR A 173 32.72 8.93 -16.86
N ALA A 174 32.35 10.17 -16.49
CA ALA A 174 31.32 10.93 -17.19
C ALA A 174 31.84 11.75 -18.38
N GLY A 175 33.14 11.68 -18.68
CA GLY A 175 33.72 12.47 -19.75
C GLY A 175 34.09 13.90 -19.39
N ILE A 176 34.15 14.23 -18.11
CA ILE A 176 34.47 15.59 -17.65
C ILE A 176 35.98 15.71 -17.53
N HIS A 177 36.55 16.82 -18.02
CA HIS A 177 37.96 17.11 -17.77
C HIS A 177 38.09 17.61 -16.34
N VAL A 178 38.80 16.87 -15.49
CA VAL A 178 38.82 17.15 -14.05
C VAL A 178 40.19 17.72 -13.70
N THR A 179 40.20 18.85 -13.02
CA THR A 179 41.43 19.45 -12.47
C THR A 179 41.35 19.45 -10.96
N VAL A 180 42.44 19.03 -10.29
CA VAL A 180 42.55 19.14 -8.84
C VAL A 180 43.62 20.18 -8.57
N ALA A 181 43.23 21.27 -7.89
CA ALA A 181 44.14 22.32 -7.47
C ALA A 181 44.37 22.13 -5.97
N ALA A 182 45.60 21.81 -5.59
CA ALA A 182 45.93 21.47 -4.22
C ALA A 182 47.38 21.81 -3.96
N PRO A 183 47.75 22.17 -2.74
CA PRO A 183 49.15 22.47 -2.45
C PRO A 183 49.99 21.20 -2.35
N GLU A 184 51.30 21.38 -2.52
CA GLU A 184 52.22 20.26 -2.39
C GLU A 184 52.07 19.60 -1.03
N GLY A 185 52.15 18.27 -1.03
CA GLY A 185 51.96 17.51 0.18
C GLY A 185 50.55 17.01 0.36
N PHE A 186 49.60 17.52 -0.44
CA PHE A 186 48.17 17.24 -0.31
C PHE A 186 47.59 16.81 -1.64
N LEU A 187 48.35 15.99 -2.39
CA LEU A 187 47.96 15.64 -3.75
C LEU A 187 47.25 14.29 -3.79
N PRO A 188 46.52 13.99 -4.86
CA PRO A 188 45.76 12.72 -4.90
C PRO A 188 46.64 11.50 -4.72
N ASP A 189 46.07 10.47 -4.10
CA ASP A 189 46.74 9.17 -4.01
C ASP A 189 47.18 8.70 -5.41
N PRO A 190 48.44 8.26 -5.57
CA PRO A 190 48.93 7.91 -6.92
C PRO A 190 48.15 6.82 -7.63
N SER A 191 47.70 5.80 -6.91
CA SER A 191 46.93 4.75 -7.58
C SER A 191 45.56 5.27 -8.03
N VAL A 192 44.92 6.14 -7.24
CA VAL A 192 43.66 6.76 -7.67
C VAL A 192 43.90 7.62 -8.90
N ARG A 193 44.96 8.45 -8.87
CA ARG A 193 45.23 9.31 -10.01
C ARG A 193 45.46 8.49 -11.29
N ALA A 194 46.22 7.40 -11.18
CA ALA A 194 46.51 6.55 -12.34
C ALA A 194 45.25 5.87 -12.86
N ALA A 195 44.40 5.39 -11.93
CA ALA A 195 43.11 4.83 -12.34
C ALA A 195 42.26 5.88 -13.07
N ALA A 196 42.26 7.12 -12.59
CA ALA A 196 41.48 8.17 -13.24
C ALA A 196 42.06 8.51 -14.61
N GLU A 197 43.41 8.54 -14.73
CA GLU A 197 43.99 8.84 -16.04
C GLU A 197 43.64 7.74 -17.05
N ARG A 198 43.70 6.48 -16.65
CA ARG A 198 43.35 5.38 -17.56
C ARG A 198 41.87 5.41 -17.94
N ARG A 199 40.98 5.67 -16.98
CA ARG A 199 39.56 5.74 -17.32
C ARG A 199 39.27 6.94 -18.22
N ALA A 200 39.99 8.05 -18.01
CA ALA A 200 39.83 9.23 -18.86
C ALA A 200 40.19 8.95 -20.32
N GLN A 201 41.15 8.05 -20.58
CA GLN A 201 41.47 7.70 -21.97
C GLN A 201 40.26 7.13 -22.68
N ASP A 202 39.48 6.30 -21.98
CA ASP A 202 38.31 5.67 -22.57
C ASP A 202 37.21 6.66 -22.90
N THR A 203 37.14 7.78 -22.20
CA THR A 203 36.02 8.70 -22.38
C THR A 203 36.40 9.99 -23.09
N GLY A 204 37.68 10.17 -23.41
CA GLY A 204 38.16 11.42 -23.97
C GLY A 204 38.27 12.55 -22.96
N ALA A 205 38.22 12.23 -21.68
CA ALA A 205 38.40 13.22 -20.63
C ALA A 205 39.88 13.39 -20.34
N SER A 206 40.21 14.06 -19.22
CA SER A 206 41.60 14.24 -18.83
C SER A 206 41.66 14.49 -17.33
N VAL A 207 42.87 14.34 -16.78
CA VAL A 207 43.17 14.59 -15.37
C VAL A 207 44.28 15.63 -15.32
N THR A 208 44.09 16.67 -14.52
CA THR A 208 45.11 17.68 -14.29
C THR A 208 45.25 17.87 -12.79
N VAL A 209 46.48 17.98 -12.30
CA VAL A 209 46.75 18.25 -10.89
C VAL A 209 47.72 19.41 -10.84
N THR A 210 47.38 20.47 -10.12
CA THR A 210 48.13 21.72 -10.19
C THR A 210 48.11 22.41 -8.83
N ALA A 211 49.16 23.18 -8.56
CA ALA A 211 49.17 24.05 -7.38
C ALA A 211 48.70 25.46 -7.70
N ASP A 212 48.29 25.73 -8.94
CA ASP A 212 47.95 27.08 -9.42
C ASP A 212 46.42 27.22 -9.46
N ALA A 213 45.86 27.79 -8.38
CA ALA A 213 44.40 27.86 -8.24
C ALA A 213 43.78 28.74 -9.32
N HIS A 214 44.32 29.94 -9.49
CA HIS A 214 43.94 30.79 -10.62
C HIS A 214 43.93 30.07 -11.97
N ALA A 215 44.95 29.25 -12.27
CA ALA A 215 44.92 28.56 -13.56
C ALA A 215 43.82 27.48 -13.58
N ALA A 216 43.61 26.81 -12.45
CA ALA A 216 42.55 25.80 -12.38
C ALA A 216 41.15 26.41 -12.53
N ALA A 217 40.95 27.65 -12.04
CA ALA A 217 39.62 28.25 -12.12
C ALA A 217 39.30 28.78 -13.51
N ALA A 218 40.31 29.17 -14.27
CA ALA A 218 40.10 29.81 -15.57
C ALA A 218 39.42 28.88 -16.55
N GLY A 219 38.32 29.36 -17.14
CA GLY A 219 37.57 28.60 -18.13
C GLY A 219 36.75 27.45 -17.58
N ALA A 220 36.69 27.27 -16.27
CA ALA A 220 36.00 26.11 -15.71
C ALA A 220 34.49 26.28 -15.82
N ASP A 221 33.79 25.14 -16.01
CA ASP A 221 32.34 25.11 -16.01
C ASP A 221 31.78 24.89 -14.61
N VAL A 222 32.55 24.23 -13.76
CA VAL A 222 32.10 23.79 -12.45
C VAL A 222 33.28 23.95 -11.49
N LEU A 223 33.04 24.62 -10.36
CA LEU A 223 34.05 24.75 -9.30
C LEU A 223 33.54 24.04 -8.06
N VAL A 224 34.41 23.25 -7.44
CA VAL A 224 34.06 22.41 -6.30
C VAL A 224 35.07 22.62 -5.19
N THR A 225 34.61 22.64 -3.95
CA THR A 225 35.53 22.52 -2.84
C THR A 225 34.87 21.71 -1.73
N ASP A 226 35.60 21.56 -0.63
CA ASP A 226 35.20 20.73 0.49
C ASP A 226 35.99 21.23 1.69
N THR A 227 35.60 20.83 2.89
CA THR A 227 36.36 21.22 4.07
C THR A 227 37.80 20.72 3.95
N TRP A 228 38.71 21.49 4.52
CA TRP A 228 40.13 21.21 4.38
C TRP A 228 40.58 20.07 5.28
N THR A 229 39.81 19.77 6.33
CA THR A 229 40.20 18.84 7.38
C THR A 229 39.00 17.96 7.71
N SER A 230 39.20 16.64 7.70
CA SER A 230 38.18 15.73 8.22
C SER A 230 38.46 15.44 9.70
N MET A 231 37.52 14.76 10.36
CA MET A 231 37.64 14.55 11.80
C MET A 231 38.92 13.79 12.16
N GLY A 232 39.24 12.75 11.39
CA GLY A 232 40.44 11.99 11.65
C GLY A 232 41.72 12.79 11.50
N GLN A 233 41.69 13.89 10.75
CA GLN A 233 42.90 14.68 10.51
C GLN A 233 43.11 15.80 11.51
N GLU A 234 42.17 16.05 12.44
CA GLU A 234 42.30 17.18 13.35
C GLU A 234 43.53 17.06 14.24
N ASN A 235 43.93 15.83 14.54
CA ASN A 235 45.10 15.57 15.39
C ASN A 235 46.30 15.08 14.59
N ASP A 236 46.38 15.42 13.29
CA ASP A 236 47.48 14.89 12.49
C ASP A 236 48.77 15.71 12.61
N GLY A 237 48.75 16.79 13.39
CA GLY A 237 49.95 17.58 13.63
C GLY A 237 50.23 18.68 12.64
N LEU A 238 49.47 18.77 11.54
CA LEU A 238 49.73 19.77 10.50
C LEU A 238 48.95 21.06 10.76
N ASP A 239 49.52 22.18 10.32
CA ASP A 239 48.76 23.41 10.10
C ASP A 239 47.90 23.16 8.86
N ARG A 240 46.58 22.99 9.05
CA ARG A 240 45.71 22.69 7.93
C ARG A 240 44.87 23.91 7.52
N VAL A 241 45.45 25.10 7.70
CA VAL A 241 44.85 26.35 7.24
C VAL A 241 45.80 27.03 6.27
N LYS A 242 47.04 27.31 6.72
CA LYS A 242 47.98 28.07 5.90
C LYS A 242 48.20 27.48 4.50
N PRO A 243 48.38 26.17 4.31
CA PRO A 243 48.58 25.68 2.94
C PRO A 243 47.40 25.91 2.01
N PHE A 244 46.19 25.99 2.56
CA PHE A 244 44.99 25.99 1.76
C PHE A 244 44.42 27.36 1.47
N ARG A 245 44.86 28.41 2.19
CA ARG A 245 44.25 29.72 1.99
C ARG A 245 44.29 30.18 0.53
N PRO A 246 45.33 29.93 -0.27
CA PRO A 246 45.30 30.39 -1.66
C PRO A 246 44.30 29.61 -2.50
N PHE A 247 43.76 28.52 -1.99
CA PHE A 247 42.82 27.70 -2.75
C PHE A 247 41.37 27.95 -2.35
N GLN A 248 41.09 29.00 -1.58
CA GLN A 248 39.71 29.35 -1.18
C GLN A 248 38.83 29.67 -2.38
N LEU A 249 37.64 29.08 -2.41
CA LEU A 249 36.68 29.36 -3.48
C LEU A 249 35.98 30.66 -3.08
N ASN A 250 36.48 31.77 -3.60
CA ASN A 250 35.94 33.09 -3.25
C ASN A 250 35.47 33.78 -4.52
N SER A 251 34.90 34.97 -4.37
CA SER A 251 34.33 35.67 -5.53
C SER A 251 35.38 35.94 -6.60
N ARG A 252 36.60 36.29 -6.19
CA ARG A 252 37.70 36.54 -7.13
C ARG A 252 37.96 35.30 -7.98
N LEU A 253 38.04 34.14 -7.33
CA LEU A 253 38.31 32.91 -8.05
C LEU A 253 37.15 32.55 -8.98
N LEU A 254 35.92 32.68 -8.50
CA LEU A 254 34.76 32.36 -9.32
C LEU A 254 34.68 33.25 -10.55
N ALA A 255 35.11 34.51 -10.44
CA ALA A 255 35.09 35.43 -11.57
C ALA A 255 36.05 35.01 -12.69
N LEU A 256 37.00 34.11 -12.41
CA LEU A 256 37.91 33.62 -13.43
C LEU A 256 37.32 32.50 -14.29
N ALA A 257 36.27 31.84 -13.80
CA ALA A 257 35.67 30.74 -14.54
C ALA A 257 34.69 31.27 -15.59
N ASP A 258 34.04 30.34 -16.28
CA ASP A 258 33.00 30.74 -17.26
C ASP A 258 31.92 31.55 -16.58
N SER A 259 31.28 32.44 -17.33
CA SER A 259 30.22 33.30 -16.77
C SER A 259 29.09 32.47 -16.18
N ASP A 260 28.83 31.32 -16.76
CA ASP A 260 27.72 30.45 -16.32
C ASP A 260 28.21 29.31 -15.41
N ALA A 261 29.40 29.44 -14.82
CA ALA A 261 29.90 28.36 -14.00
C ALA A 261 29.02 28.16 -12.77
N ILE A 262 29.00 26.93 -12.26
CA ILE A 262 28.27 26.64 -11.03
C ILE A 262 29.26 26.16 -9.98
N VAL A 263 28.81 26.22 -8.72
CA VAL A 263 29.64 25.89 -7.57
C VAL A 263 29.01 24.73 -6.80
N LEU A 264 29.83 23.74 -6.44
CA LEU A 264 29.40 22.59 -5.66
C LEU A 264 30.24 22.48 -4.38
N HIS A 265 29.64 21.89 -3.33
CA HIS A 265 30.31 21.73 -2.04
C HIS A 265 29.58 20.63 -1.27
N CYS A 266 30.29 19.52 -1.03
CA CYS A 266 29.80 18.47 -0.17
C CYS A 266 29.64 19.03 1.24
N LEU A 267 28.47 18.89 1.81
CA LEU A 267 28.26 19.46 3.14
C LEU A 267 28.91 18.60 4.21
N PRO A 268 29.27 19.18 5.37
CA PRO A 268 29.08 20.57 5.82
C PRO A 268 30.13 21.50 5.22
N ALA A 269 29.89 22.81 5.31
CA ALA A 269 30.84 23.82 4.87
C ALA A 269 31.29 24.67 6.04
N HIS A 270 32.55 25.13 6.00
CA HIS A 270 33.12 26.09 6.96
C HIS A 270 33.22 27.41 6.22
N ARG A 271 32.15 28.21 6.28
CA ARG A 271 32.15 29.50 5.61
C ARG A 271 33.28 30.37 6.13
N GLY A 272 34.07 30.95 5.23
CA GLY A 272 35.26 31.70 5.58
C GLY A 272 36.56 30.93 5.41
N ASP A 273 36.51 29.58 5.36
CA ASP A 273 37.70 28.81 5.04
C ASP A 273 37.72 28.44 3.57
N GLU A 274 37.22 27.24 3.22
CA GLU A 274 37.34 26.77 1.85
C GLU A 274 36.42 27.52 0.89
N ILE A 275 35.41 28.22 1.40
CA ILE A 275 34.39 28.90 0.60
C ILE A 275 33.90 30.10 1.39
N THR A 276 33.55 31.16 0.67
CA THR A 276 33.03 32.36 1.30
C THR A 276 31.50 32.38 1.27
N ASP A 277 30.92 33.20 2.15
CA ASP A 277 29.47 33.38 2.16
C ASP A 277 28.96 33.83 0.79
N ALA A 278 29.66 34.79 0.17
CA ALA A 278 29.17 35.36 -1.08
C ALA A 278 29.04 34.29 -2.16
N VAL A 279 29.95 33.33 -2.19
CA VAL A 279 29.91 32.29 -3.21
C VAL A 279 28.89 31.22 -2.83
N MET A 280 29.01 30.72 -1.59
CA MET A 280 28.13 29.69 -1.02
C MET A 280 26.66 30.05 -1.17
N ASP A 281 26.29 31.31 -0.94
CA ASP A 281 24.92 31.76 -0.91
C ASP A 281 24.51 32.52 -2.16
N GLY A 282 25.41 32.67 -3.13
CA GLY A 282 25.18 33.45 -4.32
C GLY A 282 24.56 32.66 -5.45
N PRO A 283 24.46 33.30 -6.61
CA PRO A 283 23.65 32.73 -7.71
C PRO A 283 24.29 31.57 -8.44
N ALA A 284 25.62 31.40 -8.32
CA ALA A 284 26.26 30.26 -8.96
C ALA A 284 26.19 28.99 -8.13
N SER A 285 25.82 29.09 -6.85
CA SER A 285 25.83 27.95 -5.95
C SER A 285 24.69 26.98 -6.26
N ALA A 286 25.05 25.71 -6.39
CA ALA A 286 24.07 24.64 -6.55
C ALA A 286 24.08 23.67 -5.37
N VAL A 287 24.61 24.10 -4.21
CA VAL A 287 24.83 23.19 -3.09
C VAL A 287 23.54 22.59 -2.56
N TRP A 288 22.41 23.33 -2.58
CA TRP A 288 21.20 22.75 -1.98
C TRP A 288 20.54 21.76 -2.92
N ASP A 289 20.51 22.03 -4.24
CA ASP A 289 20.08 21.00 -5.18
C ASP A 289 20.99 19.79 -5.12
N GLU A 290 22.29 20.04 -4.99
CA GLU A 290 23.26 18.95 -4.89
C GLU A 290 22.96 18.07 -3.69
N ALA A 291 22.62 18.67 -2.54
CA ALA A 291 22.25 17.88 -1.38
C ALA A 291 20.96 17.12 -1.60
N GLU A 292 19.93 17.78 -2.15
CA GLU A 292 18.69 17.07 -2.49
C GLU A 292 18.97 15.86 -3.35
N ASN A 293 19.83 16.01 -4.36
CA ASN A 293 20.05 14.92 -5.32
C ASN A 293 20.77 13.72 -4.73
N ARG A 294 21.27 13.79 -3.50
CA ARG A 294 21.69 12.55 -2.84
C ARG A 294 20.53 11.55 -2.76
N LEU A 295 19.33 12.05 -2.47
CA LEU A 295 18.16 11.18 -2.38
C LEU A 295 17.89 10.47 -3.72
N HIS A 296 17.82 11.24 -4.82
CA HIS A 296 17.43 10.67 -6.10
C HIS A 296 18.54 9.79 -6.68
N ALA A 297 19.79 10.25 -6.58
CA ALA A 297 20.88 9.50 -7.22
C ALA A 297 21.13 8.19 -6.48
N GLN A 298 21.00 8.20 -5.13
CA GLN A 298 21.19 6.95 -4.39
C GLN A 298 20.05 5.96 -4.63
N LYS A 299 18.81 6.45 -4.77
CA LYS A 299 17.73 5.56 -5.16
C LYS A 299 18.03 4.90 -6.50
N ALA A 300 18.46 5.70 -7.48
CA ALA A 300 18.80 5.17 -8.80
C ALA A 300 19.88 4.10 -8.70
N LEU A 301 20.94 4.39 -7.96
CA LEU A 301 22.00 3.39 -7.74
C LEU A 301 21.43 2.10 -7.17
N LEU A 302 20.60 2.20 -6.14
CA LEU A 302 20.07 1.00 -5.52
C LEU A 302 19.19 0.21 -6.49
N VAL A 303 18.29 0.90 -7.23
CA VAL A 303 17.48 0.21 -8.24
C VAL A 303 18.39 -0.54 -9.21
N TRP A 304 19.42 0.15 -9.68
CA TRP A 304 20.29 -0.40 -10.71
C TRP A 304 21.07 -1.61 -10.18
N LEU A 305 21.63 -1.48 -8.96
CA LEU A 305 22.38 -2.60 -8.37
C LEU A 305 21.48 -3.78 -8.08
N LEU A 306 20.30 -3.52 -7.50
CA LEU A 306 19.41 -4.64 -7.19
C LEU A 306 19.00 -5.35 -8.45
N GLU A 307 18.89 -4.63 -9.55
CA GLU A 307 18.25 -5.25 -10.69
C GLU A 307 19.29 -6.12 -11.41
N ARG A 308 20.57 -5.78 -11.23
CA ARG A 308 21.69 -6.47 -11.90
C ARG A 308 22.32 -7.50 -10.95
N SER A 309 21.72 -7.74 -9.79
CA SER A 309 22.36 -8.64 -8.82
C SER A 309 21.50 -9.86 -8.48
N VAL B 3 4.35 31.93 3.80
CA VAL B 3 3.06 31.26 3.78
C VAL B 3 3.18 29.94 4.56
N ILE B 4 4.40 29.59 4.97
CA ILE B 4 4.63 28.36 5.73
C ILE B 4 4.25 28.60 7.20
N ARG B 5 3.28 27.83 7.68
CA ARG B 5 2.84 27.96 9.07
C ARG B 5 3.71 27.08 9.99
N HIS B 6 4.02 27.60 11.18
CA HIS B 6 4.71 26.84 12.20
C HIS B 6 3.85 26.77 13.47
N PHE B 7 4.22 25.85 14.36
CA PHE B 7 3.52 25.70 15.64
C PHE B 7 4.58 25.55 16.72
N LEU B 8 4.99 26.70 17.30
CA LEU B 8 6.06 26.75 18.28
C LEU B 8 5.55 27.06 19.67
N ARG B 9 4.37 27.68 19.70
CA ARG B 9 3.69 28.06 20.96
C ARG B 9 2.18 27.98 20.69
N ASP B 10 1.39 27.83 21.72
CA ASP B 10 -0.06 27.57 21.58
C ASP B 10 -0.80 28.65 20.82
N ASP B 11 -0.40 29.90 21.02
CA ASP B 11 -1.07 31.06 20.40
C ASP B 11 -0.70 31.20 18.92
N ASP B 12 0.21 30.37 18.41
CA ASP B 12 0.43 30.38 16.97
C ASP B 12 -0.86 30.02 16.22
N LEU B 13 -1.78 29.31 16.87
CA LEU B 13 -3.12 29.08 16.33
C LEU B 13 -4.06 30.15 16.86
N SER B 14 -4.86 30.73 15.97
CA SER B 14 -5.97 31.56 16.39
C SER B 14 -7.03 30.70 17.07
N PRO B 15 -8.00 31.31 17.76
CA PRO B 15 -9.12 30.50 18.30
C PRO B 15 -9.82 29.66 17.24
N ALA B 16 -10.13 30.25 16.08
CA ALA B 16 -10.80 29.47 15.04
C ALA B 16 -9.89 28.37 14.52
N GLU B 17 -8.59 28.64 14.37
CA GLU B 17 -7.67 27.62 13.87
C GLU B 17 -7.51 26.48 14.86
N GLN B 18 -7.39 26.80 16.15
CA GLN B 18 -7.32 25.74 17.16
C GLN B 18 -8.56 24.87 17.14
N ALA B 19 -9.74 25.49 16.95
CA ALA B 19 -10.97 24.71 16.84
C ALA B 19 -10.91 23.73 15.66
N GLU B 20 -10.36 24.17 14.53
CA GLU B 20 -10.23 23.28 13.38
C GLU B 20 -9.34 22.08 13.71
N VAL B 21 -8.18 22.34 14.31
CA VAL B 21 -7.25 21.27 14.67
C VAL B 21 -7.90 20.28 15.63
N LEU B 22 -8.63 20.79 16.63
CA LEU B 22 -9.25 19.88 17.61
C LEU B 22 -10.36 19.06 16.97
N GLU B 23 -11.12 19.66 16.06
CA GLU B 23 -12.13 18.89 15.33
C GLU B 23 -11.48 17.77 14.52
N LEU B 24 -10.38 18.11 13.84
CA LEU B 24 -9.63 17.13 13.06
C LEU B 24 -9.11 16.01 13.95
N ALA B 25 -8.65 16.34 15.17
CA ALA B 25 -8.16 15.32 16.09
C ALA B 25 -9.26 14.32 16.43
N ALA B 26 -10.47 14.82 16.64
CA ALA B 26 -11.60 13.93 16.94
C ALA B 26 -11.93 13.05 15.74
N GLU B 27 -11.89 13.62 14.53
CA GLU B 27 -12.14 12.82 13.33
C GLU B 27 -11.06 11.77 13.13
N LEU B 28 -9.79 12.13 13.42
CA LEU B 28 -8.71 11.18 13.24
C LEU B 28 -8.70 10.10 14.31
N LYS B 29 -9.17 10.42 15.52
CA LYS B 29 -9.28 9.38 16.53
C LYS B 29 -10.26 8.30 16.08
N LYS B 30 -11.33 8.71 15.40
CA LYS B 30 -12.33 7.75 14.93
C LYS B 30 -11.85 6.97 13.72
N ASP B 31 -11.15 7.63 12.79
CA ASP B 31 -10.66 7.02 11.55
C ASP B 31 -9.19 7.33 11.36
N PRO B 32 -8.30 6.57 12.02
CA PRO B 32 -6.89 6.98 12.12
C PRO B 32 -6.08 6.83 10.85
N VAL B 33 -6.54 6.09 9.83
CA VAL B 33 -5.74 6.02 8.60
C VAL B 33 -6.52 6.62 7.41
N SER B 34 -7.48 7.49 7.69
CA SER B 34 -8.30 8.07 6.63
C SER B 34 -7.66 9.29 5.99
N ARG B 35 -6.58 9.81 6.57
CA ARG B 35 -5.93 11.00 6.03
C ARG B 35 -4.51 10.59 5.70
N ARG B 36 -4.13 10.68 4.41
CA ARG B 36 -2.81 10.22 3.97
C ARG B 36 -2.07 11.31 3.21
N PRO B 37 -1.88 12.50 3.81
CA PRO B 37 -1.17 13.58 3.11
C PRO B 37 0.30 13.28 2.86
N LEU B 38 0.88 12.31 3.58
CA LEU B 38 2.30 11.98 3.42
C LEU B 38 2.50 10.67 2.66
N GLN B 39 1.45 10.17 1.99
CA GLN B 39 1.53 8.94 1.20
C GLN B 39 2.71 9.02 0.24
N GLY B 40 3.42 7.90 0.08
CA GLY B 40 4.63 7.89 -0.72
C GLY B 40 5.58 6.73 -0.39
N PRO B 41 6.28 6.81 0.76
CA PRO B 41 6.10 7.83 1.81
C PRO B 41 6.87 9.13 1.56
N ARG B 42 6.30 10.24 2.02
CA ARG B 42 7.02 11.48 2.23
C ARG B 42 7.63 11.46 3.62
N GLY B 43 8.71 12.21 3.80
CA GLY B 43 9.42 12.21 5.07
C GLY B 43 8.98 13.32 6.03
N VAL B 44 9.15 13.06 7.33
CA VAL B 44 9.07 14.08 8.38
C VAL B 44 10.25 13.86 9.31
N ALA B 45 10.99 14.94 9.61
CA ALA B 45 12.09 14.84 10.56
C ALA B 45 11.53 14.92 11.98
N VAL B 46 12.02 14.04 12.86
CA VAL B 46 11.64 14.06 14.28
C VAL B 46 12.96 14.09 15.04
N ILE B 47 13.34 15.26 15.55
CA ILE B 47 14.68 15.50 16.09
C ILE B 47 14.58 15.76 17.58
N PHE B 48 15.42 15.09 18.37
CA PHE B 48 15.49 15.26 19.81
C PHE B 48 16.89 15.73 20.23
N ASP B 49 16.95 16.94 20.80
CA ASP B 49 18.16 17.38 21.49
C ASP B 49 18.30 16.68 22.82
N LYS B 50 17.17 16.25 23.38
CA LYS B 50 17.05 15.46 24.59
C LYS B 50 15.97 14.42 24.34
N ASN B 51 16.27 13.15 24.59
CA ASN B 51 15.32 12.10 24.27
C ASN B 51 14.02 12.26 25.04
N SER B 52 12.92 11.86 24.39
CA SER B 52 11.60 11.78 25.03
C SER B 52 10.88 10.59 24.43
N THR B 53 10.83 9.48 25.17
CA THR B 53 10.25 8.25 24.65
C THR B 53 8.79 8.45 24.25
N ARG B 54 7.98 9.07 25.12
CA ARG B 54 6.56 9.21 24.79
C ARG B 54 6.32 10.20 23.65
N THR B 55 7.16 11.22 23.51
CA THR B 55 7.09 12.06 22.31
C THR B 55 7.45 11.27 21.06
N ARG B 56 8.40 10.36 21.17
CA ARG B 56 8.81 9.59 20.01
C ARG B 56 7.71 8.63 19.57
N PHE B 57 7.09 7.92 20.52
CA PHE B 57 6.01 7.00 20.15
C PHE B 57 4.89 7.74 19.42
N SER B 58 4.39 8.85 20.01
CA SER B 58 3.20 9.46 19.44
C SER B 58 3.49 10.05 18.06
N PHE B 59 4.62 10.76 17.92
CA PHE B 59 4.92 11.36 16.61
C PHE B 59 5.29 10.31 15.59
N GLU B 60 6.15 9.34 15.96
CA GLU B 60 6.61 8.38 14.96
C GLU B 60 5.45 7.58 14.38
N LEU B 61 4.55 7.10 15.26
CA LEU B 61 3.40 6.32 14.80
C LEU B 61 2.40 7.20 14.09
N GLY B 62 2.20 8.43 14.57
CA GLY B 62 1.26 9.32 13.91
C GLY B 62 1.65 9.63 12.48
N ILE B 63 2.94 9.93 12.27
CA ILE B 63 3.42 10.21 10.94
C ILE B 63 3.23 8.99 10.03
N ALA B 64 3.54 7.80 10.54
CA ALA B 64 3.36 6.61 9.74
C ALA B 64 1.89 6.41 9.33
N GLN B 65 0.95 6.73 10.24
CA GLN B 65 -0.48 6.55 9.96
C GLN B 65 -1.02 7.61 9.01
N LEU B 66 -0.25 8.67 8.78
CA LEU B 66 -0.54 9.64 7.72
C LEU B 66 0.07 9.19 6.38
N GLY B 67 0.63 7.98 6.33
CA GLY B 67 1.31 7.48 5.14
C GLY B 67 2.79 7.82 5.04
N GLY B 68 3.34 8.58 5.99
CA GLY B 68 4.69 9.09 5.86
C GLY B 68 5.72 8.22 6.56
N HIS B 69 6.98 8.68 6.53
CA HIS B 69 8.06 7.97 7.20
C HIS B 69 8.84 8.95 8.08
N ALA B 70 8.80 8.74 9.39
CA ALA B 70 9.53 9.58 10.32
C ALA B 70 11.01 9.18 10.32
N VAL B 71 11.87 10.16 10.15
CA VAL B 71 13.31 9.98 10.32
C VAL B 71 13.62 10.52 11.71
N VAL B 72 13.87 9.60 12.64
CA VAL B 72 13.97 9.94 14.06
C VAL B 72 15.45 10.04 14.43
N VAL B 73 15.86 11.21 14.91
CA VAL B 73 17.25 11.50 15.28
C VAL B 73 17.31 11.76 16.79
N ASP B 74 18.01 10.90 17.52
CA ASP B 74 18.05 10.99 18.97
C ASP B 74 19.16 11.91 19.47
N SER B 75 19.26 12.03 20.80
CA SER B 75 20.11 13.05 21.40
C SER B 75 21.59 12.83 21.09
N GLY B 76 21.99 11.56 20.96
CA GLY B 76 23.40 11.21 20.71
C GLY B 76 24.02 12.02 19.59
N SER B 77 23.24 12.38 18.58
CA SER B 77 23.76 13.14 17.43
C SER B 77 23.51 14.64 17.62
N THR B 78 23.11 15.05 18.82
CA THR B 78 22.74 16.49 19.01
C THR B 78 24.00 17.29 18.73
N GLN B 79 25.11 16.95 19.38
CA GLN B 79 26.40 17.60 19.06
C GLN B 79 26.62 17.35 17.57
N LEU B 80 26.32 18.35 16.75
CA LEU B 80 26.51 18.23 15.30
C LEU B 80 28.02 18.18 15.09
N GLY B 81 28.47 17.68 13.95
CA GLY B 81 29.91 17.53 13.79
C GLY B 81 30.61 18.83 13.52
N ARG B 82 31.89 18.73 13.22
CA ARG B 82 32.66 19.94 12.88
C ARG B 82 32.04 20.62 11.66
N ASP B 83 31.88 21.94 11.71
CA ASP B 83 31.43 22.75 10.54
C ASP B 83 29.91 22.69 10.27
N GLU B 84 29.14 21.95 11.05
CA GLU B 84 27.70 21.93 10.83
C GLU B 84 27.07 23.15 11.50
N THR B 85 26.01 23.70 10.88
CA THR B 85 25.27 24.83 11.44
C THR B 85 23.78 24.48 11.55
N LEU B 86 22.96 25.51 11.85
CA LEU B 86 21.51 25.38 11.98
C LEU B 86 20.78 25.86 10.74
N GLN B 87 21.18 27.01 10.20
CA GLN B 87 20.64 27.49 8.94
C GLN B 87 20.86 26.47 7.83
N ASP B 88 22.09 25.93 7.74
CA ASP B 88 22.38 24.97 6.67
C ASP B 88 21.66 23.65 6.90
N THR B 89 21.57 23.22 8.16
CA THR B 89 20.77 22.03 8.48
C THR B 89 19.32 22.22 8.05
N ALA B 90 18.73 23.38 8.34
CA ALA B 90 17.33 23.65 7.98
C ALA B 90 17.14 23.60 6.47
N LYS B 91 18.08 24.19 5.71
CA LYS B 91 17.96 24.21 4.27
C LYS B 91 18.03 22.81 3.68
N VAL B 92 18.89 21.96 4.25
CA VAL B 92 19.02 20.59 3.74
C VAL B 92 17.80 19.77 4.13
N LEU B 93 17.37 19.87 5.39
CA LEU B 93 16.18 19.12 5.81
C LEU B 93 14.99 19.46 4.94
N SER B 94 14.86 20.73 4.54
CA SER B 94 13.73 21.17 3.73
C SER B 94 13.70 20.49 2.35
N ARG B 95 14.85 19.96 1.88
CA ARG B 95 14.86 19.23 0.62
C ARG B 95 14.54 17.75 0.79
N TYR B 96 14.58 17.21 2.01
CA TYR B 96 14.31 15.78 2.23
C TYR B 96 12.94 15.52 2.85
N VAL B 97 12.40 16.43 3.68
CA VAL B 97 11.19 16.14 4.44
C VAL B 97 10.14 17.23 4.19
N ASP B 98 8.91 16.92 4.55
CA ASP B 98 7.79 17.85 4.39
C ASP B 98 7.46 18.60 5.68
N ALA B 99 8.10 18.26 6.79
CA ALA B 99 7.89 18.99 8.05
C ALA B 99 8.98 18.56 9.01
N ILE B 100 9.22 19.41 10.02
CA ILE B 100 10.30 19.21 10.99
C ILE B 100 9.69 19.29 12.38
N VAL B 101 9.78 18.21 13.13
CA VAL B 101 9.33 18.14 14.52
C VAL B 101 10.57 18.17 15.40
N TRP B 102 10.63 19.08 16.38
CA TRP B 102 11.89 19.29 17.09
C TRP B 102 11.66 19.47 18.58
N ARG B 103 12.36 18.67 19.39
CA ARG B 103 12.37 18.86 20.84
C ARG B 103 13.70 19.51 21.17
N THR B 104 13.67 20.77 21.58
CA THR B 104 14.91 21.49 21.90
C THR B 104 14.65 22.27 23.19
N PHE B 105 15.60 23.11 23.59
CA PHE B 105 15.49 23.75 24.89
C PHE B 105 14.98 25.18 24.75
N GLY B 106 15.84 26.10 24.30
CA GLY B 106 15.44 27.50 24.24
C GLY B 106 14.55 27.78 23.03
N GLN B 107 13.61 28.71 23.24
CA GLN B 107 12.72 29.12 22.16
C GLN B 107 13.49 29.78 21.01
N GLU B 108 14.60 30.47 21.33
CA GLU B 108 15.45 31.07 20.31
C GLU B 108 15.82 30.11 19.19
N ARG B 109 16.17 28.87 19.54
CA ARG B 109 16.55 27.89 18.53
C ARG B 109 15.38 27.51 17.64
N LEU B 110 14.20 27.27 18.25
CA LEU B 110 13.01 26.98 17.45
C LEU B 110 12.70 28.11 16.50
N ASP B 111 12.73 29.35 17.01
CA ASP B 111 12.44 30.50 16.14
C ASP B 111 13.43 30.58 14.98
N ALA B 112 14.70 30.25 15.23
CA ALA B 112 15.70 30.33 14.17
C ALA B 112 15.43 29.31 13.06
N MET B 113 15.17 28.05 13.45
CA MET B 113 14.84 27.02 12.47
C MET B 113 13.62 27.42 11.65
N ALA B 114 12.60 27.97 12.31
CA ALA B 114 11.36 28.29 11.62
C ALA B 114 11.53 29.44 10.63
N SER B 115 12.44 30.39 10.87
CA SER B 115 12.58 31.48 9.91
C SER B 115 13.31 31.03 8.64
N VAL B 116 14.08 29.95 8.72
CA VAL B 116 14.89 29.48 7.59
C VAL B 116 14.19 28.35 6.84
N ALA B 117 13.62 27.40 7.56
CA ALA B 117 13.04 26.23 6.92
C ALA B 117 11.86 26.63 6.04
N THR B 118 11.71 25.95 4.90
CA THR B 118 10.59 26.17 4.00
C THR B 118 9.54 25.07 4.11
N VAL B 119 9.52 24.37 5.25
CA VAL B 119 8.48 23.41 5.61
C VAL B 119 8.06 23.74 7.04
N PRO B 120 6.88 23.30 7.44
CA PRO B 120 6.41 23.60 8.81
C PRO B 120 7.33 23.02 9.87
N VAL B 121 7.53 23.79 10.94
CA VAL B 121 8.30 23.39 12.11
C VAL B 121 7.33 23.30 13.29
N ILE B 122 7.41 22.19 14.03
CA ILE B 122 6.57 21.93 15.20
C ILE B 122 7.45 21.81 16.42
N ASN B 123 7.10 22.52 17.49
CA ASN B 123 7.73 22.39 18.80
C ASN B 123 7.16 21.14 19.48
N ALA B 124 7.95 20.05 19.49
CA ALA B 124 7.50 18.81 20.14
C ALA B 124 7.45 18.94 21.66
N LEU B 125 8.18 19.90 22.23
CA LEU B 125 8.44 20.07 23.67
C LEU B 125 9.62 21.01 23.80
N SER B 126 9.50 22.09 24.57
CA SER B 126 10.64 22.97 24.76
C SER B 126 10.68 23.39 26.22
N ASP B 127 11.66 24.18 26.60
CA ASP B 127 11.73 24.66 28.00
C ASP B 127 10.56 25.59 28.31
N GLU B 128 10.14 26.39 27.35
CA GLU B 128 9.13 27.44 27.62
C GLU B 128 7.70 26.96 27.36
N PHE B 129 7.52 26.05 26.41
CA PHE B 129 6.14 25.65 26.04
C PHE B 129 6.04 24.17 25.72
N HIS B 130 4.86 23.58 25.88
CA HIS B 130 4.57 22.16 25.51
C HIS B 130 3.24 22.21 24.76
N PRO B 131 3.15 22.83 23.55
CA PRO B 131 1.85 23.08 22.95
C PRO B 131 1.18 21.84 22.39
N CYS B 132 1.94 20.81 22.02
CA CYS B 132 1.30 19.58 21.55
C CYS B 132 0.63 18.84 22.70
N GLN B 133 1.20 18.89 23.90
CA GLN B 133 0.53 18.30 25.04
C GLN B 133 -0.78 19.00 25.33
N VAL B 134 -0.82 20.32 25.21
CA VAL B 134 -2.06 21.01 25.51
C VAL B 134 -3.13 20.75 24.45
N LEU B 135 -2.75 20.58 23.17
CA LEU B 135 -3.75 20.14 22.20
C LEU B 135 -4.35 18.80 22.63
N ALA B 136 -3.51 17.85 23.05
CA ALA B 136 -4.05 16.58 23.53
C ALA B 136 -4.91 16.77 24.77
N ASP B 137 -4.52 17.68 25.68
CA ASP B 137 -5.33 17.94 26.87
C ASP B 137 -6.69 18.50 26.48
N LEU B 138 -6.72 19.45 25.55
CA LEU B 138 -8.01 20.03 25.13
C LEU B 138 -8.88 19.00 24.42
N GLN B 139 -8.27 18.14 23.60
CA GLN B 139 -9.04 17.04 23.01
C GLN B 139 -9.66 16.15 24.08
N THR B 140 -8.90 15.88 25.16
CA THR B 140 -9.41 15.03 26.25
C THR B 140 -10.56 15.70 26.99
N ILE B 141 -10.41 16.98 27.30
CA ILE B 141 -11.48 17.71 27.99
C ILE B 141 -12.76 17.71 27.14
N ALA B 142 -12.62 17.98 25.84
CA ALA B 142 -13.78 18.12 24.96
C ALA B 142 -14.53 16.79 24.83
N GLU B 143 -13.81 15.69 24.69
CA GLU B 143 -14.52 14.44 24.45
C GLU B 143 -15.25 13.98 25.72
N ARG B 144 -14.82 14.45 26.88
CA ARG B 144 -15.47 14.14 28.14
C ARG B 144 -16.49 15.16 28.58
N LYS B 145 -16.34 16.42 28.18
CA LYS B 145 -17.18 17.49 28.70
C LYS B 145 -17.92 18.28 27.63
N GLY B 146 -17.60 18.10 26.37
CA GLY B 146 -18.28 18.83 25.29
C GLY B 146 -17.57 20.15 24.98
N ALA B 147 -18.32 21.25 25.07
CA ALA B 147 -17.77 22.56 24.71
C ALA B 147 -16.73 22.99 25.73
N LEU B 148 -15.60 23.55 25.29
CA LEU B 148 -14.52 24.03 26.20
C LEU B 148 -14.78 25.43 26.77
N ARG B 149 -15.48 26.29 26.04
CA ARG B 149 -15.75 27.69 26.41
C ARG B 149 -16.52 27.75 27.72
N GLY B 150 -16.01 28.54 28.65
CA GLY B 150 -16.70 28.72 29.93
C GLY B 150 -16.14 27.78 30.95
N LEU B 151 -15.36 26.80 30.53
CA LEU B 151 -14.91 25.85 31.54
C LEU B 151 -13.89 26.53 32.43
N ARG B 152 -13.68 25.94 33.59
CA ARG B 152 -12.74 26.48 34.54
C ARG B 152 -11.65 25.43 34.75
N LEU B 153 -10.42 25.80 34.40
CA LEU B 153 -9.28 24.90 34.55
C LEU B 153 -8.29 25.50 35.52
N SER B 154 -7.78 24.67 36.42
CA SER B 154 -6.73 25.05 37.36
C SER B 154 -5.53 24.13 37.21
N TYR B 155 -4.36 24.74 37.02
CA TYR B 155 -3.08 24.05 37.03
C TYR B 155 -2.41 24.26 38.39
N PHE B 156 -1.88 23.17 38.97
CA PHE B 156 -1.26 23.22 40.29
C PHE B 156 0.22 22.83 40.23
N GLY B 157 1.04 23.56 40.99
CA GLY B 157 2.42 23.20 41.15
C GLY B 157 3.40 24.25 40.65
N ASP B 158 4.36 23.82 39.82
CA ASP B 158 5.37 24.72 39.26
C ASP B 158 4.72 25.57 38.17
N GLY B 159 4.44 26.83 38.49
CA GLY B 159 3.79 27.75 37.57
C GLY B 159 4.71 28.43 36.59
N ALA B 160 5.99 28.10 36.60
CA ALA B 160 6.97 28.69 35.69
C ALA B 160 7.32 27.78 34.53
N ASN B 161 6.84 26.55 34.52
CA ASN B 161 7.32 25.55 33.57
C ASN B 161 6.50 25.57 32.27
N ASN B 162 6.84 24.67 31.36
CA ASN B 162 6.27 24.74 30.03
C ASN B 162 4.77 24.42 30.04
N MET B 163 4.32 23.52 30.92
CA MET B 163 2.89 23.18 30.97
C MET B 163 2.05 24.35 31.49
N ALA B 164 2.55 25.06 32.50
CA ALA B 164 1.84 26.24 32.98
C ALA B 164 1.67 27.26 31.86
N HIS B 165 2.75 27.54 31.12
CA HIS B 165 2.68 28.52 30.03
C HIS B 165 1.71 28.07 28.93
N SER B 166 1.78 26.80 28.54
CA SER B 166 0.95 26.32 27.44
C SER B 166 -0.51 26.20 27.87
N LEU B 167 -0.76 25.78 29.12
CA LEU B 167 -2.14 25.73 29.60
C LEU B 167 -2.75 27.12 29.65
N LEU B 168 -1.96 28.13 30.01
CA LEU B 168 -2.43 29.51 29.93
C LEU B 168 -2.79 29.87 28.48
N LEU B 169 -1.85 29.72 27.55
CA LEU B 169 -2.06 30.24 26.20
C LEU B 169 -3.07 29.40 25.43
N GLY B 170 -2.90 28.08 25.42
CA GLY B 170 -3.85 27.24 24.72
C GLY B 170 -5.19 27.19 25.40
N GLY B 171 -5.19 27.26 26.74
CA GLY B 171 -6.44 27.30 27.46
C GLY B 171 -7.28 28.51 27.11
N VAL B 172 -6.68 29.72 27.17
CA VAL B 172 -7.49 30.90 26.87
C VAL B 172 -7.85 30.96 25.39
N THR B 173 -7.02 30.36 24.52
CA THR B 173 -7.36 30.30 23.11
C THR B 173 -8.66 29.51 22.88
N ALA B 174 -8.93 28.52 23.73
CA ALA B 174 -10.15 27.73 23.65
C ALA B 174 -11.31 28.32 24.47
N GLY B 175 -11.12 29.46 25.13
CA GLY B 175 -12.20 30.04 25.91
C GLY B 175 -12.30 29.52 27.32
N ILE B 176 -11.26 28.87 27.82
CA ILE B 176 -11.24 28.30 29.16
C ILE B 176 -10.75 29.36 30.14
N HIS B 177 -11.39 29.43 31.31
CA HIS B 177 -10.91 30.29 32.39
C HIS B 177 -9.79 29.56 33.12
N VAL B 178 -8.56 30.06 33.00
CA VAL B 178 -7.38 29.36 33.46
C VAL B 178 -6.85 29.97 34.75
N THR B 179 -6.63 29.14 35.75
CA THR B 179 -5.99 29.51 36.99
C THR B 179 -4.71 28.71 37.13
N VAL B 180 -3.61 29.39 37.47
CA VAL B 180 -2.38 28.73 37.89
C VAL B 180 -2.25 28.92 39.39
N ALA B 181 -2.05 27.82 40.10
CA ALA B 181 -1.86 27.85 41.55
C ALA B 181 -0.43 27.41 41.84
N ALA B 182 0.40 28.34 42.28
CA ALA B 182 1.84 28.11 42.34
C ALA B 182 2.43 28.91 43.50
N PRO B 183 3.50 28.40 44.13
CA PRO B 183 4.17 29.18 45.19
C PRO B 183 4.99 30.33 44.61
N GLU B 184 5.50 31.17 45.52
CA GLU B 184 5.96 32.51 45.15
C GLU B 184 7.08 32.47 44.12
N GLY B 185 8.08 31.62 44.31
CA GLY B 185 9.18 31.75 43.35
C GLY B 185 8.98 31.09 42.01
N PHE B 186 7.76 30.66 41.68
CA PHE B 186 7.52 29.75 40.55
C PHE B 186 6.26 30.15 39.79
N LEU B 187 6.22 31.41 39.34
CA LEU B 187 5.05 31.97 38.67
C LEU B 187 5.29 32.09 37.17
N PRO B 188 4.22 32.22 36.36
CA PRO B 188 4.40 32.29 34.91
C PRO B 188 5.33 33.41 34.50
N ASP B 189 6.05 33.19 33.40
CA ASP B 189 6.82 34.25 32.77
C ASP B 189 5.91 35.44 32.45
N PRO B 190 6.31 36.67 32.77
CA PRO B 190 5.36 37.79 32.65
C PRO B 190 4.93 38.09 31.22
N SER B 191 5.80 37.89 30.22
CA SER B 191 5.32 38.14 28.87
C SER B 191 4.36 37.05 28.41
N VAL B 192 4.54 35.80 28.87
CA VAL B 192 3.57 34.75 28.59
C VAL B 192 2.23 35.08 29.24
N ARG B 193 2.27 35.42 30.53
CA ARG B 193 1.04 35.78 31.23
C ARG B 193 0.31 36.92 30.51
N ALA B 194 1.06 37.90 29.98
CA ALA B 194 0.43 39.04 29.32
C ALA B 194 -0.14 38.64 27.95
N ALA B 195 0.56 37.76 27.23
CA ALA B 195 0.01 37.22 25.99
C ALA B 195 -1.29 36.47 26.24
N ALA B 196 -1.35 35.71 27.34
CA ALA B 196 -2.57 34.97 27.67
C ALA B 196 -3.71 35.90 28.07
N GLU B 197 -3.42 36.91 28.90
CA GLU B 197 -4.46 37.88 29.24
C GLU B 197 -5.00 38.57 27.99
N ARG B 198 -4.13 38.87 27.04
CA ARG B 198 -4.55 39.47 25.78
C ARG B 198 -5.44 38.53 24.98
N ARG B 199 -4.99 37.29 24.75
CA ARG B 199 -5.79 36.35 23.98
C ARG B 199 -7.15 36.12 24.63
N ALA B 200 -7.20 36.15 25.97
CA ALA B 200 -8.43 35.86 26.70
C ALA B 200 -9.54 36.87 26.41
N GLN B 201 -9.18 38.11 26.11
CA GLN B 201 -10.22 39.10 25.81
C GLN B 201 -10.99 38.75 24.55
N ASP B 202 -10.36 38.02 23.63
CA ASP B 202 -11.01 37.68 22.36
C ASP B 202 -11.98 36.53 22.48
N THR B 203 -11.84 35.71 23.52
CA THR B 203 -12.57 34.46 23.63
C THR B 203 -13.52 34.43 24.81
N GLY B 204 -13.57 35.50 25.62
CA GLY B 204 -14.35 35.48 26.83
C GLY B 204 -13.74 34.70 27.96
N ALA B 205 -12.44 34.40 27.89
CA ALA B 205 -11.76 33.64 28.93
C ALA B 205 -11.14 34.60 29.95
N SER B 206 -10.30 34.06 30.84
CA SER B 206 -9.64 34.88 31.85
C SER B 206 -8.40 34.15 32.36
N VAL B 207 -7.55 34.90 33.04
CA VAL B 207 -6.29 34.40 33.60
C VAL B 207 -6.27 34.76 35.09
N THR B 208 -5.96 33.78 35.93
CA THR B 208 -5.80 33.98 37.36
C THR B 208 -4.53 33.29 37.83
N VAL B 209 -3.77 33.97 38.69
CA VAL B 209 -2.57 33.39 39.31
C VAL B 209 -2.69 33.56 40.82
N THR B 210 -2.55 32.46 41.56
CA THR B 210 -2.81 32.47 43.00
C THR B 210 -1.90 31.48 43.72
N ALA B 211 -1.64 31.77 44.99
CA ALA B 211 -0.94 30.84 45.87
C ALA B 211 -1.90 29.98 46.69
N ASP B 212 -3.19 30.17 46.50
CA ASP B 212 -4.21 29.57 47.35
C ASP B 212 -4.77 28.36 46.61
N ALA B 213 -4.24 27.18 46.93
CA ALA B 213 -4.65 25.97 46.23
C ALA B 213 -6.12 25.68 46.46
N HIS B 214 -6.62 25.95 47.68
CA HIS B 214 -8.01 25.67 47.99
C HIS B 214 -8.94 26.41 47.06
N ALA B 215 -8.70 27.71 46.86
CA ALA B 215 -9.59 28.50 46.01
C ALA B 215 -9.43 28.17 44.53
N ALA B 216 -8.22 27.77 44.11
CA ALA B 216 -8.05 27.32 42.73
C ALA B 216 -8.86 26.05 42.46
N ALA B 217 -8.89 25.12 43.42
CA ALA B 217 -9.63 23.87 43.22
C ALA B 217 -11.14 24.09 43.33
N ALA B 218 -11.56 25.03 44.16
CA ALA B 218 -12.99 25.22 44.43
C ALA B 218 -13.74 25.53 43.14
N GLY B 219 -14.65 24.64 42.77
CA GLY B 219 -15.41 24.82 41.55
C GLY B 219 -14.64 24.58 40.26
N ALA B 220 -13.46 23.96 40.32
CA ALA B 220 -12.74 23.63 39.10
C ALA B 220 -13.47 22.56 38.30
N ASP B 221 -13.45 22.69 36.97
CA ASP B 221 -13.91 21.61 36.09
C ASP B 221 -12.76 20.70 35.65
N VAL B 222 -11.55 21.23 35.57
CA VAL B 222 -10.39 20.48 35.15
C VAL B 222 -9.27 20.84 36.11
N LEU B 223 -8.62 19.83 36.67
CA LEU B 223 -7.47 20.05 37.56
C LEU B 223 -6.26 19.35 36.96
N VAL B 224 -5.18 20.11 36.76
CA VAL B 224 -3.99 19.64 36.07
C VAL B 224 -2.79 19.84 36.98
N THR B 225 -1.86 18.90 36.95
CA THR B 225 -0.56 19.11 37.57
C THR B 225 0.49 18.44 36.70
N ASP B 226 1.73 18.40 37.20
CA ASP B 226 2.90 18.02 36.43
C ASP B 226 4.00 17.85 37.47
N THR B 227 5.08 17.16 37.11
CA THR B 227 6.15 17.00 38.09
C THR B 227 6.67 18.36 38.54
N TRP B 228 7.21 18.37 39.77
CA TRP B 228 7.69 19.61 40.35
C TRP B 228 9.10 19.94 39.89
N THR B 229 9.91 18.91 39.63
CA THR B 229 11.24 19.05 39.07
C THR B 229 11.66 17.76 38.36
N VAL B 241 12.17 21.07 47.66
CA VAL B 241 10.91 20.72 46.97
C VAL B 241 9.79 20.98 47.94
N LYS B 242 10.11 21.73 49.00
CA LYS B 242 9.12 22.10 50.00
C LYS B 242 8.00 23.02 49.49
N PRO B 243 8.24 24.01 48.61
CA PRO B 243 7.18 25.00 48.33
C PRO B 243 5.99 24.44 47.55
N PHE B 244 6.06 23.20 47.06
CA PHE B 244 5.01 22.65 46.19
C PHE B 244 4.06 21.73 46.93
N ARG B 245 4.50 21.19 48.08
CA ARG B 245 3.68 20.31 48.90
C ARG B 245 2.26 20.82 49.10
N PRO B 246 2.02 22.11 49.40
CA PRO B 246 0.63 22.57 49.57
C PRO B 246 -0.20 22.50 48.31
N PHE B 247 0.38 22.25 47.15
CA PHE B 247 -0.35 22.23 45.89
C PHE B 247 -0.58 20.81 45.40
N GLN B 248 -0.09 19.81 46.14
CA GLN B 248 -0.30 18.41 45.80
C GLN B 248 -1.74 18.18 45.43
N LEU B 249 -1.96 17.50 44.30
CA LEU B 249 -3.34 17.25 43.81
C LEU B 249 -3.79 15.97 44.50
N ASN B 250 -4.54 16.12 45.59
CA ASN B 250 -4.86 14.93 46.37
C ASN B 250 -6.36 14.80 46.57
N SER B 251 -6.73 13.69 47.23
CA SER B 251 -8.12 13.37 47.51
C SER B 251 -8.86 14.58 48.07
N ARG B 252 -8.13 15.44 48.79
CA ARG B 252 -8.70 16.53 49.56
C ARG B 252 -9.05 17.72 48.67
N LEU B 253 -8.13 18.15 47.80
CA LEU B 253 -8.47 19.19 46.82
C LEU B 253 -9.57 18.76 45.89
N LEU B 254 -9.52 17.52 45.41
CA LEU B 254 -10.47 17.09 44.39
C LEU B 254 -11.90 17.25 44.88
N ALA B 255 -12.15 16.97 46.17
CA ALA B 255 -13.48 17.12 46.73
C ALA B 255 -14.04 18.53 46.56
N LEU B 256 -13.17 19.53 46.41
CA LEU B 256 -13.63 20.91 46.28
C LEU B 256 -14.11 21.27 44.87
N ALA B 257 -13.85 20.43 43.87
CA ALA B 257 -14.13 20.82 42.49
C ALA B 257 -15.60 20.59 42.15
N ASP B 258 -16.01 21.09 40.98
CA ASP B 258 -17.33 20.73 40.46
C ASP B 258 -17.46 19.21 40.34
N SER B 259 -18.69 18.73 40.43
CA SER B 259 -18.90 17.31 40.19
C SER B 259 -18.56 17.00 38.72
N ASP B 260 -18.12 15.77 38.49
CA ASP B 260 -17.66 15.32 37.17
C ASP B 260 -16.42 16.08 36.69
N ALA B 261 -15.62 16.59 37.61
CA ALA B 261 -14.38 17.23 37.19
C ALA B 261 -13.36 16.18 36.79
N ILE B 262 -12.50 16.54 35.85
CA ILE B 262 -11.53 15.61 35.29
C ILE B 262 -10.13 16.07 35.65
N VAL B 263 -9.25 15.10 35.88
CA VAL B 263 -7.88 15.32 36.32
C VAL B 263 -6.95 14.98 35.17
N LEU B 264 -6.04 15.90 34.86
CA LEU B 264 -5.03 15.68 33.82
C LEU B 264 -3.63 15.76 34.41
N HIS B 265 -2.70 15.12 33.72
CA HIS B 265 -1.29 15.09 34.14
C HIS B 265 -0.51 14.64 32.92
N CYS B 266 0.28 15.54 32.35
CA CYS B 266 1.21 15.08 31.33
C CYS B 266 2.26 14.24 32.04
N LEU B 267 2.49 13.05 31.54
CA LEU B 267 3.30 12.10 32.27
C LEU B 267 4.77 12.46 32.08
N PRO B 268 5.69 11.85 32.86
CA PRO B 268 5.51 10.86 33.93
C PRO B 268 5.04 11.47 35.24
N ALA B 269 4.36 10.66 36.06
CA ALA B 269 3.91 11.10 37.37
C ALA B 269 4.77 10.46 38.44
N HIS B 270 5.16 11.27 39.42
CA HIS B 270 5.83 10.79 40.62
C HIS B 270 4.74 10.66 41.68
N ARG B 271 4.17 9.47 41.76
CA ARG B 271 3.02 9.23 42.61
C ARG B 271 3.37 9.53 44.06
N GLY B 272 2.52 10.30 44.72
CA GLY B 272 2.77 10.72 46.08
C GLY B 272 3.60 11.97 46.23
N ASP B 273 4.12 12.52 45.13
CA ASP B 273 4.60 13.90 45.15
C ASP B 273 3.47 14.82 44.71
N GLU B 274 3.44 15.19 43.42
CA GLU B 274 2.46 16.16 42.94
C GLU B 274 1.05 15.60 42.84
N ILE B 275 0.86 14.29 43.00
CA ILE B 275 -0.46 13.70 42.85
C ILE B 275 -0.46 12.37 43.58
N THR B 276 -1.62 11.97 44.09
CA THR B 276 -1.74 10.76 44.87
C THR B 276 -2.30 9.62 44.03
N ASP B 277 -1.91 8.39 44.41
CA ASP B 277 -2.48 7.18 43.81
C ASP B 277 -3.99 7.28 43.72
N ALA B 278 -4.62 7.77 44.79
CA ALA B 278 -6.08 7.79 44.87
C ALA B 278 -6.69 8.73 43.82
N VAL B 279 -6.02 9.85 43.53
CA VAL B 279 -6.53 10.74 42.49
C VAL B 279 -6.22 10.21 41.10
N MET B 280 -5.01 9.69 40.90
CA MET B 280 -4.61 9.30 39.57
C MET B 280 -5.32 8.04 39.09
N ASP B 281 -5.55 7.09 39.99
CA ASP B 281 -6.25 5.85 39.63
C ASP B 281 -7.76 5.97 39.78
N GLY B 282 -8.26 7.13 40.21
CA GLY B 282 -9.67 7.29 40.51
C GLY B 282 -10.51 7.67 39.31
N PRO B 283 -11.81 7.90 39.53
CA PRO B 283 -12.74 8.10 38.41
C PRO B 283 -12.74 9.49 37.82
N ALA B 284 -12.07 10.46 38.44
CA ALA B 284 -11.86 11.76 37.80
C ALA B 284 -10.70 11.75 36.82
N SER B 285 -9.80 10.77 36.93
CA SER B 285 -8.56 10.76 36.16
C SER B 285 -8.83 10.47 34.69
N ALA B 286 -8.29 11.30 33.81
CA ALA B 286 -8.32 11.06 32.37
C ALA B 286 -6.91 10.94 31.82
N VAL B 287 -5.96 10.59 32.68
CA VAL B 287 -4.54 10.65 32.35
C VAL B 287 -4.19 9.67 31.23
N TRP B 288 -4.91 8.56 31.12
CA TRP B 288 -4.52 7.59 30.09
C TRP B 288 -5.11 7.97 28.74
N ASP B 289 -6.37 8.41 28.70
CA ASP B 289 -6.92 8.96 27.46
C ASP B 289 -6.13 10.18 27.02
N GLU B 290 -5.72 11.02 27.97
CA GLU B 290 -4.87 12.17 27.65
C GLU B 290 -3.59 11.73 26.95
N ALA B 291 -2.93 10.68 27.46
CA ALA B 291 -1.70 10.23 26.83
C ALA B 291 -1.96 9.68 25.43
N GLU B 292 -3.05 8.91 25.27
CA GLU B 292 -3.37 8.42 23.92
C GLU B 292 -3.58 9.59 22.96
N ASN B 293 -4.23 10.65 23.43
CA ASN B 293 -4.61 11.73 22.53
C ASN B 293 -3.43 12.56 22.03
N ARG B 294 -2.23 12.41 22.62
CA ARG B 294 -1.03 12.96 21.99
C ARG B 294 -0.93 12.48 20.55
N LEU B 295 -1.24 11.19 20.32
CA LEU B 295 -1.15 10.65 18.97
C LEU B 295 -2.14 11.34 18.04
N HIS B 296 -3.41 11.40 18.43
CA HIS B 296 -4.43 11.93 17.54
C HIS B 296 -4.26 13.43 17.32
N ALA B 297 -3.97 14.16 18.40
CA ALA B 297 -3.89 15.62 18.32
C ALA B 297 -2.67 16.04 17.50
N GLN B 298 -1.55 15.34 17.64
CA GLN B 298 -0.39 15.69 16.84
C GLN B 298 -0.59 15.33 15.37
N LYS B 299 -1.29 14.22 15.06
CA LYS B 299 -1.58 13.93 13.66
C LYS B 299 -2.45 15.03 13.06
N ALA B 300 -3.46 15.46 13.81
CA ALA B 300 -4.34 16.52 13.33
C ALA B 300 -3.53 17.79 13.04
N LEU B 301 -2.65 18.16 13.98
CA LEU B 301 -1.81 19.34 13.78
C LEU B 301 -0.98 19.23 12.51
N LEU B 302 -0.37 18.06 12.29
CA LEU B 302 0.42 17.86 11.09
C LEU B 302 -0.44 17.98 9.83
N VAL B 303 -1.57 17.27 9.78
CA VAL B 303 -2.44 17.38 8.61
C VAL B 303 -2.76 18.85 8.34
N TRP B 304 -3.11 19.56 9.40
CA TRP B 304 -3.55 20.95 9.25
C TRP B 304 -2.42 21.85 8.75
N LEU B 305 -1.22 21.70 9.33
CA LEU B 305 -0.07 22.50 8.90
C LEU B 305 0.32 22.19 7.47
N LEU B 306 0.30 20.90 7.11
CA LEU B 306 0.73 20.49 5.77
C LEU B 306 -0.17 21.05 4.68
N GLU B 307 -1.48 21.11 4.94
CA GLU B 307 -2.37 21.60 3.89
C GLU B 307 -2.35 23.13 3.77
N ARG B 308 -1.69 23.79 4.69
CA ARG B 308 -1.52 25.25 4.55
C ARG B 308 -0.07 25.54 4.19
N SER B 309 0.71 24.56 3.74
CA SER B 309 2.13 24.81 3.56
C SER B 309 2.74 24.01 2.43
N VAL C 3 -8.87 -13.14 27.24
CA VAL C 3 -7.55 -13.08 27.86
C VAL C 3 -6.45 -12.76 26.84
N ILE C 4 -5.54 -11.90 27.27
CA ILE C 4 -4.39 -11.49 26.49
C ILE C 4 -3.27 -12.49 26.73
N ARG C 5 -2.62 -12.92 25.65
CA ARG C 5 -1.59 -13.95 25.73
C ARG C 5 -0.23 -13.27 25.67
N HIS C 6 0.69 -13.70 26.52
CA HIS C 6 2.06 -13.18 26.55
C HIS C 6 3.01 -14.33 26.27
N PHE C 7 4.25 -13.99 25.91
CA PHE C 7 5.28 -15.01 25.65
C PHE C 7 6.56 -14.54 26.34
N LEU C 8 6.68 -14.88 27.62
CA LEU C 8 7.80 -14.48 28.45
C LEU C 8 8.80 -15.61 28.68
N ARG C 9 8.31 -16.84 28.52
CA ARG C 9 9.13 -18.05 28.69
C ARG C 9 8.55 -19.10 27.74
N ASP C 10 9.35 -20.08 27.36
CA ASP C 10 8.97 -21.06 26.32
C ASP C 10 7.70 -21.86 26.64
N ASP C 11 7.49 -22.16 27.91
CA ASP C 11 6.33 -22.99 28.35
C ASP C 11 5.06 -22.17 28.45
N ASP C 12 5.11 -20.89 28.08
CA ASP C 12 3.87 -20.07 27.99
C ASP C 12 3.03 -20.65 26.86
N LEU C 13 3.65 -21.37 25.93
CA LEU C 13 2.90 -22.10 24.91
C LEU C 13 2.79 -23.55 25.33
N SER C 14 1.59 -24.12 25.22
CA SER C 14 1.43 -25.56 25.38
C SER C 14 2.07 -26.28 24.20
N PRO C 15 2.30 -27.60 24.32
CA PRO C 15 2.78 -28.36 23.15
C PRO C 15 1.95 -28.12 21.90
N ALA C 16 0.62 -28.10 22.00
CA ALA C 16 -0.19 -27.88 20.80
C ALA C 16 -0.01 -26.46 20.25
N GLU C 17 0.04 -25.47 21.14
CA GLU C 17 0.18 -24.09 20.70
C GLU C 17 1.54 -23.84 20.08
N GLN C 18 2.60 -24.41 20.67
CA GLN C 18 3.91 -24.28 20.06
C GLN C 18 3.94 -24.88 18.66
N ALA C 19 3.26 -26.02 18.47
CA ALA C 19 3.21 -26.62 17.14
C ALA C 19 2.51 -25.69 16.17
N GLU C 20 1.46 -24.99 16.63
CA GLU C 20 0.79 -24.04 15.75
C GLU C 20 1.72 -22.90 15.36
N VAL C 21 2.49 -22.37 16.32
CA VAL C 21 3.39 -21.26 16.01
C VAL C 21 4.47 -21.71 15.02
N LEU C 22 5.04 -22.90 15.23
CA LEU C 22 6.09 -23.39 14.33
C LEU C 22 5.55 -23.67 12.92
N GLU C 23 4.33 -24.21 12.81
CA GLU C 23 3.73 -24.37 11.50
C GLU C 23 3.57 -23.02 10.80
N LEU C 24 3.08 -22.03 11.54
CA LEU C 24 2.94 -20.69 10.99
C LEU C 24 4.29 -20.13 10.54
N ALA C 25 5.37 -20.43 11.28
CA ALA C 25 6.69 -19.94 10.87
C ALA C 25 7.13 -20.55 9.54
N ALA C 26 6.85 -21.83 9.31
CA ALA C 26 7.14 -22.42 8.00
C ALA C 26 6.30 -21.74 6.91
N GLU C 27 5.02 -21.47 7.20
CA GLU C 27 4.16 -20.83 6.20
C GLU C 27 4.65 -19.41 5.89
N LEU C 28 5.04 -18.67 6.92
CA LEU C 28 5.52 -17.30 6.72
C LEU C 28 6.88 -17.27 6.03
N LYS C 29 7.71 -18.29 6.23
CA LYS C 29 8.96 -18.34 5.50
C LYS C 29 8.69 -18.49 4.02
N LYS C 30 7.66 -19.26 3.66
CA LYS C 30 7.30 -19.44 2.27
C LYS C 30 6.67 -18.18 1.69
N ASP C 31 5.78 -17.53 2.45
CA ASP C 31 5.00 -16.38 1.97
C ASP C 31 5.10 -15.24 2.98
N PRO C 32 6.21 -14.50 2.95
CA PRO C 32 6.53 -13.61 4.09
C PRO C 32 5.65 -12.38 4.22
N VAL C 33 4.85 -12.00 3.22
CA VAL C 33 4.02 -10.81 3.35
C VAL C 33 2.53 -11.14 3.15
N SER C 34 2.15 -12.40 3.32
CA SER C 34 0.76 -12.81 3.13
C SER C 34 -0.10 -12.56 4.36
N ARG C 35 0.51 -12.27 5.51
CA ARG C 35 -0.20 -12.03 6.76
C ARG C 35 0.04 -10.58 7.16
N ARG C 36 -1.05 -9.80 7.27
CA ARG C 36 -0.94 -8.37 7.57
C ARG C 36 -1.86 -7.98 8.74
N PRO C 37 -1.66 -8.58 9.92
CA PRO C 37 -2.53 -8.24 11.07
C PRO C 37 -2.27 -6.84 11.61
N LEU C 38 -1.13 -6.24 11.28
CA LEU C 38 -0.77 -4.90 11.76
C LEU C 38 -0.91 -3.85 10.66
N GLN C 39 -1.61 -4.15 9.56
CA GLN C 39 -1.82 -3.17 8.50
C GLN C 39 -2.41 -1.87 9.06
N GLY C 40 -2.01 -0.74 8.48
CA GLY C 40 -2.45 0.54 8.97
C GLY C 40 -1.50 1.66 8.62
N PRO C 41 -0.30 1.68 9.23
CA PRO C 41 0.22 0.67 10.16
C PRO C 41 -0.27 0.80 11.61
N ARG C 42 -0.40 -0.35 12.25
CA ARG C 42 -0.44 -0.45 13.72
C ARG C 42 0.99 -0.46 14.24
N GLY C 43 1.18 -0.03 15.47
CA GLY C 43 2.51 0.03 16.06
C GLY C 43 2.81 -1.18 16.93
N VAL C 44 4.10 -1.48 17.04
CA VAL C 44 4.63 -2.45 18.00
C VAL C 44 5.84 -1.81 18.66
N ALA C 45 5.88 -1.84 19.99
CA ALA C 45 7.03 -1.33 20.72
C ALA C 45 8.13 -2.36 20.73
N VAL C 46 9.35 -1.95 20.43
CA VAL C 46 10.52 -2.83 20.52
C VAL C 46 11.55 -2.11 21.39
N ILE C 47 11.66 -2.52 22.64
CA ILE C 47 12.35 -1.76 23.68
C ILE C 47 13.54 -2.56 24.17
N PHE C 48 14.72 -1.92 24.22
CA PHE C 48 15.98 -2.56 24.61
C PHE C 48 16.56 -1.91 25.87
N ASP C 49 16.52 -2.59 27.02
CA ASP C 49 17.20 -2.11 28.25
C ASP C 49 18.70 -2.32 28.02
N LYS C 50 19.03 -3.28 27.17
CA LYS C 50 20.41 -3.47 26.71
C LYS C 50 20.25 -3.81 25.23
N ASN C 51 21.13 -3.31 24.38
CA ASN C 51 20.94 -3.46 22.93
C ASN C 51 21.27 -4.86 22.42
N SER C 52 20.51 -5.35 21.43
CA SER C 52 20.88 -6.57 20.72
C SER C 52 20.57 -6.30 19.26
N THR C 53 21.62 -6.21 18.45
CA THR C 53 21.46 -5.74 17.08
C THR C 53 20.71 -6.75 16.24
N ARG C 54 21.03 -8.04 16.37
CA ARG C 54 20.34 -9.03 15.55
C ARG C 54 18.89 -9.18 15.97
N THR C 55 18.59 -8.92 17.25
CA THR C 55 17.21 -8.89 17.70
C THR C 55 16.47 -7.71 17.10
N ARG C 56 17.15 -6.56 17.03
CA ARG C 56 16.60 -5.39 16.37
C ARG C 56 16.28 -5.65 14.90
N PHE C 57 17.27 -6.15 14.13
CA PHE C 57 17.02 -6.41 12.71
C PHE C 57 15.81 -7.30 12.53
N SER C 58 15.76 -8.42 13.25
CA SER C 58 14.74 -9.41 12.94
C SER C 58 13.36 -8.91 13.34
N PHE C 59 13.24 -8.25 14.51
CA PHE C 59 11.93 -7.76 14.91
C PHE C 59 11.51 -6.57 14.07
N GLU C 60 12.43 -5.66 13.78
CA GLU C 60 12.01 -4.45 13.07
C GLU C 60 11.50 -4.79 11.66
N LEU C 61 12.22 -5.67 10.95
CA LEU C 61 11.77 -6.08 9.61
C LEU C 61 10.56 -6.99 9.69
N GLY C 62 10.53 -7.89 10.67
CA GLY C 62 9.38 -8.78 10.79
C GLY C 62 8.09 -8.03 11.02
N ILE C 63 8.11 -7.02 11.90
CA ILE C 63 6.92 -6.23 12.16
C ILE C 63 6.49 -5.48 10.90
N ALA C 64 7.46 -4.94 10.16
CA ALA C 64 7.13 -4.24 8.91
C ALA C 64 6.46 -5.19 7.90
N GLN C 65 6.95 -6.42 7.81
CA GLN C 65 6.37 -7.37 6.87
C GLN C 65 5.00 -7.86 7.30
N LEU C 66 4.62 -7.63 8.56
CA LEU C 66 3.24 -7.84 8.99
C LEU C 66 2.37 -6.61 8.76
N GLY C 67 2.91 -5.60 8.11
CA GLY C 67 2.18 -4.37 7.83
C GLY C 67 2.30 -3.31 8.90
N GLY C 68 3.01 -3.59 9.99
CA GLY C 68 3.06 -2.68 11.12
C GLY C 68 4.28 -1.77 11.08
N HIS C 69 4.41 -0.98 12.14
CA HIS C 69 5.55 -0.07 12.31
C HIS C 69 6.17 -0.26 13.68
N ALA C 70 7.42 -0.73 13.70
CA ALA C 70 8.12 -0.91 14.96
C ALA C 70 8.67 0.42 15.45
N VAL C 71 8.40 0.77 16.69
CA VAL C 71 9.03 1.91 17.35
C VAL C 71 10.14 1.33 18.22
N VAL C 72 11.39 1.56 17.82
CA VAL C 72 12.54 0.91 18.45
C VAL C 72 13.14 1.89 19.45
N VAL C 73 13.22 1.48 20.71
CA VAL C 73 13.81 2.30 21.76
C VAL C 73 15.09 1.62 22.23
N ASP C 74 16.23 2.28 22.03
CA ASP C 74 17.51 1.74 22.45
C ASP C 74 17.80 2.11 23.90
N SER C 75 18.87 1.52 24.44
CA SER C 75 19.21 1.73 25.85
C SER C 75 19.69 3.14 26.16
N GLY C 76 20.02 3.95 25.15
CA GLY C 76 20.42 5.34 25.35
C GLY C 76 19.33 6.25 25.86
N SER C 77 18.11 5.75 26.02
CA SER C 77 17.06 6.49 26.69
C SER C 77 17.00 6.10 28.16
N THR C 78 16.42 6.99 28.96
CA THR C 78 16.16 6.72 30.36
C THR C 78 15.44 5.39 30.52
N GLN C 79 15.97 4.52 31.37
CA GLN C 79 15.53 3.13 31.42
C GLN C 79 14.15 3.02 32.09
N LEU C 80 13.27 2.24 31.45
CA LEU C 80 11.96 1.92 32.00
C LEU C 80 12.05 1.51 33.46
N GLY C 81 11.16 2.08 34.28
CA GLY C 81 11.12 1.86 35.71
C GLY C 81 11.72 2.98 36.53
N ARG C 82 12.70 3.71 35.98
CA ARG C 82 13.37 4.75 36.74
C ARG C 82 12.49 5.99 36.90
N ASP C 83 11.81 6.38 35.82
CA ASP C 83 11.11 7.65 35.73
C ASP C 83 9.66 7.55 36.18
N GLU C 84 9.08 6.35 36.13
CA GLU C 84 7.71 6.08 36.53
C GLU C 84 7.61 4.57 36.72
N THR C 85 6.49 4.14 37.30
CA THR C 85 6.29 2.71 37.51
C THR C 85 6.21 1.98 36.18
N LEU C 86 6.57 0.69 36.20
CA LEU C 86 6.36 -0.14 35.01
C LEU C 86 4.89 -0.23 34.67
N GLN C 87 4.02 -0.22 35.69
CA GLN C 87 2.58 -0.27 35.45
C GLN C 87 2.12 0.94 34.67
N ASP C 88 2.56 2.13 35.08
CA ASP C 88 2.18 3.33 34.35
C ASP C 88 2.68 3.28 32.91
N THR C 89 3.94 2.86 32.71
CA THR C 89 4.49 2.78 31.36
C THR C 89 3.72 1.78 30.50
N ALA C 90 3.37 0.62 31.08
CA ALA C 90 2.59 -0.38 30.35
C ALA C 90 1.23 0.18 29.93
N LYS C 91 0.63 1.02 30.78
CA LYS C 91 -0.68 1.57 30.47
C LYS C 91 -0.63 2.59 29.34
N VAL C 92 0.46 3.33 29.21
CA VAL C 92 0.61 4.24 28.08
C VAL C 92 0.96 3.47 26.81
N LEU C 93 1.92 2.53 26.91
CA LEU C 93 2.27 1.72 25.74
C LEU C 93 1.03 1.06 25.14
N SER C 94 0.14 0.55 26.00
CA SER C 94 -1.05 -0.13 25.53
C SER C 94 -1.99 0.77 24.73
N ARG C 95 -1.86 2.10 24.88
CA ARG C 95 -2.63 3.00 24.04
C ARG C 95 -1.96 3.29 22.70
N TYR C 96 -0.64 3.10 22.58
CA TYR C 96 0.05 3.45 21.33
C TYR C 96 0.29 2.26 20.41
N VAL C 97 0.44 1.05 20.95
CA VAL C 97 0.89 -0.10 20.16
C VAL C 97 0.00 -1.31 20.41
N ASP C 98 0.08 -2.29 19.50
CA ASP C 98 -0.70 -3.53 19.60
C ASP C 98 0.09 -4.69 20.22
N ALA C 99 1.37 -4.49 20.55
CA ALA C 99 2.17 -5.53 21.19
C ALA C 99 3.45 -4.85 21.69
N ILE C 100 4.02 -5.43 22.75
CA ILE C 100 5.23 -4.89 23.39
C ILE C 100 6.29 -5.98 23.36
N VAL C 101 7.39 -5.71 22.64
CA VAL C 101 8.56 -6.58 22.60
C VAL C 101 9.66 -5.90 23.43
N TRP C 102 10.21 -6.62 24.39
CA TRP C 102 11.06 -6.01 25.41
C TRP C 102 12.23 -6.93 25.70
N ARG C 103 13.46 -6.38 25.64
CA ARG C 103 14.67 -7.06 26.08
C ARG C 103 15.04 -6.45 27.42
N THR C 104 14.94 -7.21 28.49
CA THR C 104 15.25 -6.66 29.81
C THR C 104 16.05 -7.72 30.57
N PHE C 105 16.15 -7.55 31.90
CA PHE C 105 17.11 -8.31 32.68
C PHE C 105 16.36 -9.33 33.50
N GLY C 106 15.89 -8.99 34.71
CA GLY C 106 15.22 -9.97 35.53
C GLY C 106 13.81 -10.26 35.05
N GLN C 107 13.36 -11.48 35.32
CA GLN C 107 12.06 -11.93 34.85
C GLN C 107 10.91 -11.19 35.52
N GLU C 108 11.11 -10.65 36.72
CA GLU C 108 10.00 -9.99 37.41
C GLU C 108 9.59 -8.71 36.70
N ARG C 109 10.52 -8.05 36.01
CA ARG C 109 10.16 -6.89 35.20
C ARG C 109 9.22 -7.27 34.06
N LEU C 110 9.48 -8.41 33.41
CA LEU C 110 8.58 -8.89 32.37
C LEU C 110 7.21 -9.23 32.95
N ASP C 111 7.21 -9.96 34.07
CA ASP C 111 5.93 -10.35 34.69
C ASP C 111 5.13 -9.10 35.05
N ALA C 112 5.81 -8.07 35.58
CA ALA C 112 5.11 -6.86 35.98
C ALA C 112 4.42 -6.21 34.78
N MET C 113 5.18 -6.03 33.70
CA MET C 113 4.65 -5.39 32.50
C MET C 113 3.48 -6.18 31.92
N ALA C 114 3.58 -7.50 31.92
CA ALA C 114 2.51 -8.36 31.38
C ALA C 114 1.27 -8.39 32.28
N SER C 115 1.45 -8.13 33.57
CA SER C 115 0.32 -8.16 34.53
C SER C 115 -0.66 -7.01 34.28
N VAL C 116 -0.20 -5.93 33.65
CA VAL C 116 -1.08 -4.74 33.50
C VAL C 116 -1.34 -4.45 32.02
N ALA C 117 -0.44 -4.87 31.14
CA ALA C 117 -0.60 -4.53 29.71
C ALA C 117 -1.86 -5.14 29.13
N THR C 118 -2.51 -4.38 28.28
CA THR C 118 -3.67 -4.91 27.56
C THR C 118 -3.31 -5.35 26.16
N VAL C 119 -2.02 -5.47 25.87
CA VAL C 119 -1.56 -6.03 24.60
C VAL C 119 -0.55 -7.12 24.92
N PRO C 120 -0.26 -8.01 23.98
CA PRO C 120 0.73 -9.06 24.25
C PRO C 120 2.12 -8.50 24.53
N VAL C 121 2.78 -9.08 25.53
CA VAL C 121 4.17 -8.77 25.89
C VAL C 121 5.02 -9.96 25.46
N ILE C 122 6.13 -9.69 24.76
CA ILE C 122 7.05 -10.70 24.24
C ILE C 122 8.43 -10.45 24.83
N ASN C 123 9.01 -11.48 25.43
CA ASN C 123 10.39 -11.43 25.92
C ASN C 123 11.29 -11.59 24.70
N ALA C 124 11.89 -10.47 24.25
CA ALA C 124 12.85 -10.53 23.14
C ALA C 124 14.11 -11.30 23.49
N LEU C 125 14.46 -11.34 24.78
CA LEU C 125 15.74 -11.78 25.36
C LEU C 125 15.80 -11.28 26.79
N SER C 126 16.06 -12.17 27.76
CA SER C 126 16.20 -11.76 29.15
C SER C 126 17.31 -12.56 29.81
N ASP C 127 17.63 -12.24 31.07
CA ASP C 127 18.67 -12.99 31.75
C ASP C 127 18.29 -14.46 31.92
N GLU C 128 17.01 -14.76 32.14
CA GLU C 128 16.64 -16.13 32.46
C GLU C 128 16.26 -16.96 31.22
N PHE C 129 15.71 -16.35 30.16
CA PHE C 129 15.16 -17.09 29.04
C PHE C 129 15.48 -16.37 27.73
N HIS C 130 15.53 -17.13 26.64
CA HIS C 130 15.62 -16.57 25.30
C HIS C 130 14.59 -17.30 24.44
N PRO C 131 13.31 -17.15 24.74
CA PRO C 131 12.31 -18.04 24.10
C PRO C 131 12.13 -17.81 22.61
N CYS C 132 12.41 -16.60 22.09
CA CYS C 132 12.29 -16.41 20.64
C CYS C 132 13.42 -17.08 19.89
N GLN C 133 14.64 -17.08 20.45
CA GLN C 133 15.71 -17.83 19.82
C GLN C 133 15.38 -19.32 19.73
N VAL C 134 14.80 -19.89 20.79
CA VAL C 134 14.53 -21.33 20.73
C VAL C 134 13.39 -21.63 19.74
N LEU C 135 12.45 -20.71 19.53
CA LEU C 135 11.47 -20.95 18.46
C LEU C 135 12.16 -21.05 17.10
N ALA C 136 13.10 -20.14 16.85
CA ALA C 136 13.89 -20.21 15.62
C ALA C 136 14.71 -21.50 15.58
N ASP C 137 15.30 -21.89 16.71
CA ASP C 137 16.03 -23.16 16.77
C ASP C 137 15.12 -24.32 16.37
N LEU C 138 13.94 -24.40 16.99
CA LEU C 138 13.04 -25.51 16.65
C LEU C 138 12.62 -25.49 15.18
N GLN C 139 12.35 -24.30 14.63
CA GLN C 139 12.03 -24.21 13.21
C GLN C 139 13.17 -24.76 12.36
N THR C 140 14.41 -24.45 12.76
CA THR C 140 15.57 -24.91 12.01
C THR C 140 15.69 -26.43 12.11
N ILE C 141 15.56 -26.97 13.31
CA ILE C 141 15.66 -28.43 13.48
C ILE C 141 14.58 -29.12 12.65
N ALA C 142 13.34 -28.61 12.72
CA ALA C 142 12.24 -29.23 11.98
C ALA C 142 12.50 -29.19 10.48
N GLU C 143 13.04 -28.10 9.97
CA GLU C 143 13.27 -28.10 8.54
C GLU C 143 14.49 -28.95 8.16
N ARG C 144 15.43 -29.17 9.07
CA ARG C 144 16.54 -30.09 8.80
C ARG C 144 16.26 -31.55 9.18
N LYS C 145 15.30 -31.81 10.07
CA LYS C 145 15.11 -33.17 10.60
C LYS C 145 13.69 -33.71 10.48
N GLY C 146 12.70 -32.89 10.14
CA GLY C 146 11.32 -33.35 10.15
C GLY C 146 10.69 -33.25 11.53
N ALA C 147 9.93 -34.27 11.94
CA ALA C 147 9.23 -34.23 13.21
C ALA C 147 10.23 -34.09 14.37
N LEU C 148 9.87 -33.23 15.32
CA LEU C 148 10.75 -32.95 16.45
C LEU C 148 10.67 -34.02 17.53
N ARG C 149 9.50 -34.67 17.66
CA ARG C 149 9.28 -35.61 18.74
C ARG C 149 10.33 -36.71 18.73
N GLY C 150 10.96 -36.93 19.88
CA GLY C 150 11.91 -38.01 20.05
C GLY C 150 13.34 -37.72 19.67
N LEU C 151 13.61 -36.58 19.03
CA LEU C 151 14.99 -36.20 18.76
C LEU C 151 15.75 -36.02 20.07
N ARG C 152 17.08 -36.15 20.00
CA ARG C 152 17.95 -35.95 21.16
C ARG C 152 18.83 -34.74 20.92
N LEU C 153 18.70 -33.75 21.82
CA LEU C 153 19.39 -32.48 21.73
C LEU C 153 20.26 -32.32 22.97
N SER C 154 21.52 -31.97 22.78
CA SER C 154 22.42 -31.69 23.90
C SER C 154 22.96 -30.27 23.76
N TYR C 155 22.85 -29.52 24.85
CA TYR C 155 23.46 -28.19 24.99
C TYR C 155 24.69 -28.30 25.87
N PHE C 156 25.74 -27.54 25.51
CA PHE C 156 27.04 -27.60 26.19
C PHE C 156 27.45 -26.20 26.63
N GLY C 157 27.95 -26.08 27.86
CA GLY C 157 28.53 -24.82 28.28
C GLY C 157 28.02 -24.34 29.62
N ASP C 158 27.64 -23.06 29.72
CA ASP C 158 27.01 -22.54 30.93
C ASP C 158 25.59 -23.08 31.03
N GLY C 159 25.35 -23.99 31.96
CA GLY C 159 24.05 -24.61 32.07
C GLY C 159 22.97 -23.79 32.74
N ALA C 160 23.27 -22.56 33.20
CA ALA C 160 22.27 -21.72 33.85
C ALA C 160 21.98 -20.44 33.12
N ASN C 161 22.39 -20.30 31.85
CA ASN C 161 22.09 -19.07 31.13
C ASN C 161 20.76 -19.18 30.41
N ASN C 162 20.38 -18.10 29.70
CA ASN C 162 19.05 -18.05 29.11
C ASN C 162 18.83 -19.13 28.05
N MET C 163 19.87 -19.46 27.27
CA MET C 163 19.74 -20.50 26.23
C MET C 163 19.57 -21.89 26.83
N ALA C 164 20.31 -22.22 27.89
CA ALA C 164 20.14 -23.51 28.54
C ALA C 164 18.71 -23.67 29.05
N HIS C 165 18.21 -22.63 29.73
CA HIS C 165 16.87 -22.70 30.30
C HIS C 165 15.81 -22.81 29.21
N SER C 166 15.99 -22.08 28.10
CA SER C 166 14.98 -22.11 27.05
C SER C 166 15.04 -23.38 26.22
N LEU C 167 16.23 -23.94 25.98
CA LEU C 167 16.30 -25.24 25.30
C LEU C 167 15.64 -26.32 26.13
N LEU C 168 15.82 -26.28 27.45
CA LEU C 168 15.11 -27.22 28.32
C LEU C 168 13.60 -27.09 28.15
N LEU C 169 13.06 -25.89 28.35
CA LEU C 169 11.61 -25.68 28.34
C LEU C 169 11.04 -25.84 26.93
N GLY C 170 11.56 -25.07 25.98
CA GLY C 170 11.06 -25.19 24.60
C GLY C 170 11.30 -26.56 24.01
N GLY C 171 12.44 -27.17 24.35
CA GLY C 171 12.75 -28.49 23.80
C GLY C 171 11.77 -29.55 24.26
N VAL C 172 11.53 -29.66 25.58
CA VAL C 172 10.63 -30.70 26.04
C VAL C 172 9.20 -30.42 25.59
N THR C 173 8.82 -29.14 25.48
CA THR C 173 7.51 -28.81 24.93
C THR C 173 7.30 -29.41 23.54
N ALA C 174 8.37 -29.48 22.74
CA ALA C 174 8.33 -30.07 21.41
C ALA C 174 8.52 -31.59 21.44
N GLY C 175 8.66 -32.19 22.62
CA GLY C 175 8.91 -33.62 22.71
C GLY C 175 10.35 -34.05 22.51
N ILE C 176 11.30 -33.13 22.59
CA ILE C 176 12.71 -33.43 22.38
C ILE C 176 13.31 -33.87 23.71
N HIS C 177 14.13 -34.93 23.69
CA HIS C 177 14.90 -35.31 24.89
C HIS C 177 16.08 -34.35 25.00
N VAL C 178 16.12 -33.52 26.05
CA VAL C 178 17.13 -32.48 26.18
C VAL C 178 18.14 -32.88 27.25
N THR C 179 19.43 -32.71 26.92
CA THR C 179 20.53 -32.88 27.85
C THR C 179 21.28 -31.56 27.97
N VAL C 180 21.54 -31.13 29.20
CA VAL C 180 22.41 -30.00 29.49
C VAL C 180 23.71 -30.55 30.05
N ALA C 181 24.82 -30.25 29.37
CA ALA C 181 26.15 -30.69 29.76
C ALA C 181 26.89 -29.46 30.26
N ALA C 182 27.12 -29.39 31.57
CA ALA C 182 27.68 -28.20 32.17
C ALA C 182 28.53 -28.61 33.36
N PRO C 183 29.53 -27.82 33.72
CA PRO C 183 30.33 -28.13 34.91
C PRO C 183 29.60 -27.81 36.20
N GLU C 184 30.01 -28.53 37.25
CA GLU C 184 29.53 -28.30 38.61
C GLU C 184 29.54 -26.81 38.92
N GLY C 185 28.45 -26.31 39.52
CA GLY C 185 28.36 -24.91 39.88
C GLY C 185 27.76 -24.02 38.82
N PHE C 186 27.46 -24.56 37.63
CA PHE C 186 26.88 -23.83 36.50
C PHE C 186 25.64 -24.56 36.00
N LEU C 187 24.83 -25.08 36.92
CA LEU C 187 23.75 -25.97 36.53
C LEU C 187 22.46 -25.18 36.31
N PRO C 188 21.49 -25.74 35.59
CA PRO C 188 20.21 -25.05 35.40
C PRO C 188 19.57 -24.63 36.72
N ASP C 189 18.84 -23.51 36.68
CA ASP C 189 18.01 -23.11 37.80
C ASP C 189 17.03 -24.24 38.18
N PRO C 190 16.93 -24.60 39.46
CA PRO C 190 16.09 -25.75 39.85
C PRO C 190 14.62 -25.58 39.50
N SER C 191 14.09 -24.36 39.65
CA SER C 191 12.69 -24.13 39.28
C SER C 191 12.47 -24.38 37.79
N VAL C 192 13.45 -24.00 36.97
CA VAL C 192 13.35 -24.22 35.52
C VAL C 192 13.47 -25.70 35.20
N ARG C 193 14.43 -26.38 35.84
CA ARG C 193 14.56 -27.81 35.61
C ARG C 193 13.29 -28.55 36.00
N ALA C 194 12.68 -28.18 37.14
CA ALA C 194 11.45 -28.85 37.57
C ALA C 194 10.30 -28.57 36.60
N ALA C 195 10.20 -27.33 36.08
CA ALA C 195 9.17 -27.03 35.09
C ALA C 195 9.38 -27.85 33.82
N ALA C 196 10.63 -27.98 33.36
CA ALA C 196 10.90 -28.80 32.18
C ALA C 196 10.58 -30.26 32.43
N GLU C 197 10.94 -30.76 33.61
CA GLU C 197 10.65 -32.17 33.93
C GLU C 197 9.15 -32.43 33.95
N ARG C 198 8.38 -31.49 34.49
CA ARG C 198 6.93 -31.66 34.50
C ARG C 198 6.35 -31.58 33.10
N ARG C 199 6.80 -30.62 32.29
CA ARG C 199 6.30 -30.53 30.92
C ARG C 199 6.65 -31.78 30.11
N ALA C 200 7.84 -32.35 30.35
CA ALA C 200 8.29 -33.50 29.57
C ALA C 200 7.40 -34.72 29.79
N GLN C 201 6.75 -34.81 30.95
CA GLN C 201 5.81 -35.90 31.19
C GLN C 201 4.63 -35.85 30.23
N ASP C 202 4.24 -34.66 29.79
CA ASP C 202 3.12 -34.50 28.88
C ASP C 202 3.47 -34.86 27.44
N THR C 203 4.75 -34.88 27.09
CA THR C 203 5.17 -34.95 25.70
C THR C 203 6.05 -36.16 25.40
N GLY C 204 6.35 -36.99 26.39
CA GLY C 204 7.26 -38.09 26.19
C GLY C 204 8.72 -37.70 26.13
N ALA C 205 9.05 -36.46 26.49
CA ALA C 205 10.42 -35.99 26.44
C ALA C 205 11.11 -36.36 27.76
N SER C 206 12.35 -35.88 27.93
CA SER C 206 13.10 -36.13 29.16
C SER C 206 14.12 -35.01 29.33
N VAL C 207 14.57 -34.86 30.58
CA VAL C 207 15.60 -33.89 30.96
C VAL C 207 16.79 -34.66 31.50
N THR C 208 17.99 -34.36 31.02
CA THR C 208 19.22 -34.90 31.56
C THR C 208 20.18 -33.76 31.84
N VAL C 209 20.86 -33.81 32.98
CA VAL C 209 21.90 -32.84 33.33
C VAL C 209 23.14 -33.63 33.72
N THR C 210 24.28 -33.29 33.14
CA THR C 210 25.46 -34.12 33.35
C THR C 210 26.71 -33.29 33.12
N ALA C 211 27.80 -33.67 33.79
CA ALA C 211 29.10 -33.08 33.55
C ALA C 211 29.92 -33.87 32.54
N ASP C 212 29.34 -34.94 31.97
CA ASP C 212 30.05 -35.85 31.07
C ASP C 212 29.76 -35.42 29.63
N ALA C 213 30.68 -34.65 29.04
CA ALA C 213 30.43 -34.03 27.73
C ALA C 213 30.33 -35.08 26.64
N HIS C 214 31.34 -35.94 26.55
CA HIS C 214 31.28 -37.18 25.80
C HIS C 214 29.95 -37.95 25.94
N ALA C 215 29.43 -38.16 27.16
CA ALA C 215 28.14 -38.87 27.21
C ALA C 215 27.02 -38.04 26.58
N ALA C 216 27.07 -36.72 26.76
CA ALA C 216 26.02 -35.87 26.21
C ALA C 216 26.07 -35.83 24.69
N ALA C 217 27.26 -35.89 24.11
CA ALA C 217 27.36 -35.84 22.65
C ALA C 217 26.98 -37.16 22.00
N ALA C 218 27.23 -38.28 22.67
CA ALA C 218 27.05 -39.59 22.06
C ALA C 218 25.61 -39.79 21.63
N GLY C 219 25.40 -40.06 20.33
CA GLY C 219 24.08 -40.33 19.82
C GLY C 219 23.14 -39.13 19.81
N ALA C 220 23.66 -37.92 19.92
CA ALA C 220 22.79 -36.76 19.83
C ALA C 220 22.46 -36.42 18.38
N ASP C 221 21.23 -35.91 18.18
CA ASP C 221 20.77 -35.45 16.88
C ASP C 221 21.12 -33.98 16.66
N VAL C 222 21.21 -33.22 17.74
CA VAL C 222 21.43 -31.77 17.67
C VAL C 222 22.38 -31.43 18.80
N LEU C 223 23.44 -30.68 18.49
CA LEU C 223 24.40 -30.20 19.46
C LEU C 223 24.33 -28.68 19.47
N VAL C 224 24.22 -28.09 20.65
CA VAL C 224 24.05 -26.64 20.77
C VAL C 224 25.06 -26.09 21.77
N THR C 225 25.54 -24.87 21.51
CA THR C 225 26.33 -24.18 22.52
C THR C 225 26.07 -22.69 22.37
N ASP C 226 26.72 -21.90 23.25
CA ASP C 226 26.50 -20.47 23.37
C ASP C 226 27.75 -19.92 24.05
N THR C 227 27.92 -18.60 24.04
CA THR C 227 29.08 -18.04 24.71
C THR C 227 29.03 -18.34 26.20
N TRP C 228 30.21 -18.50 26.79
CA TRP C 228 30.31 -18.93 28.18
C TRP C 228 30.02 -17.79 29.16
N THR C 229 30.01 -16.55 28.70
CA THR C 229 29.95 -15.41 29.61
C THR C 229 29.17 -14.28 28.96
N SER C 230 28.20 -13.72 29.69
CA SER C 230 27.58 -12.48 29.30
C SER C 230 28.34 -11.30 29.89
N MET C 231 28.10 -10.10 29.36
CA MET C 231 28.75 -8.90 29.89
C MET C 231 28.53 -8.77 31.40
N GLY C 232 27.29 -8.97 31.83
CA GLY C 232 26.97 -8.91 33.24
C GLY C 232 27.82 -9.81 34.09
N GLN C 233 28.41 -10.86 33.50
CA GLN C 233 29.16 -11.85 34.24
C GLN C 233 30.68 -11.63 34.20
N GLU C 234 31.15 -10.70 33.37
CA GLU C 234 32.60 -10.53 33.22
C GLU C 234 33.26 -10.17 34.55
N ASN C 235 32.53 -9.51 35.45
CA ASN C 235 33.09 -9.08 36.71
C ASN C 235 32.60 -9.91 37.89
N ASP C 236 32.15 -11.14 37.65
CA ASP C 236 31.59 -11.92 38.74
C ASP C 236 32.67 -12.61 39.57
N GLY C 237 33.94 -12.50 39.19
CA GLY C 237 35.02 -13.04 39.97
C GLY C 237 35.44 -14.44 39.60
N LEU C 238 34.67 -15.13 38.76
CA LEU C 238 34.97 -16.50 38.38
C LEU C 238 35.92 -16.55 37.19
N ASP C 239 36.80 -17.53 37.20
CA ASP C 239 37.47 -17.99 35.98
C ASP C 239 36.40 -18.65 35.13
N ARG C 240 36.01 -18.02 34.03
CA ARG C 240 34.88 -18.48 33.20
C ARG C 240 35.39 -19.13 31.91
N VAL C 241 36.57 -19.72 31.97
CA VAL C 241 37.17 -20.42 30.79
C VAL C 241 37.56 -21.84 31.19
N LYS C 242 38.39 -21.98 32.21
CA LYS C 242 38.87 -23.33 32.64
C LYS C 242 37.73 -24.33 32.83
N PRO C 243 36.64 -24.02 33.55
CA PRO C 243 35.62 -25.01 33.75
C PRO C 243 34.90 -25.42 32.47
N PHE C 244 35.04 -24.64 31.39
CA PHE C 244 34.18 -24.89 30.23
C PHE C 244 34.87 -25.57 29.06
N ARG C 245 36.19 -25.60 29.06
CA ARG C 245 36.90 -26.20 27.93
C ARG C 245 36.59 -27.66 27.66
N PRO C 246 36.39 -28.54 28.66
CA PRO C 246 35.91 -29.90 28.36
C PRO C 246 34.60 -29.92 27.60
N PHE C 247 33.83 -28.82 27.61
CA PHE C 247 32.52 -28.75 26.97
C PHE C 247 32.56 -28.00 25.64
N GLN C 248 33.75 -27.70 25.13
CA GLN C 248 33.88 -27.05 23.83
C GLN C 248 33.26 -27.92 22.74
N LEU C 249 32.50 -27.29 21.85
CA LEU C 249 31.89 -28.03 20.75
C LEU C 249 32.91 -28.01 19.61
N ASN C 250 33.72 -29.07 19.52
CA ASN C 250 34.80 -29.18 18.55
C ASN C 250 34.58 -30.44 17.70
N SER C 251 35.50 -30.67 16.77
CA SER C 251 35.34 -31.77 15.82
C SER C 251 35.29 -33.13 16.51
N ARG C 252 36.06 -33.31 17.60
CA ARG C 252 36.05 -34.58 18.32
C ARG C 252 34.72 -34.81 19.01
N LEU C 253 34.14 -33.77 19.60
CA LEU C 253 32.84 -33.91 20.24
C LEU C 253 31.77 -34.23 19.19
N LEU C 254 31.77 -33.49 18.08
CA LEU C 254 30.77 -33.70 17.04
C LEU C 254 30.81 -35.11 16.47
N ALA C 255 32.01 -35.69 16.35
CA ALA C 255 32.15 -37.03 15.78
C ALA C 255 31.52 -38.10 16.67
N LEU C 256 31.29 -37.79 17.95
CA LEU C 256 30.61 -38.73 18.85
C LEU C 256 29.11 -38.79 18.59
N ALA C 257 28.52 -37.72 18.04
CA ALA C 257 27.08 -37.67 17.88
C ALA C 257 26.63 -38.52 16.70
N ASP C 258 25.32 -38.61 16.50
CA ASP C 258 24.81 -39.26 15.30
C ASP C 258 25.46 -38.67 14.06
N SER C 259 25.63 -39.51 13.03
CA SER C 259 26.32 -39.02 11.84
C SER C 259 25.50 -37.98 11.08
N ASP C 260 24.19 -37.88 11.32
CA ASP C 260 23.38 -36.85 10.68
C ASP C 260 23.12 -35.66 11.61
N ALA C 261 23.93 -35.48 12.65
CA ALA C 261 23.69 -34.45 13.65
C ALA C 261 23.93 -33.06 13.07
N ILE C 262 23.18 -32.08 13.60
CA ILE C 262 23.38 -30.69 13.22
C ILE C 262 23.79 -29.91 14.46
N VAL C 263 24.36 -28.72 14.21
CA VAL C 263 24.94 -27.88 15.24
C VAL C 263 24.24 -26.53 15.20
N LEU C 264 23.84 -26.02 16.37
CA LEU C 264 23.20 -24.73 16.51
C LEU C 264 24.03 -23.86 17.45
N HIS C 265 23.98 -22.55 17.21
CA HIS C 265 24.65 -21.56 18.06
C HIS C 265 23.89 -20.25 17.86
N CYS C 266 23.34 -19.67 18.93
CA CYS C 266 22.46 -18.52 18.76
C CYS C 266 23.16 -17.23 18.32
N LEU C 267 24.49 -17.17 18.39
CA LEU C 267 25.30 -16.05 17.88
C LEU C 267 25.20 -14.82 18.78
N PRO C 268 26.26 -14.01 18.89
CA PRO C 268 27.51 -14.20 18.14
C PRO C 268 28.35 -15.32 18.76
N ALA C 269 29.20 -15.93 17.95
CA ALA C 269 30.09 -16.98 18.40
C ALA C 269 31.47 -16.39 18.67
N HIS C 270 32.14 -16.94 19.68
CA HIS C 270 33.55 -16.66 19.95
C HIS C 270 34.32 -17.89 19.50
N ARG C 271 34.71 -17.85 18.23
CA ARG C 271 35.39 -18.97 17.59
C ARG C 271 36.67 -19.28 18.35
N GLY C 272 36.88 -20.56 18.65
CA GLY C 272 38.02 -20.99 19.44
C GLY C 272 37.72 -21.16 20.90
N ASP C 273 36.62 -20.58 21.40
CA ASP C 273 36.22 -20.81 22.78
C ASP C 273 35.15 -21.90 22.83
N GLU C 274 33.86 -21.52 22.83
CA GLU C 274 32.82 -22.52 22.96
C GLU C 274 32.63 -23.39 21.71
N ILE C 275 33.11 -22.95 20.56
CA ILE C 275 32.93 -23.66 19.30
C ILE C 275 34.14 -23.38 18.42
N THR C 276 34.48 -24.35 17.57
CA THR C 276 35.64 -24.21 16.69
C THR C 276 35.22 -23.81 15.28
N ASP C 277 36.17 -23.23 14.55
CA ASP C 277 35.93 -22.91 13.14
C ASP C 277 35.47 -24.13 12.37
N ALA C 278 36.14 -25.27 12.59
CA ALA C 278 35.83 -26.47 11.82
C ALA C 278 34.37 -26.86 11.98
N VAL C 279 33.85 -26.79 13.20
CA VAL C 279 32.47 -27.20 13.43
C VAL C 279 31.50 -26.15 12.90
N MET C 280 31.78 -24.91 13.19
CA MET C 280 30.82 -23.88 12.83
C MET C 280 30.76 -23.59 11.33
N ASP C 281 31.83 -23.84 10.60
CA ASP C 281 31.81 -23.71 9.13
C ASP C 281 31.66 -25.03 8.37
N GLY C 282 31.49 -26.15 9.07
CA GLY C 282 31.36 -27.43 8.42
C GLY C 282 29.95 -27.83 8.05
N PRO C 283 29.80 -29.05 7.52
CA PRO C 283 28.51 -29.47 6.95
C PRO C 283 27.42 -29.70 7.98
N ALA C 284 27.75 -29.88 9.27
CA ALA C 284 26.72 -30.05 10.29
C ALA C 284 26.13 -28.72 10.77
N SER C 285 26.81 -27.62 10.51
CA SER C 285 26.37 -26.34 11.06
C SER C 285 25.08 -25.86 10.41
N ALA C 286 24.11 -25.47 11.25
CA ALA C 286 22.89 -24.84 10.76
C ALA C 286 22.74 -23.44 11.31
N VAL C 287 23.85 -22.80 11.70
CA VAL C 287 23.77 -21.53 12.41
C VAL C 287 23.25 -20.39 11.54
N TRP C 288 23.47 -20.45 10.22
CA TRP C 288 23.01 -19.34 9.38
C TRP C 288 21.52 -19.42 9.10
N ASP C 289 20.99 -20.62 8.80
CA ASP C 289 19.54 -20.78 8.72
C ASP C 289 18.88 -20.46 10.05
N GLU C 290 19.50 -20.92 11.15
CA GLU C 290 19.08 -20.57 12.50
C GLU C 290 18.91 -19.07 12.67
N ALA C 291 19.93 -18.31 12.29
CA ALA C 291 19.84 -16.85 12.42
C ALA C 291 18.73 -16.27 11.56
N GLU C 292 18.61 -16.71 10.30
CA GLU C 292 17.52 -16.25 9.44
C GLU C 292 16.17 -16.51 10.06
N ASN C 293 16.01 -17.67 10.70
CA ASN C 293 14.69 -18.08 11.19
C ASN C 293 14.23 -17.28 12.40
N ARG C 294 15.11 -16.52 13.04
CA ARG C 294 14.62 -15.53 14.01
C ARG C 294 13.54 -14.66 13.36
N LEU C 295 13.75 -14.26 12.11
CA LEU C 295 12.78 -13.39 11.47
C LEU C 295 11.43 -14.10 11.34
N HIS C 296 11.44 -15.32 10.80
CA HIS C 296 10.18 -16.01 10.49
C HIS C 296 9.48 -16.47 11.75
N ALA C 297 10.24 -17.03 12.71
CA ALA C 297 9.62 -17.54 13.92
C ALA C 297 9.03 -16.40 14.78
N GLN C 298 9.69 -15.25 14.83
CA GLN C 298 9.14 -14.14 15.60
C GLN C 298 7.90 -13.56 14.91
N LYS C 299 7.89 -13.51 13.59
CA LYS C 299 6.65 -13.08 12.91
C LYS C 299 5.51 -14.03 13.22
N ALA C 300 5.76 -15.36 13.17
CA ALA C 300 4.73 -16.33 13.48
C ALA C 300 4.19 -16.12 14.89
N LEU C 301 5.09 -15.93 15.87
CA LEU C 301 4.67 -15.69 17.23
C LEU C 301 3.77 -14.46 17.32
N LEU C 302 4.16 -13.36 16.68
CA LEU C 302 3.35 -12.15 16.72
C LEU C 302 1.96 -12.38 16.11
N VAL C 303 1.92 -12.99 14.92
CA VAL C 303 0.63 -13.30 14.30
C VAL C 303 -0.24 -14.08 15.28
N TRP C 304 0.36 -15.14 15.88
CA TRP C 304 -0.40 -16.03 16.75
C TRP C 304 -0.90 -15.32 17.98
N LEU C 305 -0.04 -14.53 18.62
CA LEU C 305 -0.46 -13.81 19.83
C LEU C 305 -1.52 -12.76 19.51
N LEU C 306 -1.33 -12.02 18.43
CA LEU C 306 -2.31 -10.99 18.08
C LEU C 306 -3.69 -11.61 17.82
N GLU C 307 -3.78 -12.76 17.19
CA GLU C 307 -5.13 -13.29 16.89
C GLU C 307 -5.79 -13.93 18.11
N ARG C 308 -5.04 -14.23 19.16
CA ARG C 308 -5.62 -14.94 20.32
C ARG C 308 -5.88 -13.90 21.39
N SER C 309 -5.52 -12.66 21.13
CA SER C 309 -5.62 -11.63 22.16
C SER C 309 -6.49 -10.48 21.65
N VAL D 3 -1.77 -31.85 -6.11
CA VAL D 3 -1.55 -30.54 -5.54
C VAL D 3 -2.65 -29.49 -5.77
N ILE D 4 -3.24 -29.29 -6.94
CA ILE D 4 -4.16 -28.15 -7.07
C ILE D 4 -5.55 -28.53 -6.58
N ARG D 5 -6.04 -27.78 -5.58
CA ARG D 5 -7.33 -28.07 -4.98
C ARG D 5 -8.44 -27.25 -5.65
N HIS D 6 -9.57 -27.89 -5.88
CA HIS D 6 -10.74 -27.22 -6.45
C HIS D 6 -11.92 -27.37 -5.50
N PHE D 7 -12.94 -26.54 -5.71
CA PHE D 7 -14.16 -26.57 -4.89
C PHE D 7 -15.35 -26.48 -5.85
N LEU D 8 -15.75 -27.63 -6.39
CA LEU D 8 -16.85 -27.68 -7.40
C LEU D 8 -18.14 -28.19 -6.75
N ARG D 9 -18.04 -28.84 -5.61
CA ARG D 9 -19.17 -29.41 -4.87
C ARG D 9 -18.78 -29.43 -3.38
N ASP D 10 -19.74 -29.50 -2.49
CA ASP D 10 -19.47 -29.32 -1.05
C ASP D 10 -18.53 -30.37 -0.48
N ASP D 11 -18.61 -31.58 -0.99
CA ASP D 11 -17.82 -32.72 -0.49
C ASP D 11 -16.40 -32.70 -1.06
N ASP D 12 -16.05 -31.67 -1.82
CA ASP D 12 -14.64 -31.52 -2.25
C ASP D 12 -13.80 -31.23 -1.01
N LEU D 13 -14.40 -30.66 0.04
CA LEU D 13 -13.71 -30.54 1.32
C LEU D 13 -14.06 -31.74 2.18
N SER D 14 -13.05 -32.30 2.85
CA SER D 14 -13.27 -33.33 3.83
C SER D 14 -13.88 -32.67 5.08
N PRO D 15 -14.42 -33.47 6.01
CA PRO D 15 -14.90 -32.86 7.27
C PRO D 15 -13.85 -32.00 7.97
N ALA D 16 -12.60 -32.48 8.06
CA ALA D 16 -11.59 -31.67 8.74
C ALA D 16 -11.28 -30.42 7.93
N GLU D 17 -11.25 -30.57 6.61
CA GLU D 17 -10.91 -29.43 5.77
C GLU D 17 -12.02 -28.38 5.81
N GLN D 18 -13.28 -28.84 5.80
CA GLN D 18 -14.39 -27.90 5.94
C GLN D 18 -14.31 -27.13 7.26
N ALA D 19 -13.95 -27.82 8.35
CA ALA D 19 -13.85 -27.13 9.63
C ALA D 19 -12.77 -26.06 9.59
N GLU D 20 -11.65 -26.35 8.90
CA GLU D 20 -10.60 -25.35 8.75
C GLU D 20 -11.12 -24.12 8.02
N VAL D 21 -11.84 -24.33 6.92
CA VAL D 21 -12.37 -23.20 6.15
C VAL D 21 -13.33 -22.37 6.99
N LEU D 22 -14.22 -23.03 7.73
CA LEU D 22 -15.19 -22.28 8.52
C LEU D 22 -14.53 -21.53 9.68
N GLU D 23 -13.48 -22.11 10.27
CA GLU D 23 -12.74 -21.38 11.30
C GLU D 23 -12.09 -20.13 10.71
N LEU D 24 -11.50 -20.27 9.52
CA LEU D 24 -10.90 -19.14 8.84
C LEU D 24 -11.94 -18.08 8.50
N ALA D 25 -13.15 -18.51 8.13
CA ALA D 25 -14.23 -17.54 7.84
C ALA D 25 -14.56 -16.69 9.06
N ALA D 26 -14.59 -17.30 10.25
CA ALA D 26 -14.81 -16.52 11.46
C ALA D 26 -13.64 -15.58 11.73
N GLU D 27 -12.40 -16.04 11.51
CA GLU D 27 -11.24 -15.17 11.70
C GLU D 27 -11.27 -13.98 10.75
N LEU D 28 -11.65 -14.22 9.49
CA LEU D 28 -11.67 -13.15 8.50
C LEU D 28 -12.84 -12.19 8.72
N LYS D 29 -13.95 -12.67 9.30
CA LYS D 29 -15.03 -11.74 9.67
C LYS D 29 -14.55 -10.74 10.72
N LYS D 30 -13.73 -11.22 11.65
CA LYS D 30 -13.19 -10.35 12.70
C LYS D 30 -12.12 -9.40 12.17
N ASP D 31 -11.27 -9.88 11.26
CA ASP D 31 -10.13 -9.11 10.74
C ASP D 31 -10.10 -9.23 9.22
N PRO D 32 -10.93 -8.46 8.51
CA PRO D 32 -11.16 -8.72 7.08
C PRO D 32 -10.02 -8.39 6.14
N VAL D 33 -8.99 -7.63 6.54
CA VAL D 33 -7.88 -7.37 5.63
C VAL D 33 -6.55 -7.89 6.18
N SER D 34 -6.62 -8.84 7.12
CA SER D 34 -5.45 -9.45 7.75
C SER D 34 -4.79 -10.54 6.89
N ARG D 35 -5.47 -11.04 5.87
CA ARG D 35 -4.91 -12.07 4.99
C ARG D 35 -4.82 -11.48 3.60
N ARG D 36 -3.62 -11.43 3.04
CA ARG D 36 -3.40 -10.77 1.74
C ARG D 36 -2.63 -11.68 0.79
N PRO D 37 -3.14 -12.90 0.55
CA PRO D 37 -2.43 -13.83 -0.34
C PRO D 37 -2.42 -13.38 -1.78
N LEU D 38 -3.28 -12.43 -2.17
CA LEU D 38 -3.37 -11.97 -3.53
C LEU D 38 -2.76 -10.58 -3.71
N GLN D 39 -1.99 -10.15 -2.72
CA GLN D 39 -1.31 -8.83 -2.81
C GLN D 39 -0.50 -8.72 -4.11
N GLY D 40 -0.45 -7.51 -4.66
CA GLY D 40 0.26 -7.29 -5.93
C GLY D 40 -0.26 -6.09 -6.72
N PRO D 41 -1.48 -6.13 -7.28
CA PRO D 41 -2.40 -7.24 -7.10
C PRO D 41 -2.26 -8.49 -7.98
N ARG D 42 -2.60 -9.63 -7.41
CA ARG D 42 -2.66 -10.86 -8.23
C ARG D 42 -4.10 -10.92 -8.72
N GLY D 43 -4.31 -11.69 -9.76
CA GLY D 43 -5.64 -11.71 -10.34
C GLY D 43 -6.49 -12.92 -9.99
N VAL D 44 -7.77 -12.70 -10.00
CA VAL D 44 -8.76 -13.80 -9.90
C VAL D 44 -9.85 -13.58 -10.94
N ALA D 45 -10.16 -14.61 -11.72
CA ALA D 45 -11.22 -14.50 -12.71
C ALA D 45 -12.58 -14.75 -12.04
N VAL D 46 -13.57 -13.93 -12.38
CA VAL D 46 -14.95 -14.16 -11.92
C VAL D 46 -15.85 -14.14 -13.16
N ILE D 47 -16.30 -15.32 -13.59
CA ILE D 47 -16.93 -15.53 -14.88
C ILE D 47 -18.37 -16.00 -14.66
N PHE D 48 -19.31 -15.42 -15.41
CA PHE D 48 -20.71 -15.79 -15.33
C PHE D 48 -21.24 -16.20 -16.71
N ASP D 49 -21.68 -17.46 -16.83
CA ASP D 49 -22.49 -17.84 -17.99
C ASP D 49 -23.89 -17.27 -17.89
N LYS D 50 -24.40 -17.10 -16.67
CA LYS D 50 -25.62 -16.36 -16.38
C LYS D 50 -25.29 -15.40 -15.25
N ASN D 51 -25.70 -14.15 -15.38
CA ASN D 51 -25.30 -13.15 -14.40
C ASN D 51 -25.93 -13.40 -13.04
N SER D 52 -25.21 -13.00 -12.00
CA SER D 52 -25.71 -13.04 -10.63
C SER D 52 -25.08 -11.85 -9.91
N THR D 53 -25.79 -10.73 -9.90
CA THR D 53 -25.28 -9.52 -9.25
C THR D 53 -24.90 -9.78 -7.78
N ARG D 54 -25.73 -10.56 -7.08
CA ARG D 54 -25.46 -10.89 -5.68
C ARG D 54 -24.14 -11.63 -5.52
N THR D 55 -23.84 -12.54 -6.45
CA THR D 55 -22.56 -13.24 -6.41
C THR D 55 -21.41 -12.31 -6.72
N ARG D 56 -21.62 -11.31 -7.58
CA ARG D 56 -20.53 -10.40 -7.92
C ARG D 56 -20.12 -9.57 -6.72
N PHE D 57 -21.09 -9.04 -5.99
CA PHE D 57 -20.75 -8.19 -4.84
C PHE D 57 -19.85 -8.93 -3.88
N SER D 58 -20.22 -10.15 -3.51
CA SER D 58 -19.45 -10.86 -2.49
C SER D 58 -18.06 -11.24 -3.01
N PHE D 59 -17.98 -11.81 -4.22
CA PHE D 59 -16.68 -12.24 -4.74
C PHE D 59 -15.79 -11.05 -5.10
N GLU D 60 -16.37 -10.02 -5.73
CA GLU D 60 -15.53 -8.92 -6.19
C GLU D 60 -14.91 -8.17 -5.00
N LEU D 61 -15.69 -7.96 -3.95
CA LEU D 61 -15.12 -7.29 -2.79
C LEU D 61 -14.22 -8.23 -1.98
N GLY D 62 -14.59 -9.51 -1.91
CA GLY D 62 -13.76 -10.43 -1.16
C GLY D 62 -12.37 -10.55 -1.74
N ILE D 63 -12.31 -10.68 -3.07
CA ILE D 63 -11.02 -10.77 -3.73
C ILE D 63 -10.21 -9.51 -3.47
N ALA D 64 -10.84 -8.35 -3.58
CA ALA D 64 -10.13 -7.09 -3.32
C ALA D 64 -9.58 -7.03 -1.89
N GLN D 65 -10.34 -7.53 -0.92
CA GLN D 65 -9.92 -7.48 0.48
C GLN D 65 -8.82 -8.50 0.80
N LEU D 66 -8.58 -9.49 -0.07
CA LEU D 66 -7.40 -10.34 -0.02
C LEU D 66 -6.22 -9.72 -0.77
N GLY D 67 -6.37 -8.48 -1.24
CA GLY D 67 -5.32 -7.80 -1.96
C GLY D 67 -5.32 -7.99 -3.47
N GLY D 68 -6.25 -8.79 -4.01
CA GLY D 68 -6.23 -9.07 -5.44
C GLY D 68 -7.12 -8.15 -6.26
N HIS D 69 -7.15 -8.43 -7.57
CA HIS D 69 -8.02 -7.73 -8.51
C HIS D 69 -8.91 -8.75 -9.21
N ALA D 70 -10.22 -8.64 -9.03
CA ALA D 70 -11.15 -9.50 -9.74
C ALA D 70 -11.36 -9.01 -11.17
N VAL D 71 -11.17 -9.90 -12.14
CA VAL D 71 -11.56 -9.63 -13.52
C VAL D 71 -12.92 -10.26 -13.72
N VAL D 72 -13.97 -9.44 -13.86
CA VAL D 72 -15.35 -9.91 -13.82
C VAL D 72 -15.88 -9.94 -15.24
N VAL D 73 -16.34 -11.11 -15.67
CA VAL D 73 -16.76 -11.33 -17.05
C VAL D 73 -18.22 -11.75 -17.00
N ASP D 74 -19.09 -10.88 -17.49
CA ASP D 74 -20.54 -11.15 -17.45
C ASP D 74 -20.98 -11.92 -18.70
N SER D 75 -22.23 -12.35 -18.72
CA SER D 75 -22.79 -13.11 -19.87
C SER D 75 -22.74 -12.22 -21.11
N GLY D 76 -22.34 -12.81 -22.22
CA GLY D 76 -22.28 -12.03 -23.46
C GLY D 76 -20.89 -11.57 -23.77
N SER D 77 -19.88 -12.33 -23.36
CA SER D 77 -18.48 -12.04 -23.73
C SER D 77 -18.12 -13.16 -24.70
N THR D 78 -19.12 -13.96 -25.09
CA THR D 78 -18.98 -15.17 -25.92
C THR D 78 -19.05 -16.34 -24.92
N GLN D 79 -20.18 -17.05 -24.91
CA GLN D 79 -20.37 -18.19 -23.97
C GLN D 79 -19.13 -19.09 -24.00
N LEU D 80 -18.63 -19.36 -22.82
CA LEU D 80 -17.40 -20.16 -22.75
C LEU D 80 -17.65 -21.51 -23.42
N GLY D 81 -16.69 -21.96 -24.21
CA GLY D 81 -16.76 -23.22 -24.92
C GLY D 81 -17.18 -23.11 -26.37
N ARG D 82 -17.60 -21.93 -26.83
CA ARG D 82 -18.04 -21.78 -28.22
C ARG D 82 -16.88 -21.50 -29.16
N ASP D 83 -15.99 -20.61 -28.77
CA ASP D 83 -14.97 -20.06 -29.67
C ASP D 83 -13.61 -20.75 -29.48
N GLU D 84 -13.44 -21.47 -28.37
CA GLU D 84 -12.32 -22.37 -28.13
C GLU D 84 -12.77 -23.36 -27.07
N THR D 85 -12.02 -24.44 -26.92
CA THR D 85 -12.41 -25.44 -25.93
C THR D 85 -12.31 -24.86 -24.52
N LEU D 86 -13.09 -25.45 -23.60
CA LEU D 86 -13.00 -25.03 -22.20
C LEU D 86 -11.60 -25.27 -21.64
N GLN D 87 -10.96 -26.38 -22.06
CA GLN D 87 -9.60 -26.66 -21.62
C GLN D 87 -8.61 -25.60 -22.10
N ASP D 88 -8.77 -25.12 -23.34
CA ASP D 88 -7.88 -24.06 -23.81
C ASP D 88 -8.09 -22.78 -23.01
N THR D 89 -9.34 -22.45 -22.70
CA THR D 89 -9.61 -21.27 -21.90
C THR D 89 -9.02 -21.42 -20.50
N ALA D 90 -9.17 -22.60 -19.90
CA ALA D 90 -8.63 -22.83 -18.56
C ALA D 90 -7.12 -22.71 -18.53
N LYS D 91 -6.44 -23.17 -19.59
CA LYS D 91 -5.00 -23.11 -19.62
C LYS D 91 -4.50 -21.67 -19.73
N VAL D 92 -5.21 -20.83 -20.48
CA VAL D 92 -4.78 -19.44 -20.60
C VAL D 92 -5.13 -18.67 -19.33
N LEU D 93 -6.33 -18.87 -18.80
CA LEU D 93 -6.68 -18.23 -17.53
C LEU D 93 -5.64 -18.54 -16.46
N SER D 94 -5.14 -19.77 -16.45
CA SER D 94 -4.15 -20.21 -15.46
C SER D 94 -2.85 -19.40 -15.55
N ARG D 95 -2.58 -18.73 -16.65
CA ARG D 95 -1.42 -17.87 -16.75
C ARG D 95 -1.70 -16.43 -16.34
N TYR D 96 -2.96 -16.01 -16.30
CA TYR D 96 -3.32 -14.63 -15.94
C TYR D 96 -3.79 -14.49 -14.50
N VAL D 97 -4.45 -15.50 -13.92
CA VAL D 97 -5.08 -15.36 -12.61
C VAL D 97 -4.61 -16.49 -11.71
N ASP D 98 -4.88 -16.31 -10.41
CA ASP D 98 -4.54 -17.27 -9.37
C ASP D 98 -5.60 -18.25 -9.01
N ALA D 99 -6.82 -18.02 -9.46
CA ALA D 99 -7.99 -18.81 -9.12
C ALA D 99 -9.06 -18.39 -10.11
N ILE D 100 -9.94 -19.35 -10.43
CA ILE D 100 -11.04 -19.17 -11.38
C ILE D 100 -12.33 -19.40 -10.61
N VAL D 101 -13.15 -18.36 -10.48
CA VAL D 101 -14.48 -18.43 -9.90
C VAL D 101 -15.49 -18.41 -11.04
N TRP D 102 -16.36 -19.41 -11.11
CA TRP D 102 -17.19 -19.59 -12.31
C TRP D 102 -18.62 -19.97 -11.96
N ARG D 103 -19.58 -19.22 -12.49
CA ARG D 103 -21.01 -19.56 -12.35
C ARG D 103 -21.42 -20.14 -13.69
N THR D 104 -21.75 -21.41 -13.73
CA THR D 104 -22.11 -22.06 -14.98
C THR D 104 -23.28 -23.01 -14.72
N PHE D 105 -23.47 -23.96 -15.64
CA PHE D 105 -24.71 -24.72 -15.72
C PHE D 105 -24.44 -26.14 -15.33
N GLY D 106 -24.12 -27.03 -16.29
CA GLY D 106 -23.91 -28.42 -15.96
C GLY D 106 -22.56 -28.65 -15.27
N GLN D 107 -22.54 -29.65 -14.39
CA GLN D 107 -21.34 -29.94 -13.63
C GLN D 107 -20.17 -30.39 -14.52
N GLU D 108 -20.48 -30.93 -15.70
CA GLU D 108 -19.40 -31.42 -16.56
C GLU D 108 -18.52 -30.27 -17.05
N ARG D 109 -19.08 -29.07 -17.15
CA ARG D 109 -18.31 -27.92 -17.59
C ARG D 109 -17.29 -27.53 -16.53
N LEU D 110 -17.71 -27.47 -15.26
CA LEU D 110 -16.77 -27.21 -14.18
C LEU D 110 -15.66 -28.26 -14.15
N ASP D 111 -16.02 -29.54 -14.27
CA ASP D 111 -15.01 -30.59 -14.30
C ASP D 111 -14.03 -30.40 -15.45
N ALA D 112 -14.52 -29.86 -16.59
CA ALA D 112 -13.65 -29.66 -17.75
C ALA D 112 -12.51 -28.69 -17.43
N MET D 113 -12.81 -27.51 -16.87
CA MET D 113 -11.72 -26.61 -16.53
C MET D 113 -10.86 -27.13 -15.38
N ALA D 114 -11.48 -27.71 -14.36
CA ALA D 114 -10.68 -28.22 -13.25
C ALA D 114 -9.73 -29.31 -13.71
N SER D 115 -10.09 -30.02 -14.79
CA SER D 115 -9.25 -31.13 -15.26
C SER D 115 -7.89 -30.66 -15.73
N VAL D 116 -7.75 -29.39 -16.16
CA VAL D 116 -6.49 -28.92 -16.73
C VAL D 116 -5.98 -27.65 -16.05
N ALA D 117 -6.83 -26.96 -15.27
CA ALA D 117 -6.40 -25.70 -14.68
C ALA D 117 -5.24 -25.97 -13.72
N THR D 118 -4.25 -25.09 -13.73
CA THR D 118 -3.16 -25.14 -12.75
C THR D 118 -3.42 -24.21 -11.56
N VAL D 119 -4.65 -23.72 -11.43
CA VAL D 119 -5.08 -22.88 -10.31
C VAL D 119 -6.42 -23.40 -9.84
N PRO D 120 -6.81 -23.09 -8.60
CA PRO D 120 -8.12 -23.55 -8.10
C PRO D 120 -9.27 -23.04 -8.93
N VAL D 121 -10.24 -23.92 -9.16
CA VAL D 121 -11.53 -23.60 -9.77
C VAL D 121 -12.59 -23.70 -8.69
N ILE D 122 -13.45 -22.68 -8.61
CA ILE D 122 -14.47 -22.56 -7.57
C ILE D 122 -15.83 -22.42 -8.24
N ASN D 123 -16.78 -23.27 -7.85
CA ASN D 123 -18.17 -23.20 -8.32
C ASN D 123 -18.88 -22.10 -7.55
N ALA D 124 -19.06 -20.96 -8.21
CA ALA D 124 -19.75 -19.84 -7.58
C ALA D 124 -21.23 -20.14 -7.37
N LEU D 125 -21.81 -21.00 -8.21
CA LEU D 125 -23.24 -21.34 -8.29
C LEU D 125 -23.41 -22.12 -9.59
N SER D 126 -24.05 -23.29 -9.54
CA SER D 126 -24.27 -24.11 -10.73
C SER D 126 -25.68 -24.68 -10.68
N ASP D 127 -26.04 -25.39 -11.76
CA ASP D 127 -27.34 -26.05 -11.80
C ASP D 127 -27.49 -27.01 -10.63
N GLU D 128 -26.44 -27.77 -10.34
CA GLU D 128 -26.56 -28.89 -9.43
C GLU D 128 -26.13 -28.58 -8.01
N PHE D 129 -25.26 -27.57 -7.81
CA PHE D 129 -24.72 -27.33 -6.49
C PHE D 129 -24.65 -25.83 -6.26
N HIS D 130 -24.65 -25.43 -4.99
CA HIS D 130 -24.38 -24.02 -4.64
C HIS D 130 -23.53 -24.03 -3.39
N PRO D 131 -22.28 -24.50 -3.52
CA PRO D 131 -21.49 -24.84 -2.34
C PRO D 131 -20.99 -23.62 -1.56
N CYS D 132 -20.75 -22.50 -2.23
CA CYS D 132 -20.32 -21.32 -1.49
C CYS D 132 -21.45 -20.80 -0.60
N GLN D 133 -22.69 -20.83 -1.10
CA GLN D 133 -23.79 -20.40 -0.25
C GLN D 133 -23.87 -21.26 1.00
N VAL D 134 -23.66 -22.57 0.87
CA VAL D 134 -23.80 -23.41 2.07
C VAL D 134 -22.65 -23.18 3.05
N LEU D 135 -21.43 -22.84 2.59
CA LEU D 135 -20.39 -22.46 3.55
C LEU D 135 -20.84 -21.24 4.35
N ALA D 136 -21.44 -20.23 3.68
CA ALA D 136 -21.95 -19.07 4.39
C ALA D 136 -23.04 -19.49 5.36
N ASP D 137 -23.94 -20.40 4.93
CA ASP D 137 -24.96 -20.93 5.84
C ASP D 137 -24.35 -21.59 7.08
N LEU D 138 -23.34 -22.44 6.89
CA LEU D 138 -22.73 -23.13 8.04
C LEU D 138 -22.02 -22.15 8.97
N GLN D 139 -21.36 -21.12 8.41
CA GLN D 139 -20.78 -20.06 9.24
C GLN D 139 -21.85 -19.37 10.07
N THR D 140 -23.00 -19.08 9.45
CA THR D 140 -24.10 -18.43 10.15
C THR D 140 -24.63 -19.31 11.27
N ILE D 141 -24.87 -20.60 10.98
CA ILE D 141 -25.34 -21.50 12.04
C ILE D 141 -24.33 -21.55 13.18
N ALA D 142 -23.04 -21.66 12.85
CA ALA D 142 -22.00 -21.75 13.89
C ALA D 142 -21.98 -20.49 14.76
N GLU D 143 -22.15 -19.32 14.15
CA GLU D 143 -22.20 -18.08 14.92
C GLU D 143 -23.30 -18.11 15.94
N ARG D 144 -24.46 -18.65 15.57
CA ARG D 144 -25.64 -18.63 16.42
C ARG D 144 -25.63 -19.76 17.43
N LYS D 145 -25.09 -20.92 17.09
CA LYS D 145 -25.35 -22.11 17.87
C LYS D 145 -24.11 -22.86 18.33
N GLY D 146 -22.91 -22.44 17.94
CA GLY D 146 -21.72 -23.15 18.35
C GLY D 146 -21.40 -24.35 17.48
N ALA D 147 -21.05 -25.48 18.12
CA ALA D 147 -20.60 -26.63 17.36
C ALA D 147 -21.70 -27.18 16.46
N LEU D 148 -21.33 -27.47 15.21
CA LEU D 148 -22.31 -27.91 14.22
C LEU D 148 -22.68 -29.38 14.38
N ARG D 149 -21.75 -30.18 14.88
CA ARG D 149 -21.97 -31.64 14.94
C ARG D 149 -23.22 -31.97 15.75
N GLY D 150 -24.11 -32.76 15.14
CA GLY D 150 -25.29 -33.23 15.83
C GLY D 150 -26.50 -32.30 15.77
N LEU D 151 -26.37 -31.10 15.20
CA LEU D 151 -27.54 -30.25 15.02
C LEU D 151 -28.48 -30.88 13.98
N ARG D 152 -29.71 -30.38 13.98
CA ARG D 152 -30.73 -30.84 13.03
C ARG D 152 -31.12 -29.68 12.12
N LEU D 153 -30.99 -29.91 10.82
CA LEU D 153 -31.34 -28.92 9.80
C LEU D 153 -32.39 -29.51 8.86
N SER D 154 -33.43 -28.74 8.57
CA SER D 154 -34.47 -29.16 7.65
C SER D 154 -34.62 -28.14 6.53
N TYR D 155 -34.59 -28.60 5.29
CA TYR D 155 -34.79 -27.78 4.11
C TYR D 155 -36.18 -28.12 3.54
N PHE D 156 -36.90 -27.08 3.10
CA PHE D 156 -38.30 -27.21 2.67
C PHE D 156 -38.45 -26.70 1.24
N GLY D 157 -39.17 -27.47 0.42
CA GLY D 157 -39.58 -26.98 -0.89
C GLY D 157 -39.12 -27.84 -2.05
N ASP D 158 -38.38 -27.26 -3.00
CA ASP D 158 -37.88 -27.97 -4.17
C ASP D 158 -36.62 -28.72 -3.75
N GLY D 159 -36.76 -30.03 -3.52
CA GLY D 159 -35.66 -30.86 -3.08
C GLY D 159 -34.73 -31.35 -4.16
N ALA D 160 -34.91 -30.89 -5.39
CA ALA D 160 -34.08 -31.29 -6.53
C ALA D 160 -33.14 -30.18 -6.98
N ASN D 161 -33.14 -29.03 -6.32
CA ASN D 161 -32.35 -27.90 -6.80
C ASN D 161 -30.99 -27.87 -6.12
N ASN D 162 -30.21 -26.84 -6.47
CA ASN D 162 -28.81 -26.79 -6.06
C ASN D 162 -28.68 -26.59 -4.56
N MET D 163 -29.59 -25.83 -3.94
CA MET D 163 -29.51 -25.65 -2.50
C MET D 163 -29.79 -26.95 -1.75
N ALA D 164 -30.77 -27.73 -2.20
CA ALA D 164 -31.04 -29.00 -1.54
C ALA D 164 -29.83 -29.91 -1.61
N HIS D 165 -29.20 -30.00 -2.78
CA HIS D 165 -28.04 -30.87 -2.92
C HIS D 165 -26.88 -30.42 -2.04
N SER D 166 -26.61 -29.12 -2.00
CA SER D 166 -25.46 -28.63 -1.23
C SER D 166 -25.74 -28.68 0.27
N LEU D 167 -26.99 -28.40 0.69
CA LEU D 167 -27.27 -28.52 2.12
C LEU D 167 -27.12 -29.96 2.58
N LEU D 168 -27.49 -30.91 1.71
CA LEU D 168 -27.25 -32.31 2.03
C LEU D 168 -25.75 -32.57 2.17
N LEU D 169 -24.97 -32.28 1.12
CA LEU D 169 -23.57 -32.66 1.10
C LEU D 169 -22.76 -31.82 2.09
N GLY D 170 -22.96 -30.51 2.06
CA GLY D 170 -22.26 -29.63 3.00
C GLY D 170 -22.71 -29.88 4.44
N GLY D 171 -24.02 -30.09 4.64
CA GLY D 171 -24.52 -30.33 5.99
C GLY D 171 -23.93 -31.58 6.62
N VAL D 172 -23.95 -32.71 5.88
CA VAL D 172 -23.47 -33.94 6.50
C VAL D 172 -21.95 -33.89 6.65
N THR D 173 -21.25 -33.14 5.79
CA THR D 173 -19.81 -32.96 5.98
C THR D 173 -19.51 -32.30 7.33
N ALA D 174 -20.40 -31.43 7.81
CA ALA D 174 -20.30 -30.75 9.09
C ALA D 174 -20.85 -31.57 10.25
N GLY D 175 -21.35 -32.78 9.99
CA GLY D 175 -21.94 -33.60 11.05
C GLY D 175 -23.38 -33.30 11.40
N ILE D 176 -24.09 -32.55 10.56
CA ILE D 176 -25.47 -32.13 10.80
C ILE D 176 -26.42 -33.22 10.31
N HIS D 177 -27.48 -33.49 11.07
CA HIS D 177 -28.58 -34.32 10.59
C HIS D 177 -29.44 -33.50 9.66
N VAL D 178 -29.42 -33.82 8.35
CA VAL D 178 -30.10 -33.02 7.34
C VAL D 178 -31.39 -33.73 6.92
N THR D 179 -32.49 -32.99 6.89
CA THR D 179 -33.77 -33.47 6.38
C THR D 179 -34.20 -32.59 5.21
N VAL D 180 -34.63 -33.23 4.12
CA VAL D 180 -35.18 -32.54 2.96
C VAL D 180 -36.67 -32.86 2.91
N ALA D 181 -37.51 -31.83 3.05
CA ALA D 181 -38.96 -31.97 2.97
C ALA D 181 -39.41 -31.43 1.62
N ALA D 182 -39.87 -32.32 0.75
CA ALA D 182 -40.16 -31.95 -0.64
C ALA D 182 -41.24 -32.86 -1.21
N PRO D 183 -42.01 -32.43 -2.25
CA PRO D 183 -42.97 -33.32 -2.87
C PRO D 183 -42.36 -34.30 -3.86
N GLU D 184 -43.14 -35.33 -4.21
CA GLU D 184 -42.69 -36.32 -5.20
C GLU D 184 -42.43 -35.61 -6.53
N GLY D 185 -41.41 -36.02 -7.24
CA GLY D 185 -41.05 -35.37 -8.51
C GLY D 185 -40.03 -34.27 -8.30
N PHE D 186 -39.82 -33.85 -7.05
CA PHE D 186 -38.88 -32.77 -6.74
C PHE D 186 -37.97 -33.19 -5.58
N LEU D 187 -37.44 -34.37 -5.69
CA LEU D 187 -36.62 -35.02 -4.68
C LEU D 187 -35.15 -34.94 -5.06
N PRO D 188 -34.24 -35.13 -4.09
CA PRO D 188 -32.80 -35.03 -4.42
C PRO D 188 -32.37 -36.03 -5.49
N ASP D 189 -31.44 -35.60 -6.32
CA ASP D 189 -30.82 -36.48 -7.30
C ASP D 189 -30.25 -37.70 -6.60
N PRO D 190 -30.57 -38.92 -7.05
CA PRO D 190 -30.15 -40.12 -6.29
C PRO D 190 -28.65 -40.23 -6.10
N SER D 191 -27.86 -39.89 -7.12
CA SER D 191 -26.40 -39.82 -7.01
C SER D 191 -25.96 -38.93 -5.84
N VAL D 192 -26.55 -37.72 -5.74
CA VAL D 192 -26.16 -36.81 -4.66
C VAL D 192 -26.60 -37.37 -3.32
N ARG D 193 -27.82 -37.92 -3.27
CA ARG D 193 -28.29 -38.50 -2.02
C ARG D 193 -27.38 -39.63 -1.57
N ALA D 194 -26.95 -40.49 -2.49
CA ALA D 194 -26.03 -41.58 -2.12
C ALA D 194 -24.69 -41.03 -1.64
N ALA D 195 -24.20 -39.97 -2.29
CA ALA D 195 -22.95 -39.35 -1.86
C ALA D 195 -23.09 -38.77 -0.46
N ALA D 196 -24.23 -38.14 -0.18
CA ALA D 196 -24.42 -37.57 1.16
C ALA D 196 -24.56 -38.69 2.20
N GLU D 197 -25.25 -39.77 1.85
CA GLU D 197 -25.33 -40.89 2.79
C GLU D 197 -23.95 -41.45 3.11
N ARG D 198 -23.10 -41.61 2.09
CA ARG D 198 -21.75 -42.12 2.30
C ARG D 198 -20.95 -41.20 3.22
N ARG D 199 -20.98 -39.89 2.93
CA ARG D 199 -20.22 -38.95 3.74
C ARG D 199 -20.72 -38.93 5.19
N ALA D 200 -22.04 -39.04 5.37
CA ALA D 200 -22.62 -38.96 6.71
C ALA D 200 -22.14 -40.12 7.59
N GLN D 201 -21.77 -41.26 6.98
CA GLN D 201 -21.22 -42.36 7.77
C GLN D 201 -19.91 -41.97 8.43
N ASP D 202 -19.14 -41.08 7.80
CA ASP D 202 -17.86 -40.61 8.34
C ASP D 202 -18.00 -39.58 9.45
N THR D 203 -19.15 -38.89 9.56
CA THR D 203 -19.27 -37.75 10.45
C THR D 203 -20.30 -37.94 11.56
N GLY D 204 -20.99 -39.07 11.61
CA GLY D 204 -22.08 -39.23 12.56
C GLY D 204 -23.37 -38.52 12.18
N ALA D 205 -23.49 -38.07 10.93
CA ALA D 205 -24.65 -37.33 10.46
C ALA D 205 -25.70 -38.30 9.91
N SER D 206 -26.74 -37.78 9.29
CA SER D 206 -27.77 -38.61 8.68
C SER D 206 -28.46 -37.82 7.57
N VAL D 207 -29.16 -38.55 6.71
CA VAL D 207 -29.94 -37.98 5.62
C VAL D 207 -31.38 -38.49 5.73
N THR D 208 -32.33 -37.56 5.69
CA THR D 208 -33.75 -37.89 5.69
C THR D 208 -34.44 -37.14 4.57
N VAL D 209 -35.31 -37.84 3.81
CA VAL D 209 -36.12 -37.19 2.78
C VAL D 209 -37.57 -37.56 3.03
N THR D 210 -38.44 -36.56 3.10
CA THR D 210 -39.81 -36.79 3.53
C THR D 210 -40.74 -35.82 2.81
N ALA D 211 -41.99 -36.26 2.61
CA ALA D 211 -43.03 -35.38 2.10
C ALA D 211 -43.82 -34.72 3.21
N ASP D 212 -43.45 -34.97 4.47
CA ASP D 212 -44.27 -34.55 5.59
C ASP D 212 -43.57 -33.35 6.24
N ALA D 213 -44.03 -32.15 5.89
CA ALA D 213 -43.33 -30.93 6.33
C ALA D 213 -43.40 -30.74 7.84
N HIS D 214 -44.56 -31.03 8.44
CA HIS D 214 -44.68 -30.89 9.89
C HIS D 214 -43.73 -31.82 10.63
N ALA D 215 -43.59 -33.07 10.16
CA ALA D 215 -42.62 -33.97 10.74
C ALA D 215 -41.19 -33.43 10.62
N ALA D 216 -40.87 -32.83 9.49
CA ALA D 216 -39.52 -32.34 9.26
C ALA D 216 -39.18 -31.18 10.17
N ALA D 217 -40.18 -30.37 10.56
CA ALA D 217 -39.91 -29.24 11.44
C ALA D 217 -39.68 -29.67 12.89
N ALA D 218 -40.19 -30.83 13.31
CA ALA D 218 -40.06 -31.27 14.69
C ALA D 218 -38.59 -31.43 15.10
N GLY D 219 -38.20 -30.79 16.20
CA GLY D 219 -36.85 -30.89 16.70
C GLY D 219 -35.81 -30.15 15.89
N ALA D 220 -36.20 -29.35 14.90
CA ALA D 220 -35.20 -28.74 14.03
C ALA D 220 -34.54 -27.54 14.72
N ASP D 221 -33.20 -27.46 14.59
CA ASP D 221 -32.46 -26.28 15.01
C ASP D 221 -32.46 -25.20 13.93
N VAL D 222 -32.54 -25.62 12.68
CA VAL D 222 -32.42 -24.73 11.53
C VAL D 222 -33.46 -25.11 10.48
N LEU D 223 -34.23 -24.12 10.02
CA LEU D 223 -35.17 -24.32 8.93
C LEU D 223 -34.71 -23.48 7.75
N VAL D 224 -34.68 -24.08 6.56
CA VAL D 224 -34.19 -23.43 5.35
C VAL D 224 -35.19 -23.60 4.22
N THR D 225 -35.32 -22.57 3.38
CA THR D 225 -36.02 -22.71 2.13
C THR D 225 -35.35 -21.84 1.07
N ASP D 226 -35.94 -21.85 -0.12
CA ASP D 226 -35.37 -21.28 -1.33
C ASP D 226 -36.54 -21.02 -2.27
N THR D 227 -36.26 -20.32 -3.37
CA THR D 227 -37.30 -20.07 -4.36
C THR D 227 -37.82 -21.39 -4.95
N TRP D 228 -39.14 -21.47 -5.11
CA TRP D 228 -39.73 -22.67 -5.69
C TRP D 228 -39.38 -22.79 -7.18
N THR D 229 -39.18 -21.66 -7.84
CA THR D 229 -38.68 -21.60 -9.21
C THR D 229 -37.20 -21.20 -9.25
N LEU D 238 -42.29 -25.10 -16.94
CA LEU D 238 -42.37 -25.76 -15.60
C LEU D 238 -43.71 -26.49 -15.45
N ASP D 239 -44.25 -26.56 -14.22
CA ASP D 239 -45.57 -27.18 -13.98
C ASP D 239 -46.20 -26.49 -12.77
N ARG D 240 -46.39 -25.17 -12.79
CA ARG D 240 -46.92 -24.40 -11.63
C ARG D 240 -46.12 -24.63 -10.33
N VAL D 241 -46.72 -24.27 -9.19
CA VAL D 241 -46.01 -24.31 -7.89
C VAL D 241 -46.93 -24.95 -6.84
N LYS D 242 -48.08 -25.47 -7.29
CA LYS D 242 -48.99 -26.18 -6.35
C LYS D 242 -48.27 -27.26 -5.54
N PRO D 243 -47.40 -28.12 -6.10
CA PRO D 243 -46.74 -29.11 -5.26
C PRO D 243 -45.98 -28.55 -4.05
N PHE D 244 -45.54 -27.31 -4.09
CA PHE D 244 -44.69 -26.77 -3.04
C PHE D 244 -45.45 -26.02 -1.95
N ARG D 245 -46.72 -25.67 -2.17
CA ARG D 245 -47.42 -24.85 -1.18
C ARG D 245 -47.51 -25.49 0.21
N PRO D 246 -47.67 -26.81 0.38
CA PRO D 246 -47.67 -27.38 1.75
C PRO D 246 -46.32 -27.24 2.46
N PHE D 247 -45.26 -26.86 1.75
CA PHE D 247 -43.92 -26.75 2.31
C PHE D 247 -43.53 -25.32 2.63
N GLN D 248 -44.49 -24.39 2.59
CA GLN D 248 -44.19 -22.99 2.86
C GLN D 248 -43.65 -22.83 4.28
N LEU D 249 -42.61 -22.01 4.40
CA LEU D 249 -42.00 -21.74 5.70
C LEU D 249 -42.73 -20.56 6.32
N ASN D 250 -43.78 -20.87 7.09
CA ASN D 250 -44.62 -19.88 7.76
C ASN D 250 -44.48 -20.00 9.28
N SER D 251 -45.22 -19.16 10.00
CA SER D 251 -45.12 -19.12 11.46
C SER D 251 -45.56 -20.43 12.10
N ARG D 252 -46.59 -21.08 11.53
CA ARG D 252 -47.07 -22.35 12.08
C ARG D 252 -45.99 -23.41 12.02
N LEU D 253 -45.36 -23.57 10.84
CA LEU D 253 -44.25 -24.50 10.66
C LEU D 253 -43.11 -24.18 11.63
N LEU D 254 -42.71 -22.91 11.68
CA LEU D 254 -41.59 -22.53 12.54
C LEU D 254 -41.87 -22.84 14.00
N ALA D 255 -43.13 -22.70 14.43
CA ALA D 255 -43.51 -22.97 15.82
C ALA D 255 -43.38 -24.44 16.17
N LEU D 256 -43.34 -25.34 15.18
CA LEU D 256 -43.18 -26.77 15.43
C LEU D 256 -41.72 -27.16 15.72
N ALA D 257 -40.77 -26.30 15.35
CA ALA D 257 -39.35 -26.58 15.49
C ALA D 257 -38.90 -26.23 16.91
N ASP D 258 -37.59 -26.31 17.18
CA ASP D 258 -37.04 -25.86 18.46
C ASP D 258 -37.49 -24.44 18.74
N SER D 259 -37.72 -24.13 20.02
CA SER D 259 -38.15 -22.79 20.39
C SER D 259 -37.12 -21.74 19.99
N ASP D 260 -35.85 -22.13 19.86
CA ASP D 260 -34.76 -21.23 19.52
C ASP D 260 -34.20 -21.51 18.12
N ALA D 261 -35.01 -22.12 17.25
CA ALA D 261 -34.60 -22.38 15.88
C ALA D 261 -34.36 -21.08 15.13
N ILE D 262 -33.49 -21.16 14.12
CA ILE D 262 -33.23 -20.02 13.25
C ILE D 262 -33.63 -20.40 11.83
N VAL D 263 -33.81 -19.39 10.98
CA VAL D 263 -34.31 -19.57 9.63
C VAL D 263 -33.30 -19.01 8.62
N LEU D 264 -33.05 -19.76 7.55
CA LEU D 264 -32.13 -19.36 6.49
C LEU D 264 -32.84 -19.37 5.14
N HIS D 265 -32.32 -18.55 4.23
CA HIS D 265 -32.85 -18.40 2.88
C HIS D 265 -31.79 -17.69 2.05
N CYS D 266 -31.32 -18.34 0.97
CA CYS D 266 -30.17 -17.82 0.24
C CYS D 266 -30.44 -16.49 -0.47
N LEU D 267 -31.71 -16.13 -0.70
CA LEU D 267 -32.13 -14.88 -1.36
C LEU D 267 -31.84 -14.90 -2.85
N PRO D 268 -32.68 -14.23 -3.68
CA PRO D 268 -33.84 -13.44 -3.26
C PRO D 268 -35.03 -14.28 -2.76
N ALA D 269 -35.84 -13.72 -1.87
CA ALA D 269 -37.03 -14.38 -1.37
C ALA D 269 -38.27 -13.82 -2.06
N HIS D 270 -39.23 -14.70 -2.37
CA HIS D 270 -40.55 -14.27 -2.85
C HIS D 270 -41.48 -14.34 -1.66
N ARG D 271 -41.65 -13.20 -0.97
CA ARG D 271 -42.39 -13.21 0.27
C ARG D 271 -43.84 -13.55 -0.01
N GLY D 272 -44.42 -14.39 0.85
CA GLY D 272 -45.74 -14.92 0.63
C GLY D 272 -45.76 -16.22 -0.14
N ASP D 273 -44.67 -16.57 -0.83
CA ASP D 273 -44.57 -17.89 -1.46
C ASP D 273 -43.87 -18.87 -0.51
N GLU D 274 -42.57 -19.14 -0.74
CA GLU D 274 -41.86 -20.13 0.06
C GLU D 274 -41.66 -19.70 1.51
N ILE D 275 -41.79 -18.41 1.81
CA ILE D 275 -41.56 -17.87 3.14
C ILE D 275 -42.50 -16.70 3.34
N THR D 276 -42.96 -16.52 4.58
CA THR D 276 -43.86 -15.40 4.90
C THR D 276 -43.08 -14.23 5.47
N ASP D 277 -43.72 -13.05 5.39
CA ASP D 277 -43.15 -11.83 5.97
C ASP D 277 -42.89 -12.02 7.45
N ALA D 278 -43.83 -12.63 8.17
CA ALA D 278 -43.68 -12.80 9.61
C ALA D 278 -42.39 -13.55 9.94
N VAL D 279 -42.09 -14.60 9.17
CA VAL D 279 -40.88 -15.38 9.43
C VAL D 279 -39.65 -14.59 9.01
N MET D 280 -39.68 -14.04 7.78
CA MET D 280 -38.55 -13.29 7.23
C MET D 280 -38.07 -12.21 8.18
N ASP D 281 -39.01 -11.50 8.81
CA ASP D 281 -38.71 -10.29 9.55
C ASP D 281 -38.79 -10.50 11.05
N GLY D 282 -39.06 -11.73 11.48
CA GLY D 282 -39.15 -12.06 12.88
C GLY D 282 -37.81 -12.41 13.49
N PRO D 283 -37.83 -12.69 14.80
CA PRO D 283 -36.58 -12.88 15.54
C PRO D 283 -35.84 -14.19 15.23
N ALA D 284 -36.43 -15.12 14.49
CA ALA D 284 -35.73 -16.34 14.10
C ALA D 284 -34.93 -16.18 12.82
N SER D 285 -35.23 -15.14 12.05
CA SER D 285 -34.59 -14.94 10.76
C SER D 285 -33.11 -14.61 10.93
N ALA D 286 -32.26 -15.36 10.22
CA ALA D 286 -30.82 -15.08 10.15
C ALA D 286 -30.41 -14.72 8.72
N VAL D 287 -31.36 -14.34 7.87
CA VAL D 287 -31.05 -14.23 6.44
C VAL D 287 -30.09 -13.09 6.14
N TRP D 288 -30.09 -12.04 6.97
CA TRP D 288 -29.22 -10.88 6.68
C TRP D 288 -27.78 -11.18 7.05
N ASP D 289 -27.55 -11.82 8.20
CA ASP D 289 -26.18 -12.24 8.53
C ASP D 289 -25.71 -13.30 7.55
N GLU D 290 -26.61 -14.22 7.18
CA GLU D 290 -26.28 -15.24 6.18
C GLU D 290 -25.82 -14.59 4.88
N ALA D 291 -26.54 -13.56 4.41
CA ALA D 291 -26.14 -12.84 3.20
C ALA D 291 -24.76 -12.23 3.35
N GLU D 292 -24.51 -11.57 4.48
CA GLU D 292 -23.19 -10.97 4.69
C GLU D 292 -22.10 -12.03 4.70
N ASN D 293 -22.38 -13.21 5.26
CA ASN D 293 -21.33 -14.20 5.43
C ASN D 293 -20.91 -14.84 4.12
N ARG D 294 -21.66 -14.64 3.02
CA ARG D 294 -21.14 -14.97 1.70
C ARG D 294 -19.77 -14.36 1.50
N LEU D 295 -19.61 -13.10 1.90
CA LEU D 295 -18.30 -12.44 1.76
C LEU D 295 -17.20 -13.16 2.55
N HIS D 296 -17.44 -13.43 3.83
CA HIS D 296 -16.38 -13.98 4.68
C HIS D 296 -16.08 -15.43 4.33
N ALA D 297 -17.12 -16.22 4.09
CA ALA D 297 -16.91 -17.64 3.81
C ALA D 297 -16.16 -17.85 2.50
N GLN D 298 -16.48 -17.05 1.48
CA GLN D 298 -15.79 -17.18 0.21
C GLN D 298 -14.35 -16.67 0.30
N LYS D 299 -14.09 -15.62 1.09
CA LYS D 299 -12.70 -15.21 1.27
C LYS D 299 -11.90 -16.31 1.95
N ALA D 300 -12.48 -16.94 2.97
CA ALA D 300 -11.79 -18.03 3.65
C ALA D 300 -11.52 -19.19 2.68
N LEU D 301 -12.52 -19.54 1.87
CA LEU D 301 -12.34 -20.61 0.90
C LEU D 301 -11.17 -20.31 -0.02
N LEU D 302 -11.08 -19.06 -0.52
CA LEU D 302 -10.01 -18.68 -1.43
C LEU D 302 -8.66 -18.75 -0.74
N VAL D 303 -8.57 -18.20 0.48
CA VAL D 303 -7.30 -18.26 1.22
C VAL D 303 -6.84 -19.71 1.37
N TRP D 304 -7.78 -20.60 1.72
CA TRP D 304 -7.46 -22.00 2.00
C TRP D 304 -7.01 -22.74 0.75
N LEU D 305 -7.76 -22.59 -0.36
CA LEU D 305 -7.37 -23.23 -1.62
C LEU D 305 -6.04 -22.72 -2.13
N LEU D 306 -5.82 -21.40 -2.05
CA LEU D 306 -4.58 -20.84 -2.54
C LEU D 306 -3.38 -21.40 -1.78
N GLU D 307 -3.50 -21.54 -0.47
CA GLU D 307 -2.35 -21.99 0.29
C GLU D 307 -2.12 -23.49 0.14
N ARG D 308 -3.15 -24.23 -0.29
CA ARG D 308 -3.00 -25.66 -0.56
C ARG D 308 -2.68 -25.96 -2.02
N SER D 309 -2.49 -24.95 -2.87
CA SER D 309 -2.33 -25.20 -4.31
C SER D 309 -1.12 -24.51 -4.95
N VAL E 3 -27.12 10.77 12.28
CA VAL E 3 -28.02 10.38 11.20
C VAL E 3 -27.25 10.05 9.92
N ILE E 4 -27.85 9.22 9.07
CA ILE E 4 -27.27 8.86 7.78
C ILE E 4 -27.67 9.94 6.77
N ARG E 5 -26.68 10.58 6.16
CA ARG E 5 -26.94 11.67 5.22
C ARG E 5 -27.01 11.13 3.79
N HIS E 6 -27.92 11.67 2.99
CA HIS E 6 -28.05 11.34 1.58
C HIS E 6 -27.93 12.62 0.74
N PHE E 7 -27.73 12.44 -0.56
CA PHE E 7 -27.59 13.56 -1.50
C PHE E 7 -28.38 13.19 -2.75
N LEU E 8 -29.67 13.48 -2.74
CA LEU E 8 -30.59 13.07 -3.83
C LEU E 8 -31.00 14.29 -4.66
N ARG E 9 -30.86 15.48 -4.08
CA ARG E 9 -31.20 16.75 -4.75
C ARG E 9 -30.25 17.79 -4.18
N ASP E 10 -30.00 18.87 -4.89
CA ASP E 10 -28.95 19.85 -4.53
C ASP E 10 -29.16 20.50 -3.16
N ASP E 11 -30.41 20.71 -2.78
CA ASP E 11 -30.76 21.41 -1.52
C ASP E 11 -30.68 20.45 -0.33
N ASP E 12 -30.26 19.21 -0.56
CA ASP E 12 -30.02 18.28 0.57
C ASP E 12 -28.86 18.85 1.40
N LEU E 13 -28.02 19.68 0.80
CA LEU E 13 -26.96 20.37 1.52
C LEU E 13 -27.43 21.79 1.82
N SER E 14 -27.15 22.26 3.04
CA SER E 14 -27.38 23.66 3.37
C SER E 14 -26.31 24.49 2.65
N PRO E 15 -26.47 25.82 2.58
CA PRO E 15 -25.38 26.64 2.03
C PRO E 15 -24.05 26.41 2.73
N ALA E 16 -24.02 26.29 4.05
CA ALA E 16 -22.76 26.04 4.76
C ALA E 16 -22.18 24.66 4.41
N GLU E 17 -23.04 23.64 4.32
CA GLU E 17 -22.56 22.31 3.98
C GLU E 17 -22.07 22.25 2.54
N GLN E 18 -22.78 22.92 1.62
CA GLN E 18 -22.34 22.96 0.23
C GLN E 18 -20.97 23.59 0.11
N ALA E 19 -20.73 24.66 0.88
CA ALA E 19 -19.41 25.29 0.88
C ALA E 19 -18.35 24.33 1.39
N GLU E 20 -18.67 23.51 2.38
CA GLU E 20 -17.70 22.54 2.90
C GLU E 20 -17.35 21.53 1.81
N VAL E 21 -18.35 21.08 1.06
CA VAL E 21 -18.12 20.10 -0.01
C VAL E 21 -17.28 20.71 -1.12
N LEU E 22 -17.58 21.95 -1.52
CA LEU E 22 -16.84 22.59 -2.61
C LEU E 22 -15.39 22.89 -2.18
N GLU E 23 -15.17 23.26 -0.92
CA GLU E 23 -13.81 23.41 -0.40
C GLU E 23 -13.05 22.09 -0.47
N LEU E 24 -13.70 21.02 -0.02
CA LEU E 24 -13.11 19.68 -0.10
C LEU E 24 -12.81 19.31 -1.56
N ALA E 25 -13.70 19.66 -2.50
CA ALA E 25 -13.43 19.34 -3.90
C ALA E 25 -12.15 20.03 -4.38
N ALA E 26 -11.93 21.27 -3.95
CA ALA E 26 -10.72 21.97 -4.32
C ALA E 26 -9.50 21.31 -3.70
N GLU E 27 -9.59 20.92 -2.42
CA GLU E 27 -8.46 20.25 -1.78
C GLU E 27 -8.15 18.93 -2.47
N LEU E 28 -9.17 18.20 -2.89
CA LEU E 28 -8.94 16.90 -3.50
C LEU E 28 -8.39 17.04 -4.92
N LYS E 29 -8.77 18.10 -5.62
CA LYS E 29 -8.17 18.36 -6.93
C LYS E 29 -6.65 18.55 -6.80
N LYS E 30 -6.22 19.22 -5.73
CA LYS E 30 -4.80 19.47 -5.56
C LYS E 30 -4.07 18.23 -5.06
N ASP E 31 -4.71 17.41 -4.23
CA ASP E 31 -4.10 16.22 -3.62
C ASP E 31 -5.07 15.06 -3.75
N PRO E 32 -5.14 14.43 -4.93
CA PRO E 32 -6.24 13.47 -5.20
C PRO E 32 -6.16 12.12 -4.49
N VAL E 33 -5.08 11.77 -3.80
CA VAL E 33 -5.08 10.51 -3.06
C VAL E 33 -4.81 10.75 -1.57
N SER E 34 -5.03 11.98 -1.10
CA SER E 34 -4.77 12.33 0.30
C SER E 34 -5.94 11.96 1.22
N ARG E 35 -7.10 11.52 0.69
CA ARG E 35 -8.23 11.11 1.51
C ARG E 35 -8.58 9.67 1.20
N ARG E 36 -8.48 8.81 2.20
CA ARG E 36 -8.70 7.38 1.99
C ARG E 36 -9.72 6.86 2.99
N PRO E 37 -10.93 7.41 2.98
CA PRO E 37 -11.97 6.89 3.90
C PRO E 37 -12.43 5.47 3.55
N LEU E 38 -12.17 5.00 2.32
CA LEU E 38 -12.61 3.67 1.89
C LEU E 38 -11.45 2.67 1.83
N GLN E 39 -10.32 3.00 2.46
CA GLN E 39 -9.17 2.11 2.50
C GLN E 39 -9.59 0.73 3.02
N GLY E 40 -9.04 -0.31 2.42
CA GLY E 40 -9.43 -1.66 2.80
C GLY E 40 -9.08 -2.68 1.74
N PRO E 41 -9.75 -2.61 0.57
CA PRO E 41 -10.79 -1.63 0.21
C PRO E 41 -12.16 -1.89 0.78
N ARG E 42 -12.89 -0.82 1.05
CA ARG E 42 -14.31 -0.88 1.35
C ARG E 42 -15.07 -0.73 0.04
N GLY E 43 -16.30 -1.26 -0.02
CA GLY E 43 -17.09 -1.20 -1.24
C GLY E 43 -17.99 0.02 -1.35
N VAL E 44 -18.26 0.42 -2.60
CA VAL E 44 -19.31 1.36 -2.95
C VAL E 44 -20.07 0.78 -4.14
N ALA E 45 -21.40 0.72 -4.03
CA ALA E 45 -22.21 0.25 -5.13
C ALA E 45 -22.48 1.41 -6.09
N VAL E 46 -22.30 1.17 -7.38
CA VAL E 46 -22.60 2.15 -8.44
C VAL E 46 -23.57 1.45 -9.40
N ILE E 47 -24.84 1.81 -9.31
CA ILE E 47 -25.94 1.08 -9.94
C ILE E 47 -26.57 1.94 -11.02
N PHE E 48 -26.75 1.38 -12.22
CA PHE E 48 -27.36 2.07 -13.36
C PHE E 48 -28.65 1.38 -13.83
N ASP E 49 -29.79 2.05 -13.65
CA ASP E 49 -31.03 1.61 -14.28
C ASP E 49 -31.00 1.87 -15.79
N LYS E 50 -30.19 2.84 -16.22
CA LYS E 50 -29.87 3.11 -17.60
C LYS E 50 -28.40 3.48 -17.63
N ASN E 51 -27.65 2.91 -18.56
CA ASN E 51 -26.20 3.06 -18.53
C ASN E 51 -25.79 4.50 -18.84
N SER E 52 -24.67 4.90 -18.22
CA SER E 52 -24.05 6.19 -18.50
C SER E 52 -22.55 5.97 -18.33
N THR E 53 -21.86 5.79 -19.46
CA THR E 53 -20.42 5.56 -19.44
C THR E 53 -19.68 6.68 -18.73
N ARG E 54 -20.07 7.92 -19.00
CA ARG E 54 -19.40 9.08 -18.41
C ARG E 54 -19.57 9.11 -16.90
N THR E 55 -20.78 8.80 -16.41
CA THR E 55 -20.99 8.73 -14.96
C THR E 55 -20.16 7.62 -14.33
N ARG E 56 -20.18 6.44 -14.95
CA ARG E 56 -19.42 5.32 -14.40
C ARG E 56 -17.94 5.61 -14.38
N PHE E 57 -17.39 6.15 -15.44
CA PHE E 57 -15.96 6.49 -15.47
C PHE E 57 -15.54 7.31 -14.26
N SER E 58 -16.21 8.44 -14.03
CA SER E 58 -15.79 9.34 -12.95
C SER E 58 -16.03 8.72 -11.57
N PHE E 59 -17.17 8.05 -11.35
CA PHE E 59 -17.35 7.46 -10.04
C PHE E 59 -16.38 6.31 -9.82
N GLU E 60 -16.12 5.48 -10.82
CA GLU E 60 -15.24 4.29 -10.60
C GLU E 60 -13.84 4.72 -10.19
N LEU E 61 -13.27 5.69 -10.90
CA LEU E 61 -11.89 6.14 -10.61
C LEU E 61 -11.89 6.89 -9.28
N GLY E 62 -12.91 7.70 -9.08
CA GLY E 62 -12.97 8.48 -7.84
C GLY E 62 -12.98 7.57 -6.63
N ILE E 63 -13.86 6.59 -6.65
CA ILE E 63 -13.94 5.65 -5.54
C ILE E 63 -12.61 4.95 -5.34
N ALA E 64 -11.95 4.54 -6.44
CA ALA E 64 -10.66 3.89 -6.30
C ALA E 64 -9.64 4.82 -5.67
N GLN E 65 -9.68 6.11 -6.02
CA GLN E 65 -8.73 7.05 -5.45
C GLN E 65 -9.03 7.40 -3.99
N LEU E 66 -10.20 7.06 -3.49
CA LEU E 66 -10.51 7.13 -2.07
C LEU E 66 -10.12 5.84 -1.34
N GLY E 67 -9.49 4.90 -2.04
CA GLY E 67 -9.09 3.64 -1.44
C GLY E 67 -10.07 2.51 -1.63
N GLY E 68 -11.25 2.79 -2.18
CA GLY E 68 -12.33 1.82 -2.20
C GLY E 68 -12.38 1.02 -3.48
N HIS E 69 -13.43 0.21 -3.59
CA HIS E 69 -13.66 -0.57 -4.79
C HIS E 69 -15.11 -0.39 -5.21
N ALA E 70 -15.31 0.16 -6.41
CA ALA E 70 -16.66 0.36 -6.93
C ALA E 70 -17.18 -0.95 -7.53
N VAL E 71 -18.35 -1.38 -7.06
CA VAL E 71 -19.02 -2.54 -7.65
C VAL E 71 -20.06 -1.98 -8.61
N VAL E 72 -19.78 -2.10 -9.90
CA VAL E 72 -20.58 -1.42 -10.92
C VAL E 72 -21.63 -2.38 -11.45
N VAL E 73 -22.89 -1.93 -11.43
CA VAL E 73 -24.03 -2.77 -11.77
C VAL E 73 -24.81 -2.08 -12.88
N ASP E 74 -24.74 -2.63 -14.10
CA ASP E 74 -25.34 -2.03 -15.29
C ASP E 74 -26.81 -2.44 -15.43
N SER E 75 -27.46 -1.84 -16.42
CA SER E 75 -28.89 -2.04 -16.61
C SER E 75 -29.24 -3.44 -17.11
N GLY E 76 -28.25 -4.29 -17.38
CA GLY E 76 -28.51 -5.69 -17.67
C GLY E 76 -28.56 -6.54 -16.42
N LEU E 80 -32.94 -2.46 -8.59
CA LEU E 80 -33.97 -2.79 -9.58
C LEU E 80 -35.35 -2.84 -8.91
N GLY E 81 -35.66 -3.95 -8.27
CA GLY E 81 -36.97 -4.16 -7.67
C GLY E 81 -37.82 -5.20 -8.37
N ARG E 82 -37.25 -5.92 -9.34
CA ARG E 82 -38.02 -6.86 -10.15
C ARG E 82 -38.45 -8.08 -9.34
N ASP E 83 -37.49 -8.83 -8.81
CA ASP E 83 -37.76 -10.11 -8.18
C ASP E 83 -37.53 -10.11 -6.67
N GLU E 84 -37.36 -8.92 -6.08
CA GLU E 84 -37.05 -8.77 -4.66
C GLU E 84 -37.51 -7.39 -4.24
N THR E 85 -38.07 -7.26 -3.04
CA THR E 85 -38.44 -5.92 -2.58
C THR E 85 -37.20 -5.02 -2.56
N LEU E 86 -37.42 -3.74 -2.83
CA LEU E 86 -36.32 -2.78 -2.71
C LEU E 86 -35.72 -2.82 -1.31
N GLN E 87 -36.57 -2.98 -0.29
CA GLN E 87 -36.09 -2.93 1.07
C GLN E 87 -35.22 -4.14 1.40
N ASP E 88 -35.53 -5.31 0.83
CA ASP E 88 -34.65 -6.46 0.97
C ASP E 88 -33.30 -6.19 0.34
N THR E 89 -33.30 -5.55 -0.83
CA THR E 89 -32.05 -5.23 -1.51
C THR E 89 -31.22 -4.24 -0.71
N ALA E 90 -31.86 -3.24 -0.13
CA ALA E 90 -31.12 -2.21 0.61
C ALA E 90 -30.44 -2.81 1.84
N LYS E 91 -31.06 -3.82 2.44
CA LYS E 91 -30.51 -4.44 3.66
C LYS E 91 -29.23 -5.21 3.32
N VAL E 92 -29.24 -5.94 2.23
CA VAL E 92 -28.05 -6.69 1.81
C VAL E 92 -26.97 -5.71 1.32
N LEU E 93 -27.35 -4.75 0.49
CA LEU E 93 -26.36 -3.76 0.06
C LEU E 93 -25.69 -3.09 1.25
N SER E 94 -26.46 -2.78 2.28
CA SER E 94 -25.93 -2.14 3.47
C SER E 94 -24.93 -3.03 4.20
N ARG E 95 -24.91 -4.34 3.93
CA ARG E 95 -23.92 -5.23 4.53
C ARG E 95 -22.63 -5.28 3.74
N TYR E 96 -22.70 -5.00 2.44
CA TYR E 96 -21.57 -5.16 1.54
C TYR E 96 -20.84 -3.85 1.25
N VAL E 97 -21.54 -2.71 1.25
CA VAL E 97 -20.91 -1.46 0.81
C VAL E 97 -21.11 -0.36 1.84
N ASP E 98 -20.27 0.68 1.76
CA ASP E 98 -20.38 1.83 2.64
C ASP E 98 -21.17 3.00 2.03
N ALA E 99 -21.57 2.90 0.77
CA ALA E 99 -22.36 3.94 0.14
C ALA E 99 -23.01 3.35 -1.11
N ILE E 100 -24.12 3.93 -1.53
CA ILE E 100 -24.84 3.48 -2.71
C ILE E 100 -25.01 4.68 -3.65
N VAL E 101 -24.47 4.55 -4.86
CA VAL E 101 -24.58 5.57 -5.91
C VAL E 101 -25.51 4.99 -6.97
N TRP E 102 -26.56 5.74 -7.31
CA TRP E 102 -27.65 5.17 -8.12
C TRP E 102 -28.07 6.15 -9.20
N ARG E 103 -28.03 5.71 -10.45
CA ARG E 103 -28.62 6.44 -11.58
C ARG E 103 -29.98 5.81 -11.84
N THR E 104 -31.05 6.56 -11.64
CA THR E 104 -32.38 6.01 -11.85
C THR E 104 -33.28 7.10 -12.43
N PHE E 105 -34.57 6.78 -12.52
CA PHE E 105 -35.52 7.60 -13.24
C PHE E 105 -36.30 8.48 -12.27
N GLY E 106 -37.33 7.90 -11.65
CA GLY E 106 -38.19 8.69 -10.79
C GLY E 106 -37.56 8.95 -9.44
N GLN E 107 -37.83 10.15 -8.91
CA GLN E 107 -37.23 10.56 -7.64
C GLN E 107 -37.75 9.73 -6.48
N GLU E 108 -38.96 9.17 -6.60
CA GLU E 108 -39.51 8.43 -5.48
C GLU E 108 -38.71 7.16 -5.22
N ARG E 109 -38.09 6.61 -6.27
CA ARG E 109 -37.22 5.45 -6.07
C ARG E 109 -36.00 5.79 -5.25
N LEU E 110 -35.39 6.95 -5.52
CA LEU E 110 -34.27 7.41 -4.72
C LEU E 110 -34.70 7.65 -3.28
N ASP E 111 -35.84 8.32 -3.10
CA ASP E 111 -36.37 8.56 -1.75
C ASP E 111 -36.58 7.25 -1.00
N ALA E 112 -37.23 6.29 -1.67
CA ALA E 112 -37.49 4.99 -1.04
C ALA E 112 -36.20 4.30 -0.63
N MET E 113 -35.22 4.24 -1.55
CA MET E 113 -33.92 3.66 -1.21
C MET E 113 -33.26 4.38 -0.06
N ALA E 114 -33.39 5.71 -0.02
CA ALA E 114 -32.75 6.48 1.04
C ALA E 114 -33.41 6.23 2.39
N SER E 115 -34.71 5.96 2.42
CA SER E 115 -35.39 5.82 3.70
C SER E 115 -35.00 4.54 4.44
N VAL E 116 -34.64 3.48 3.71
CA VAL E 116 -34.39 2.19 4.34
C VAL E 116 -32.90 1.83 4.40
N ALA E 117 -32.09 2.27 3.45
CA ALA E 117 -30.66 1.96 3.52
C ALA E 117 -30.01 2.63 4.72
N THR E 118 -29.04 1.94 5.32
CA THR E 118 -28.33 2.47 6.47
C THR E 118 -26.93 2.96 6.11
N VAL E 119 -26.68 3.20 4.83
CA VAL E 119 -25.49 3.89 4.34
C VAL E 119 -25.94 5.04 3.44
N PRO E 120 -25.07 6.02 3.20
CA PRO E 120 -25.46 7.17 2.36
C PRO E 120 -25.81 6.76 0.94
N VAL E 121 -26.82 7.43 0.39
CA VAL E 121 -27.31 7.24 -0.97
C VAL E 121 -27.11 8.53 -1.76
N ILE E 122 -26.52 8.41 -2.95
CA ILE E 122 -26.19 9.53 -3.83
C ILE E 122 -26.95 9.36 -5.14
N ASN E 123 -27.63 10.42 -5.58
CA ASN E 123 -28.26 10.46 -6.90
C ASN E 123 -27.17 10.75 -7.93
N ALA E 124 -26.77 9.71 -8.68
CA ALA E 124 -25.77 9.91 -9.73
C ALA E 124 -26.30 10.78 -10.86
N LEU E 125 -27.61 10.72 -11.10
CA LEU E 125 -28.30 11.37 -12.22
C LEU E 125 -29.71 10.81 -12.23
N SER E 126 -30.74 11.66 -12.28
CA SER E 126 -32.11 11.15 -12.35
C SER E 126 -32.93 12.02 -13.31
N ASP E 127 -34.20 11.66 -13.49
CA ASP E 127 -35.07 12.44 -14.37
C ASP E 127 -35.21 13.87 -13.87
N GLU E 128 -35.29 14.05 -12.55
CA GLU E 128 -35.61 15.37 -11.99
C GLU E 128 -34.39 16.23 -11.65
N PHE E 129 -33.26 15.63 -11.25
CA PHE E 129 -32.11 16.37 -10.74
C PHE E 129 -30.82 15.73 -11.24
N HIS E 130 -29.77 16.54 -11.31
CA HIS E 130 -28.43 16.03 -11.59
C HIS E 130 -27.46 16.78 -10.68
N PRO E 131 -27.56 16.52 -9.36
CA PRO E 131 -26.89 17.38 -8.39
C PRO E 131 -25.38 17.21 -8.35
N CYS E 132 -24.85 16.04 -8.76
CA CYS E 132 -23.40 15.88 -8.79
C CYS E 132 -22.79 16.73 -9.90
N GLN E 133 -23.49 16.83 -11.03
CA GLN E 133 -22.98 17.69 -12.10
C GLN E 133 -22.97 19.15 -11.67
N VAL E 134 -23.95 19.58 -10.89
CA VAL E 134 -23.94 20.98 -10.50
C VAL E 134 -22.84 21.25 -9.47
N LEU E 135 -22.52 20.28 -8.59
CA LEU E 135 -21.33 20.48 -7.76
C LEU E 135 -20.10 20.71 -8.62
N ALA E 136 -19.93 19.91 -9.70
CA ALA E 136 -18.77 20.11 -10.57
C ALA E 136 -18.83 21.46 -11.27
N ASP E 137 -20.03 21.89 -11.70
CA ASP E 137 -20.19 23.23 -12.28
C ASP E 137 -19.77 24.32 -11.29
N LEU E 138 -20.23 24.23 -10.04
CA LEU E 138 -19.92 25.25 -9.03
C LEU E 138 -18.42 25.28 -8.72
N GLN E 139 -17.78 24.11 -8.69
CA GLN E 139 -16.34 24.09 -8.51
C GLN E 139 -15.63 24.78 -9.67
N THR E 140 -16.11 24.54 -10.90
CA THR E 140 -15.52 25.17 -12.08
C THR E 140 -15.72 26.70 -12.05
N ILE E 141 -16.91 27.16 -11.70
CA ILE E 141 -17.13 28.62 -11.65
C ILE E 141 -16.23 29.25 -10.58
N ALA E 142 -16.10 28.59 -9.43
CA ALA E 142 -15.26 29.16 -8.38
C ALA E 142 -13.82 29.24 -8.84
N GLU E 143 -13.36 28.23 -9.59
CA GLU E 143 -12.01 28.24 -10.15
C GLU E 143 -11.79 29.44 -11.06
N ARG E 144 -12.78 29.76 -11.87
CA ARG E 144 -12.60 30.75 -12.91
C ARG E 144 -12.94 32.16 -12.41
N LYS E 145 -13.73 32.28 -11.34
CA LYS E 145 -14.29 33.56 -10.93
C LYS E 145 -14.18 33.89 -9.45
N GLY E 146 -13.82 32.95 -8.58
CA GLY E 146 -13.69 33.25 -7.17
C GLY E 146 -15.01 33.07 -6.43
N ALA E 147 -15.42 34.11 -5.70
CA ALA E 147 -16.61 33.99 -4.86
C ALA E 147 -17.85 33.75 -5.72
N LEU E 148 -18.71 32.86 -5.28
CA LEU E 148 -19.93 32.53 -6.07
C LEU E 148 -21.05 33.51 -5.73
N ARG E 149 -21.08 33.98 -4.49
CA ARG E 149 -22.13 34.91 -4.03
C ARG E 149 -22.28 36.10 -4.97
N GLY E 150 -23.49 36.29 -5.47
CA GLY E 150 -23.76 37.45 -6.32
C GLY E 150 -23.52 37.25 -7.80
N LEU E 151 -22.93 36.13 -8.19
CA LEU E 151 -22.79 35.88 -9.62
C LEU E 151 -24.18 35.71 -10.26
N ARG E 152 -24.26 35.97 -11.57
CA ARG E 152 -25.49 35.77 -12.32
C ARG E 152 -25.28 34.63 -13.29
N LEU E 153 -26.09 33.58 -13.16
CA LEU E 153 -26.01 32.41 -14.04
C LEU E 153 -27.31 32.27 -14.80
N SER E 154 -27.21 32.05 -16.11
CA SER E 154 -28.37 31.77 -16.96
C SER E 154 -28.20 30.45 -17.67
N TYR E 155 -29.24 29.63 -17.58
CA TYR E 155 -29.34 28.35 -18.26
C TYR E 155 -30.32 28.48 -19.42
N PHE E 156 -29.97 27.90 -20.57
CA PHE E 156 -30.77 28.02 -21.79
C PHE E 156 -31.18 26.66 -22.34
N GLY E 157 -32.41 26.58 -22.85
CA GLY E 157 -32.83 25.42 -23.61
C GLY E 157 -34.05 24.76 -23.02
N ASP E 158 -33.91 23.49 -22.62
CA ASP E 158 -35.01 22.75 -22.00
C ASP E 158 -35.00 23.05 -20.50
N GLY E 159 -35.87 23.96 -20.06
CA GLY E 159 -35.91 24.40 -18.68
C GLY E 159 -36.64 23.46 -17.74
N ALA E 160 -37.14 22.34 -18.24
CA ALA E 160 -37.88 21.37 -17.45
C ALA E 160 -37.03 20.15 -17.10
N ASN E 161 -35.77 20.13 -17.50
CA ASN E 161 -34.93 18.95 -17.31
C ASN E 161 -34.12 18.99 -16.01
N ASN E 162 -33.35 17.92 -15.78
CA ASN E 162 -32.68 17.76 -14.51
C ASN E 162 -31.61 18.83 -14.30
N MET E 163 -30.95 19.26 -15.37
CA MET E 163 -29.92 20.30 -15.20
C MET E 163 -30.57 21.64 -14.83
N ALA E 164 -31.70 21.99 -15.44
CA ALA E 164 -32.37 23.24 -15.07
C ALA E 164 -32.77 23.24 -13.60
N HIS E 165 -33.32 22.14 -13.13
CA HIS E 165 -33.75 22.06 -11.74
C HIS E 165 -32.56 22.12 -10.79
N SER E 166 -31.47 21.41 -11.12
CA SER E 166 -30.30 21.38 -10.24
C SER E 166 -29.53 22.70 -10.27
N LEU E 167 -29.47 23.37 -11.42
CA LEU E 167 -28.84 24.69 -11.41
C LEU E 167 -29.64 25.68 -10.58
N LEU E 168 -30.97 25.59 -10.61
CA LEU E 168 -31.79 26.42 -9.74
C LEU E 168 -31.50 26.15 -8.27
N LEU E 169 -31.60 24.89 -7.85
CA LEU E 169 -31.44 24.56 -6.43
C LEU E 169 -29.98 24.73 -5.98
N GLY E 170 -29.03 24.18 -6.73
CA GLY E 170 -27.64 24.27 -6.33
C GLY E 170 -27.09 25.68 -6.49
N GLY E 171 -27.51 26.35 -7.55
CA GLY E 171 -27.08 27.73 -7.76
C GLY E 171 -27.50 28.64 -6.63
N VAL E 172 -28.78 28.62 -6.27
CA VAL E 172 -29.22 29.57 -5.23
C VAL E 172 -28.63 29.18 -3.89
N THR E 173 -28.37 27.88 -3.67
CA THR E 173 -27.69 27.47 -2.46
C THR E 173 -26.32 28.13 -2.33
N ALA E 174 -25.63 28.36 -3.46
CA ALA E 174 -24.34 29.02 -3.48
C ALA E 174 -24.45 30.54 -3.50
N GLY E 175 -25.66 31.09 -3.47
CA GLY E 175 -25.83 32.53 -3.51
C GLY E 175 -25.81 33.14 -4.90
N ILE E 176 -25.98 32.31 -5.93
CA ILE E 176 -25.93 32.73 -7.33
C ILE E 176 -27.34 33.11 -7.77
N HIS E 177 -27.45 34.20 -8.51
CA HIS E 177 -28.72 34.60 -9.10
C HIS E 177 -28.96 33.75 -10.36
N VAL E 178 -29.97 32.88 -10.34
CA VAL E 178 -30.20 31.92 -11.41
C VAL E 178 -31.37 32.37 -12.28
N THR E 179 -31.16 32.38 -13.59
CA THR E 179 -32.20 32.57 -14.60
C THR E 179 -32.28 31.32 -15.47
N VAL E 180 -33.52 30.88 -15.74
CA VAL E 180 -33.76 29.81 -16.71
C VAL E 180 -34.53 30.41 -17.88
N ALA E 181 -33.96 30.26 -19.08
CA ALA E 181 -34.57 30.75 -20.32
C ALA E 181 -35.01 29.56 -21.16
N ALA E 182 -36.31 29.44 -21.39
CA ALA E 182 -36.85 28.24 -22.03
C ALA E 182 -38.19 28.61 -22.69
N PRO E 183 -38.61 27.85 -23.70
CA PRO E 183 -39.96 28.05 -24.26
C PRO E 183 -41.00 27.62 -23.25
N GLU E 184 -42.19 28.22 -23.34
CA GLU E 184 -43.24 27.82 -22.41
C GLU E 184 -43.55 26.35 -22.65
N GLY E 185 -43.97 25.66 -21.63
CA GLY E 185 -44.13 24.24 -21.87
C GLY E 185 -42.86 23.42 -21.69
N PHE E 186 -41.69 24.05 -21.52
CA PHE E 186 -40.48 23.38 -21.03
C PHE E 186 -39.85 24.23 -19.94
N LEU E 187 -40.68 24.58 -18.95
CA LEU E 187 -40.24 25.45 -17.87
C LEU E 187 -39.98 24.64 -16.61
N PRO E 188 -39.24 25.18 -15.66
CA PRO E 188 -39.00 24.43 -14.40
C PRO E 188 -40.30 24.04 -13.74
N ASP E 189 -40.26 22.86 -13.13
CA ASP E 189 -41.42 22.38 -12.34
C ASP E 189 -41.71 23.42 -11.27
N PRO E 190 -42.96 23.83 -11.10
CA PRO E 190 -43.30 24.85 -10.14
C PRO E 190 -42.86 24.55 -8.71
N SER E 191 -42.90 23.30 -8.31
CA SER E 191 -42.53 22.92 -6.94
C SER E 191 -41.01 23.06 -6.77
N VAL E 192 -40.25 22.72 -7.80
CA VAL E 192 -38.82 22.95 -7.71
C VAL E 192 -38.53 24.45 -7.70
N ARG E 193 -39.19 25.20 -8.57
CA ARG E 193 -39.02 26.64 -8.57
C ARG E 193 -39.32 27.24 -7.20
N ALA E 194 -40.42 26.81 -6.57
CA ALA E 194 -40.75 27.30 -5.23
C ALA E 194 -39.66 26.95 -4.20
N ALA E 195 -39.14 25.72 -4.24
CA ALA E 195 -38.07 25.36 -3.32
C ALA E 195 -36.83 26.23 -3.53
N ALA E 196 -36.53 26.55 -4.79
CA ALA E 196 -35.37 27.39 -5.07
C ALA E 196 -35.60 28.82 -4.60
N GLU E 197 -36.83 29.35 -4.79
CA GLU E 197 -37.09 30.71 -4.31
C GLU E 197 -36.95 30.79 -2.78
N ARG E 198 -37.41 29.76 -2.09
CA ARG E 198 -37.30 29.72 -0.63
C ARG E 198 -35.85 29.68 -0.19
N ARG E 199 -35.07 28.75 -0.75
CA ARG E 199 -33.64 28.67 -0.42
C ARG E 199 -32.94 30.00 -0.72
N ALA E 200 -33.30 30.64 -1.83
CA ALA E 200 -32.65 31.88 -2.25
C ALA E 200 -32.86 33.01 -1.24
N GLN E 201 -33.92 32.94 -0.43
CA GLN E 201 -34.13 33.95 0.59
C GLN E 201 -33.05 33.90 1.65
N ASP E 202 -32.54 32.70 1.95
CA ASP E 202 -31.50 32.55 2.97
C ASP E 202 -30.12 32.97 2.49
N THR E 203 -29.90 33.05 1.18
CA THR E 203 -28.58 33.28 0.63
C THR E 203 -28.44 34.60 -0.11
N GLY E 204 -29.52 35.36 -0.23
CA GLY E 204 -29.50 36.59 -1.00
C GLY E 204 -29.57 36.39 -2.49
N ALA E 205 -29.86 35.17 -2.94
CA ALA E 205 -29.91 34.85 -4.37
C ALA E 205 -31.29 35.24 -4.93
N SER E 206 -31.60 34.74 -6.13
CA SER E 206 -32.89 35.00 -6.78
C SER E 206 -33.11 33.95 -7.85
N VAL E 207 -34.38 33.82 -8.26
CA VAL E 207 -34.82 32.89 -9.30
C VAL E 207 -35.58 33.70 -10.34
N THR E 208 -35.23 33.50 -11.62
CA THR E 208 -35.96 34.15 -12.71
C THR E 208 -36.22 33.11 -13.79
N VAL E 209 -37.46 33.06 -14.29
CA VAL E 209 -37.82 32.21 -15.42
C VAL E 209 -38.29 33.11 -16.54
N THR E 210 -37.75 32.91 -17.73
CA THR E 210 -38.08 33.76 -18.86
C THR E 210 -38.11 32.94 -20.14
N ALA E 211 -38.84 33.44 -21.13
CA ALA E 211 -38.83 32.86 -22.47
C ALA E 211 -38.04 33.71 -23.46
N ASP E 212 -37.26 34.69 -22.97
CA ASP E 212 -36.53 35.68 -23.78
C ASP E 212 -35.04 35.44 -23.58
N ALA E 213 -34.40 34.81 -24.59
CA ALA E 213 -33.01 34.38 -24.44
C ALA E 213 -32.08 35.57 -24.34
N HIS E 214 -32.33 36.62 -25.12
CA HIS E 214 -31.46 37.81 -25.04
C HIS E 214 -31.53 38.47 -23.66
N ALA E 215 -32.73 38.55 -23.06
CA ALA E 215 -32.84 39.13 -21.72
C ALA E 215 -32.13 38.29 -20.67
N ALA E 216 -32.19 36.95 -20.78
CA ALA E 216 -31.49 36.08 -19.84
C ALA E 216 -29.98 36.19 -19.99
N ALA E 217 -29.49 36.42 -21.21
CA ALA E 217 -28.05 36.47 -21.41
C ALA E 217 -27.45 37.82 -20.98
N ALA E 218 -28.26 38.87 -20.92
CA ALA E 218 -27.75 40.21 -20.66
C ALA E 218 -27.03 40.30 -19.33
N GLY E 219 -25.74 40.63 -19.36
CA GLY E 219 -24.97 40.79 -18.14
C GLY E 219 -24.69 39.50 -17.37
N ALA E 220 -24.99 38.34 -17.91
CA ALA E 220 -24.72 37.12 -17.16
C ALA E 220 -23.22 36.88 -17.01
N ASP E 221 -22.83 36.25 -15.89
CA ASP E 221 -21.46 35.83 -15.63
C ASP E 221 -21.18 34.41 -16.07
N VAL E 222 -22.21 33.57 -16.15
CA VAL E 222 -22.08 32.15 -16.49
C VAL E 222 -23.26 31.82 -17.40
N LEU E 223 -23.00 31.24 -18.59
CA LEU E 223 -24.05 30.76 -19.49
C LEU E 223 -23.92 29.25 -19.58
N VAL E 224 -25.05 28.54 -19.40
CA VAL E 224 -25.04 27.08 -19.34
C VAL E 224 -26.10 26.56 -20.30
N THR E 225 -25.81 25.47 -21.00
CA THR E 225 -26.86 24.75 -21.71
C THR E 225 -26.57 23.26 -21.63
N ASP E 226 -27.40 22.50 -22.32
CA ASP E 226 -27.42 21.04 -22.24
C ASP E 226 -28.12 20.55 -23.50
N THR E 227 -27.88 19.30 -23.89
CA THR E 227 -28.61 18.80 -25.06
C THR E 227 -30.12 18.94 -24.80
N TRP E 228 -30.86 19.16 -25.89
CA TRP E 228 -32.27 19.51 -25.78
C TRP E 228 -33.17 18.30 -25.54
N THR E 229 -32.84 17.14 -26.10
CA THR E 229 -33.61 15.91 -25.83
C THR E 229 -32.72 14.82 -25.27
N GLY E 237 -39.00 13.28 -40.22
CA GLY E 237 -38.10 14.41 -40.23
C GLY E 237 -38.70 15.63 -39.56
N LEU E 238 -39.73 15.41 -38.75
CA LEU E 238 -40.30 16.46 -37.92
C LEU E 238 -39.24 17.01 -36.97
N ASP E 239 -39.06 18.33 -36.97
CA ASP E 239 -38.01 18.94 -36.16
C ASP E 239 -38.57 19.14 -34.76
N ARG E 240 -38.47 18.09 -33.93
CA ARG E 240 -39.07 18.12 -32.61
C ARG E 240 -38.39 19.11 -31.67
N VAL E 241 -37.14 19.48 -31.92
CA VAL E 241 -36.41 20.40 -31.04
C VAL E 241 -36.52 21.83 -31.52
N LYS E 242 -37.38 22.09 -32.50
CA LYS E 242 -37.59 23.45 -32.97
C LYS E 242 -37.89 24.44 -31.86
N PRO E 243 -38.68 24.12 -30.81
CA PRO E 243 -38.93 25.14 -29.76
C PRO E 243 -37.67 25.68 -29.13
N PHE E 244 -36.59 24.89 -29.10
CA PHE E 244 -35.37 25.23 -28.40
C PHE E 244 -34.37 25.99 -29.25
N ARG E 245 -34.52 25.97 -30.57
CA ARG E 245 -33.49 26.56 -31.43
C ARG E 245 -33.26 28.05 -31.16
N PRO E 246 -34.28 28.89 -30.88
CA PRO E 246 -33.99 30.28 -30.52
C PRO E 246 -33.19 30.44 -29.24
N PHE E 247 -32.98 29.36 -28.48
CA PHE E 247 -32.26 29.42 -27.18
C PHE E 247 -30.82 28.90 -27.32
N GLN E 248 -30.36 28.72 -28.55
CA GLN E 248 -29.00 28.22 -28.82
C GLN E 248 -27.95 29.12 -28.18
N LEU E 249 -26.97 28.50 -27.51
CA LEU E 249 -25.86 29.26 -26.91
C LEU E 249 -24.87 29.51 -28.04
N ASN E 250 -24.99 30.67 -28.68
CA ASN E 250 -24.14 31.04 -29.83
C ASN E 250 -23.37 32.32 -29.52
N SER E 251 -22.55 32.75 -30.46
CA SER E 251 -21.70 33.92 -30.20
C SER E 251 -22.51 35.18 -29.93
N ARG E 252 -23.61 35.37 -30.64
CA ARG E 252 -24.48 36.57 -30.41
C ARG E 252 -25.01 36.55 -28.98
N LEU E 253 -25.46 35.38 -28.52
CA LEU E 253 -25.94 35.31 -27.14
C LEU E 253 -24.80 35.60 -26.16
N LEU E 254 -23.62 35.00 -26.39
CA LEU E 254 -22.50 35.21 -25.49
C LEU E 254 -22.06 36.67 -25.44
N ALA E 255 -22.16 37.38 -26.58
CA ALA E 255 -21.79 38.79 -26.65
C ALA E 255 -22.66 39.69 -25.79
N LEU E 256 -23.85 39.24 -25.39
CA LEU E 256 -24.73 40.02 -24.52
C LEU E 256 -24.38 39.86 -23.04
N ALA E 257 -23.57 38.88 -22.66
CA ALA E 257 -23.27 38.61 -21.26
C ALA E 257 -22.17 39.55 -20.77
N ASP E 258 -21.86 39.48 -19.49
CA ASP E 258 -20.71 40.22 -18.98
C ASP E 258 -19.44 39.81 -19.73
N SER E 259 -18.49 40.75 -19.77
CA SER E 259 -17.32 40.60 -20.64
C SER E 259 -16.42 39.42 -20.24
N ASP E 260 -16.45 39.00 -18.98
CA ASP E 260 -15.61 37.89 -18.53
C ASP E 260 -16.42 36.62 -18.31
N ALA E 261 -17.57 36.50 -18.97
CA ALA E 261 -18.47 35.38 -18.73
C ALA E 261 -17.84 34.08 -19.19
N ILE E 262 -18.28 32.98 -18.57
CA ILE E 262 -17.81 31.66 -18.96
C ILE E 262 -19.02 30.83 -19.38
N VAL E 263 -18.74 29.75 -20.14
CA VAL E 263 -19.77 28.87 -20.69
C VAL E 263 -19.57 27.46 -20.12
N LEU E 264 -20.67 26.85 -19.67
CA LEU E 264 -20.68 25.47 -19.17
C LEU E 264 -21.65 24.62 -20.00
N HIS E 265 -21.37 23.32 -20.04
CA HIS E 265 -22.19 22.37 -20.77
C HIS E 265 -21.79 21.01 -20.26
N CYS E 266 -22.68 20.31 -19.57
CA CYS E 266 -22.38 18.92 -19.09
C CYS E 266 -22.26 18.15 -20.40
N LEU E 267 -21.27 17.29 -20.54
CA LEU E 267 -21.20 16.84 -21.93
C LEU E 267 -22.16 15.66 -22.12
N PRO E 268 -22.33 15.08 -23.33
CA PRO E 268 -21.81 15.41 -24.67
C PRO E 268 -22.55 16.61 -25.27
N ALA E 269 -21.88 17.37 -26.11
CA ALA E 269 -22.52 18.49 -26.80
C ALA E 269 -22.83 18.07 -28.23
N HIS E 270 -23.96 18.56 -28.74
CA HIS E 270 -24.33 18.38 -30.14
C HIS E 270 -24.04 19.69 -30.83
N ARG E 271 -22.82 19.81 -31.34
CA ARG E 271 -22.35 21.06 -31.93
C ARG E 271 -23.26 21.50 -33.06
N GLY E 272 -23.71 22.75 -33.02
CA GLY E 272 -24.66 23.28 -33.98
C GLY E 272 -26.11 23.24 -33.53
N ASP E 273 -26.44 22.44 -32.52
CA ASP E 273 -27.76 22.52 -31.91
C ASP E 273 -27.77 23.48 -30.73
N GLU E 274 -27.60 22.96 -29.50
CA GLU E 274 -27.71 23.82 -28.33
C GLU E 274 -26.52 24.75 -28.16
N ILE E 275 -25.38 24.48 -28.82
CA ILE E 275 -24.18 25.28 -28.67
C ILE E 275 -23.43 25.23 -30.01
N THR E 276 -22.72 26.32 -30.33
CA THR E 276 -21.96 26.36 -31.57
C THR E 276 -20.49 26.04 -31.33
N ASP E 277 -19.81 25.68 -32.42
CA ASP E 277 -18.37 25.44 -32.38
C ASP E 277 -17.63 26.64 -31.79
N ALA E 278 -17.98 27.84 -32.25
CA ALA E 278 -17.29 29.05 -31.84
C ALA E 278 -17.32 29.22 -30.33
N VAL E 279 -18.45 28.90 -29.69
CA VAL E 279 -18.58 29.05 -28.24
C VAL E 279 -17.88 27.91 -27.50
N MET E 280 -18.05 26.69 -28.00
CA MET E 280 -17.45 25.50 -27.35
C MET E 280 -15.93 25.59 -27.36
N ASP E 281 -15.35 26.15 -28.41
CA ASP E 281 -13.90 26.13 -28.55
C ASP E 281 -13.25 27.48 -28.26
N GLY E 282 -14.05 28.49 -27.89
CA GLY E 282 -13.57 29.83 -27.63
C GLY E 282 -13.10 30.02 -26.19
N PRO E 283 -12.62 31.23 -25.89
CA PRO E 283 -11.99 31.48 -24.57
C PRO E 283 -12.95 31.45 -23.40
N ALA E 284 -14.25 31.67 -23.62
CA ALA E 284 -15.22 31.64 -22.53
C ALA E 284 -15.55 30.22 -22.08
N SER E 285 -15.26 29.23 -22.93
CA SER E 285 -15.64 27.86 -22.65
C SER E 285 -14.86 27.32 -21.45
N ALA E 286 -15.56 26.72 -20.50
CA ALA E 286 -14.91 26.02 -19.40
C ALA E 286 -15.30 24.55 -19.36
N VAL E 287 -15.77 24.01 -20.49
CA VAL E 287 -16.40 22.67 -20.47
C VAL E 287 -15.39 21.59 -20.13
N TRP E 288 -14.13 21.76 -20.48
CA TRP E 288 -13.18 20.65 -20.26
C TRP E 288 -12.76 20.57 -18.80
N ASP E 289 -12.46 21.71 -18.18
CA ASP E 289 -12.30 21.76 -16.73
C ASP E 289 -13.54 21.24 -16.02
N GLU E 290 -14.72 21.68 -16.47
CA GLU E 290 -15.99 21.21 -15.93
C GLU E 290 -16.09 19.68 -15.97
N ALA E 291 -15.73 19.09 -17.11
CA ALA E 291 -15.76 17.63 -17.23
C ALA E 291 -14.81 16.99 -16.22
N GLU E 292 -13.58 17.52 -16.11
CA GLU E 292 -12.63 16.92 -15.17
C GLU E 292 -13.15 17.04 -13.75
N ASN E 293 -13.78 18.17 -13.41
CA ASN E 293 -14.20 18.41 -12.03
C ASN E 293 -15.33 17.49 -11.55
N ARG E 294 -16.02 16.78 -12.44
CA ARG E 294 -16.95 15.76 -11.95
C ARG E 294 -16.21 14.75 -11.05
N LEU E 295 -15.01 14.35 -11.45
CA LEU E 295 -14.18 13.46 -10.64
C LEU E 295 -13.96 14.02 -9.23
N HIS E 296 -13.48 15.27 -9.15
CA HIS E 296 -13.13 15.86 -7.87
C HIS E 296 -14.35 16.15 -7.02
N ALA E 297 -15.41 16.70 -7.63
CA ALA E 297 -16.59 17.08 -6.86
C ALA E 297 -17.28 15.85 -6.29
N GLN E 298 -17.35 14.77 -7.08
CA GLN E 298 -17.98 13.54 -6.57
C GLN E 298 -17.14 12.90 -5.48
N LYS E 299 -15.82 12.91 -5.61
CA LYS E 299 -15.00 12.40 -4.50
C LYS E 299 -15.24 13.20 -3.24
N ALA E 300 -15.28 14.54 -3.36
CA ALA E 300 -15.52 15.38 -2.20
C ALA E 300 -16.86 15.06 -1.56
N LEU E 301 -17.89 14.89 -2.37
CA LEU E 301 -19.20 14.57 -1.84
C LEU E 301 -19.17 13.25 -1.07
N LEU E 302 -18.53 12.22 -1.64
CA LEU E 302 -18.44 10.94 -0.94
C LEU E 302 -17.72 11.09 0.40
N VAL E 303 -16.56 11.77 0.38
CA VAL E 303 -15.81 11.95 1.63
C VAL E 303 -16.69 12.61 2.68
N TRP E 304 -17.38 13.67 2.28
CA TRP E 304 -18.21 14.44 3.21
C TRP E 304 -19.33 13.60 3.81
N LEU E 305 -20.06 12.86 2.95
CA LEU E 305 -21.16 12.04 3.45
C LEU E 305 -20.66 10.92 4.35
N LEU E 306 -19.56 10.28 3.95
CA LEU E 306 -19.04 9.15 4.72
C LEU E 306 -18.63 9.58 6.13
N GLU E 307 -18.00 10.74 6.26
CA GLU E 307 -17.59 11.11 7.61
C GLU E 307 -18.73 11.67 8.45
N ARG E 308 -19.84 12.10 7.82
CA ARG E 308 -21.04 12.45 8.59
C ARG E 308 -21.92 11.25 8.92
N SER E 309 -21.69 10.11 8.31
CA SER E 309 -22.66 9.01 8.41
C SER E 309 -22.04 7.74 9.00
N SER F 2 8.22 16.54 -24.72
CA SER F 2 6.77 16.74 -24.67
C SER F 2 6.11 16.07 -25.87
N VAL F 3 6.86 15.22 -26.57
CA VAL F 3 6.27 14.40 -27.63
C VAL F 3 5.51 13.25 -27.00
N ILE F 4 4.23 13.13 -27.34
CA ILE F 4 3.38 12.06 -26.84
C ILE F 4 3.54 10.89 -27.80
N ARG F 5 3.94 9.74 -27.29
CA ARG F 5 4.16 8.58 -28.15
C ARG F 5 2.90 7.72 -28.19
N HIS F 6 2.60 7.17 -29.36
CA HIS F 6 1.48 6.24 -29.54
C HIS F 6 2.03 4.91 -30.06
N PHE F 7 1.20 3.89 -29.99
CA PHE F 7 1.61 2.58 -30.50
C PHE F 7 0.40 2.01 -31.24
N LEU F 8 0.31 2.31 -32.52
CA LEU F 8 -0.84 1.93 -33.34
C LEU F 8 -0.52 0.82 -34.33
N ARG F 9 0.76 0.62 -34.62
CA ARG F 9 1.25 -0.40 -35.54
C ARG F 9 2.72 -0.63 -35.18
N ASP F 10 3.24 -1.79 -35.60
CA ASP F 10 4.45 -2.34 -35.01
C ASP F 10 5.66 -1.46 -35.26
N ASP F 11 5.71 -0.80 -36.41
CA ASP F 11 6.85 0.03 -36.77
C ASP F 11 6.77 1.44 -36.19
N ASP F 12 5.77 1.73 -35.33
CA ASP F 12 5.82 2.94 -34.51
C ASP F 12 7.01 2.95 -33.58
N LEU F 13 7.53 1.77 -33.26
CA LEU F 13 8.78 1.62 -32.52
C LEU F 13 9.91 1.38 -33.50
N SER F 14 11.02 2.10 -33.32
CA SER F 14 12.22 1.83 -34.08
C SER F 14 12.78 0.49 -33.62
N PRO F 15 13.73 -0.09 -34.37
CA PRO F 15 14.40 -1.32 -33.88
C PRO F 15 14.98 -1.15 -32.49
N ALA F 16 15.63 -0.02 -32.23
CA ALA F 16 16.21 0.23 -30.90
C ALA F 16 15.12 0.37 -29.85
N GLU F 17 14.03 1.07 -30.18
CA GLU F 17 12.95 1.23 -29.21
C GLU F 17 12.26 -0.10 -28.95
N GLN F 18 12.09 -0.92 -29.98
CA GLN F 18 11.46 -2.20 -29.78
C GLN F 18 12.29 -3.07 -28.84
N ALA F 19 13.62 -3.04 -28.99
CA ALA F 19 14.48 -3.82 -28.10
C ALA F 19 14.35 -3.36 -26.65
N GLU F 20 14.25 -2.05 -26.43
CA GLU F 20 13.99 -1.51 -25.09
C GLU F 20 12.70 -2.08 -24.49
N VAL F 21 11.62 -2.09 -25.28
CA VAL F 21 10.34 -2.58 -24.75
C VAL F 21 10.43 -4.08 -24.45
N LEU F 22 11.10 -4.84 -25.32
CA LEU F 22 11.19 -6.28 -25.10
C LEU F 22 12.09 -6.62 -23.90
N GLU F 23 13.14 -5.82 -23.70
CA GLU F 23 13.99 -5.98 -22.51
C GLU F 23 13.18 -5.70 -21.24
N LEU F 24 12.38 -4.64 -21.28
CA LEU F 24 11.49 -4.30 -20.17
C LEU F 24 10.48 -5.41 -19.91
N ALA F 25 9.95 -6.02 -20.97
CA ALA F 25 9.01 -7.13 -20.79
C ALA F 25 9.63 -8.29 -20.02
N ALA F 26 10.88 -8.64 -20.33
CA ALA F 26 11.56 -9.72 -19.59
C ALA F 26 11.77 -9.31 -18.13
N GLU F 27 12.08 -8.05 -17.88
CA GLU F 27 12.28 -7.59 -16.50
C GLU F 27 10.99 -7.66 -15.71
N LEU F 28 9.88 -7.24 -16.34
CA LEU F 28 8.59 -7.22 -15.66
C LEU F 28 8.05 -8.63 -15.45
N LYS F 29 8.39 -9.57 -16.33
CA LYS F 29 8.00 -10.95 -16.08
C LYS F 29 8.67 -11.48 -14.82
N LYS F 30 9.93 -11.10 -14.60
CA LYS F 30 10.65 -11.50 -13.40
C LYS F 30 10.11 -10.80 -12.17
N ASP F 31 9.82 -9.50 -12.27
CA ASP F 31 9.43 -8.68 -11.12
C ASP F 31 8.16 -7.91 -11.46
N PRO F 32 6.99 -8.56 -11.38
CA PRO F 32 5.78 -7.98 -11.98
C PRO F 32 5.20 -6.76 -11.27
N VAL F 33 5.57 -6.44 -10.03
CA VAL F 33 5.02 -5.26 -9.37
C VAL F 33 6.11 -4.26 -9.01
N SER F 34 7.26 -4.37 -9.67
CA SER F 34 8.40 -3.51 -9.41
C SER F 34 8.30 -2.16 -10.12
N ARG F 35 7.37 -1.99 -11.06
CA ARG F 35 7.21 -0.74 -11.79
C ARG F 35 5.81 -0.20 -11.50
N ARG F 36 5.73 0.96 -10.87
CA ARG F 36 4.43 1.50 -10.48
C ARG F 36 4.21 2.93 -11.01
N PRO F 37 4.30 3.14 -12.33
CA PRO F 37 4.06 4.49 -12.86
C PRO F 37 2.62 4.97 -12.71
N LEU F 38 1.68 4.07 -12.43
CA LEU F 38 0.27 4.42 -12.30
C LEU F 38 -0.21 4.40 -10.86
N GLN F 39 0.72 4.38 -9.88
CA GLN F 39 0.34 4.38 -8.47
C GLN F 39 -0.59 5.54 -8.13
N GLY F 40 -1.62 5.25 -7.33
CA GLY F 40 -2.61 6.26 -7.00
C GLY F 40 -3.87 5.65 -6.42
N PRO F 41 -4.66 4.98 -7.26
CA PRO F 41 -4.36 4.69 -8.67
C PRO F 41 -4.61 5.83 -9.64
N ARG F 42 -3.78 5.91 -10.67
CA ARG F 42 -4.11 6.64 -11.88
C ARG F 42 -4.93 5.75 -12.80
N GLY F 43 -5.75 6.38 -13.64
CA GLY F 43 -6.62 5.61 -14.54
C GLY F 43 -5.99 5.35 -15.90
N VAL F 44 -6.43 4.27 -16.53
CA VAL F 44 -6.14 3.97 -17.93
C VAL F 44 -7.46 3.54 -18.54
N ALA F 45 -7.84 4.14 -19.68
CA ALA F 45 -9.06 3.72 -20.35
C ALA F 45 -8.79 2.50 -21.22
N VAL F 46 -9.68 1.51 -21.17
CA VAL F 46 -9.59 0.33 -22.02
C VAL F 46 -10.94 0.20 -22.71
N ILE F 47 -10.98 0.52 -24.00
CA ILE F 47 -12.24 0.68 -24.72
C ILE F 47 -12.33 -0.37 -25.82
N PHE F 48 -13.47 -1.07 -25.90
CA PHE F 48 -13.69 -2.10 -26.90
C PHE F 48 -14.86 -1.72 -27.81
N ASP F 49 -14.57 -1.43 -29.09
CA ASP F 49 -15.65 -1.29 -30.07
C ASP F 49 -16.23 -2.67 -30.40
N LYS F 50 -15.41 -3.71 -30.26
CA LYS F 50 -15.83 -5.10 -30.32
C LYS F 50 -15.12 -5.80 -29.18
N ASN F 51 -15.88 -6.57 -28.38
CA ASN F 51 -15.31 -7.12 -27.16
C ASN F 51 -14.20 -8.11 -27.46
N SER F 52 -13.19 -8.14 -26.60
CA SER F 52 -12.16 -9.17 -26.65
C SER F 52 -11.80 -9.50 -25.20
N THR F 53 -12.31 -10.63 -24.72
CA THR F 53 -12.13 -10.98 -23.32
C THR F 53 -10.66 -11.22 -22.99
N ARG F 54 -9.91 -11.86 -23.88
CA ARG F 54 -8.52 -12.15 -23.51
C ARG F 54 -7.69 -10.87 -23.51
N THR F 55 -8.07 -9.91 -24.34
CA THR F 55 -7.36 -8.61 -24.35
C THR F 55 -7.70 -7.90 -23.05
N ARG F 56 -8.93 -8.04 -22.61
CA ARG F 56 -9.37 -7.39 -21.35
C ARG F 56 -8.62 -7.99 -20.15
N PHE F 57 -8.53 -9.29 -20.06
CA PHE F 57 -7.76 -9.88 -18.93
C PHE F 57 -6.34 -9.32 -18.89
N SER F 58 -5.61 -9.41 -20.00
CA SER F 58 -4.20 -9.05 -19.93
C SER F 58 -4.02 -7.56 -19.65
N PHE F 59 -4.85 -6.70 -20.24
CA PHE F 59 -4.65 -5.27 -19.97
C PHE F 59 -5.18 -4.88 -18.60
N GLU F 60 -6.35 -5.40 -18.21
CA GLU F 60 -6.91 -5.03 -16.91
C GLU F 60 -5.94 -5.39 -15.77
N LEU F 61 -5.39 -6.60 -15.80
CA LEU F 61 -4.48 -7.00 -14.73
C LEU F 61 -3.15 -6.31 -14.85
N GLY F 62 -2.66 -6.11 -16.08
CA GLY F 62 -1.40 -5.42 -16.26
C GLY F 62 -1.43 -4.00 -15.74
N ILE F 63 -2.52 -3.30 -16.03
CA ILE F 63 -2.70 -1.93 -15.52
C ILE F 63 -2.73 -1.93 -14.00
N ALA F 64 -3.44 -2.89 -13.40
CA ALA F 64 -3.50 -2.97 -11.95
C ALA F 64 -2.13 -3.25 -11.34
N GLN F 65 -1.31 -4.08 -12.01
CA GLN F 65 0.02 -4.39 -11.47
C GLN F 65 1.03 -3.26 -11.67
N LEU F 66 0.70 -2.25 -12.48
CA LEU F 66 1.44 -0.99 -12.53
C LEU F 66 0.93 0.00 -11.50
N GLY F 67 -0.01 -0.40 -10.66
CA GLY F 67 -0.58 0.47 -9.64
C GLY F 67 -1.82 1.21 -10.08
N GLY F 68 -2.26 1.03 -11.33
CA GLY F 68 -3.35 1.82 -11.88
C GLY F 68 -4.70 1.16 -11.72
N HIS F 69 -5.72 1.81 -12.30
CA HIS F 69 -7.08 1.28 -12.35
C HIS F 69 -7.56 1.37 -13.78
N ALA F 70 -7.81 0.22 -14.40
CA ALA F 70 -8.37 0.20 -15.73
C ALA F 70 -9.88 0.46 -15.67
N VAL F 71 -10.35 1.44 -16.43
CA VAL F 71 -11.78 1.63 -16.62
C VAL F 71 -12.11 1.01 -17.96
N VAL F 72 -12.85 -0.09 -17.94
CA VAL F 72 -13.10 -0.90 -19.12
C VAL F 72 -14.48 -0.53 -19.66
N VAL F 73 -14.51 -0.15 -20.94
CA VAL F 73 -15.73 0.24 -21.63
C VAL F 73 -15.88 -0.75 -22.79
N ASP F 74 -16.88 -1.61 -22.71
CA ASP F 74 -17.03 -2.51 -23.85
C ASP F 74 -18.21 -2.08 -24.70
N SER F 75 -18.63 -2.95 -25.62
CA SER F 75 -19.44 -2.48 -26.74
C SER F 75 -20.94 -2.42 -26.44
N GLY F 76 -21.37 -2.72 -25.22
CA GLY F 76 -22.72 -2.35 -24.81
C GLY F 76 -22.89 -0.85 -24.61
N SER F 77 -21.77 -0.14 -24.47
CA SER F 77 -21.76 1.32 -24.48
C SER F 77 -21.91 1.85 -25.90
N THR F 78 -22.61 2.99 -26.04
CA THR F 78 -22.80 3.61 -27.35
C THR F 78 -21.45 4.03 -27.91
N GLN F 79 -21.10 3.51 -29.09
CA GLN F 79 -19.68 3.50 -29.46
C GLN F 79 -19.19 4.88 -29.85
N LEU F 80 -17.88 5.08 -29.67
CA LEU F 80 -17.26 6.38 -29.88
C LEU F 80 -17.49 6.89 -31.29
N GLY F 81 -17.71 8.20 -31.39
CA GLY F 81 -18.05 8.85 -32.63
C GLY F 81 -19.53 9.12 -32.82
N ARG F 82 -20.39 8.38 -32.10
CA ARG F 82 -21.84 8.43 -32.35
C ARG F 82 -22.53 9.58 -31.62
N ASP F 83 -22.42 9.62 -30.28
CA ASP F 83 -23.10 10.63 -29.48
C ASP F 83 -22.26 11.89 -29.31
N GLU F 84 -21.00 11.87 -29.71
CA GLU F 84 -20.06 12.92 -29.41
C GLU F 84 -18.95 12.83 -30.45
N THR F 85 -18.37 13.97 -30.81
CA THR F 85 -17.24 13.89 -31.73
C THR F 85 -16.10 13.11 -31.08
N LEU F 86 -15.31 12.47 -31.91
CA LEU F 86 -14.21 11.68 -31.40
C LEU F 86 -13.19 12.58 -30.73
N GLN F 87 -13.08 13.84 -31.19
CA GLN F 87 -12.18 14.81 -30.62
C GLN F 87 -12.63 15.29 -29.25
N ASP F 88 -13.94 15.57 -29.07
CA ASP F 88 -14.43 15.91 -27.73
C ASP F 88 -14.16 14.78 -26.75
N THR F 89 -14.44 13.54 -27.15
CA THR F 89 -14.17 12.40 -26.27
C THR F 89 -12.70 12.30 -25.89
N ALA F 90 -11.79 12.55 -26.81
CA ALA F 90 -10.34 12.45 -26.54
C ALA F 90 -9.89 13.50 -25.52
N LYS F 91 -10.49 14.68 -25.57
CA LYS F 91 -10.10 15.77 -24.66
C LYS F 91 -10.59 15.44 -23.24
N VAL F 92 -11.76 14.84 -23.13
CA VAL F 92 -12.29 14.50 -21.80
C VAL F 92 -11.49 13.29 -21.28
N LEU F 93 -11.22 12.33 -22.15
CA LEU F 93 -10.44 11.19 -21.66
C LEU F 93 -9.08 11.62 -21.13
N SER F 94 -8.44 12.56 -21.82
CA SER F 94 -7.12 13.01 -21.40
C SER F 94 -7.11 13.68 -20.03
N ARG F 95 -8.29 14.10 -19.52
CA ARG F 95 -8.42 14.64 -18.18
C ARG F 95 -8.59 13.55 -17.13
N TYR F 96 -9.09 12.37 -17.52
CA TYR F 96 -9.39 11.31 -16.57
C TYR F 96 -8.34 10.21 -16.51
N VAL F 97 -7.63 9.94 -17.60
CA VAL F 97 -6.72 8.80 -17.63
C VAL F 97 -5.36 9.22 -18.16
N ASP F 98 -4.36 8.36 -17.90
CA ASP F 98 -2.99 8.60 -18.34
C ASP F 98 -2.65 7.90 -19.65
N ALA F 99 -3.55 7.06 -20.18
CA ALA F 99 -3.33 6.39 -21.45
C ALA F 99 -4.68 5.85 -21.92
N ILE F 100 -4.76 5.61 -23.22
CA ILE F 100 -5.99 5.13 -23.85
C ILE F 100 -5.65 3.87 -24.63
N VAL F 101 -6.26 2.75 -24.26
CA VAL F 101 -6.07 1.46 -24.93
C VAL F 101 -7.37 1.17 -25.66
N TRP F 102 -7.31 0.93 -26.97
CA TRP F 102 -8.54 0.96 -27.77
C TRP F 102 -8.52 -0.17 -28.80
N ARG F 103 -9.54 -1.01 -28.76
CA ARG F 103 -9.75 -2.03 -29.79
C ARG F 103 -10.80 -1.48 -30.74
N THR F 104 -10.42 -1.24 -31.99
CA THR F 104 -11.36 -0.67 -32.94
C THR F 104 -11.12 -1.28 -34.31
N PHE F 105 -11.78 -0.74 -35.33
CA PHE F 105 -11.81 -1.39 -36.63
C PHE F 105 -10.80 -0.77 -37.59
N GLY F 106 -11.17 0.35 -38.21
CA GLY F 106 -10.29 1.00 -39.17
C GLY F 106 -9.16 1.76 -38.49
N GLN F 107 -7.99 1.76 -39.16
CA GLN F 107 -6.82 2.44 -38.65
C GLN F 107 -7.01 3.95 -38.58
N GLU F 108 -7.88 4.52 -39.43
CA GLU F 108 -8.04 5.97 -39.44
C GLU F 108 -8.64 6.46 -38.13
N ARG F 109 -9.45 5.65 -37.47
CA ARG F 109 -9.99 6.03 -36.16
C ARG F 109 -8.89 6.08 -35.10
N LEU F 110 -8.01 5.08 -35.06
CA LEU F 110 -6.86 5.13 -34.16
C LEU F 110 -6.03 6.37 -34.43
N ASP F 111 -5.70 6.61 -35.71
CA ASP F 111 -4.94 7.78 -36.09
C ASP F 111 -5.64 9.06 -35.64
N ALA F 112 -6.98 9.09 -35.74
CA ALA F 112 -7.71 10.28 -35.32
C ALA F 112 -7.57 10.51 -33.82
N MET F 113 -7.85 9.48 -33.02
CA MET F 113 -7.68 9.54 -31.57
C MET F 113 -6.27 10.01 -31.19
N ALA F 114 -5.23 9.45 -31.83
CA ALA F 114 -3.88 9.75 -31.40
C ALA F 114 -3.45 11.16 -31.79
N SER F 115 -4.00 11.71 -32.88
CA SER F 115 -3.64 13.07 -33.26
C SER F 115 -4.17 14.12 -32.28
N VAL F 116 -5.21 13.79 -31.51
CA VAL F 116 -5.85 14.76 -30.64
C VAL F 116 -5.60 14.48 -29.16
N ALA F 117 -5.49 13.21 -28.76
CA ALA F 117 -5.27 12.90 -27.34
C ALA F 117 -3.93 13.43 -26.88
N THR F 118 -3.88 13.88 -25.63
CA THR F 118 -2.63 14.30 -25.02
C THR F 118 -2.07 13.24 -24.10
N VAL F 119 -2.51 11.99 -24.26
CA VAL F 119 -1.95 10.84 -23.57
C VAL F 119 -1.66 9.77 -24.62
N PRO F 120 -0.80 8.80 -24.29
CA PRO F 120 -0.52 7.72 -25.24
C PRO F 120 -1.78 6.93 -25.61
N VAL F 121 -1.87 6.61 -26.89
CA VAL F 121 -2.94 5.76 -27.44
C VAL F 121 -2.30 4.45 -27.90
N ILE F 122 -2.89 3.33 -27.50
CA ILE F 122 -2.38 1.99 -27.84
C ILE F 122 -3.47 1.24 -28.60
N ASN F 123 -3.09 0.67 -29.74
CA ASN F 123 -3.94 -0.21 -30.52
C ASN F 123 -3.96 -1.58 -29.85
N ALA F 124 -5.07 -1.89 -29.17
CA ALA F 124 -5.19 -3.18 -28.50
C ALA F 124 -5.35 -4.31 -29.51
N LEU F 125 -5.92 -4.01 -30.68
CA LEU F 125 -6.30 -4.94 -31.73
C LEU F 125 -7.13 -4.15 -32.74
N SER F 126 -6.78 -4.21 -34.03
CA SER F 126 -7.55 -3.51 -35.06
C SER F 126 -7.67 -4.41 -36.29
N ASP F 127 -8.43 -3.95 -37.28
CA ASP F 127 -8.56 -4.69 -38.53
C ASP F 127 -7.21 -4.90 -39.20
N GLU F 128 -6.37 -3.88 -39.20
CA GLU F 128 -5.14 -3.93 -39.99
C GLU F 128 -3.94 -4.50 -39.24
N PHE F 129 -3.88 -4.34 -37.91
CA PHE F 129 -2.66 -4.65 -37.16
C PHE F 129 -3.04 -5.25 -35.81
N HIS F 130 -2.12 -6.02 -35.24
CA HIS F 130 -2.29 -6.49 -33.87
C HIS F 130 -0.91 -6.43 -33.22
N PRO F 131 -0.40 -5.22 -33.01
CA PRO F 131 1.01 -5.08 -32.63
C PRO F 131 1.31 -5.51 -31.19
N CYS F 132 0.33 -5.50 -30.28
CA CYS F 132 0.60 -5.97 -28.91
C CYS F 132 0.79 -7.47 -28.90
N GLN F 133 0.03 -8.19 -29.72
CA GLN F 133 0.21 -9.63 -29.80
C GLN F 133 1.59 -9.96 -30.33
N VAL F 134 2.09 -9.18 -31.30
CA VAL F 134 3.40 -9.50 -31.85
C VAL F 134 4.51 -9.15 -30.85
N LEU F 135 4.33 -8.14 -29.99
CA LEU F 135 5.30 -7.94 -28.91
C LEU F 135 5.40 -9.17 -28.02
N ALA F 136 4.24 -9.74 -27.64
CA ALA F 136 4.24 -10.96 -26.86
C ALA F 136 4.89 -12.11 -27.61
N ASP F 137 4.64 -12.22 -28.93
CA ASP F 137 5.29 -13.27 -29.71
C ASP F 137 6.80 -13.12 -29.69
N LEU F 138 7.29 -11.90 -29.92
CA LEU F 138 8.72 -11.65 -29.92
C LEU F 138 9.31 -11.95 -28.56
N GLN F 139 8.62 -11.59 -27.47
CA GLN F 139 9.12 -11.94 -26.14
C GLN F 139 9.24 -13.45 -25.99
N THR F 140 8.22 -14.19 -26.45
CA THR F 140 8.23 -15.66 -26.37
C THR F 140 9.37 -16.26 -27.17
N ILE F 141 9.59 -15.77 -28.39
CA ILE F 141 10.67 -16.29 -29.22
C ILE F 141 12.01 -16.06 -28.54
N ALA F 142 12.23 -14.84 -28.03
CA ALA F 142 13.49 -14.49 -27.39
C ALA F 142 13.77 -15.41 -26.20
N GLU F 143 12.74 -15.77 -25.43
CA GLU F 143 13.04 -16.56 -24.26
C GLU F 143 13.22 -18.04 -24.60
N ARG F 144 12.78 -18.47 -25.77
CA ARG F 144 13.09 -19.82 -26.25
C ARG F 144 14.40 -19.89 -27.03
N LYS F 145 14.79 -18.81 -27.72
CA LYS F 145 15.89 -18.90 -28.68
C LYS F 145 17.01 -17.86 -28.54
N GLY F 146 16.86 -16.83 -27.72
CA GLY F 146 17.92 -15.86 -27.55
C GLY F 146 17.79 -14.68 -28.50
N ALA F 147 18.90 -14.29 -29.14
CA ALA F 147 18.88 -13.17 -30.08
C ALA F 147 17.82 -13.40 -31.14
N LEU F 148 17.04 -12.37 -31.45
CA LEU F 148 16.03 -12.48 -32.50
C LEU F 148 16.62 -12.26 -33.88
N ARG F 149 17.68 -11.45 -33.96
CA ARG F 149 18.24 -11.08 -35.26
C ARG F 149 18.70 -12.32 -36.02
N GLY F 150 18.23 -12.46 -37.25
CA GLY F 150 18.62 -13.57 -38.09
C GLY F 150 17.73 -14.80 -38.01
N LEU F 151 16.84 -14.89 -37.03
CA LEU F 151 15.92 -16.02 -37.02
C LEU F 151 15.02 -15.97 -38.27
N ARG F 152 14.44 -17.13 -38.58
CA ARG F 152 13.56 -17.25 -39.74
C ARG F 152 12.17 -17.66 -39.26
N LEU F 153 11.18 -16.81 -39.55
CA LEU F 153 9.82 -16.98 -39.07
C LEU F 153 8.89 -17.08 -40.27
N SER F 154 8.02 -18.07 -40.27
CA SER F 154 7.02 -18.23 -41.32
C SER F 154 5.63 -18.24 -40.71
N TYR F 155 4.73 -17.46 -41.30
CA TYR F 155 3.33 -17.37 -40.92
C TYR F 155 2.49 -18.01 -42.00
N PHE F 156 1.45 -18.74 -41.62
CA PHE F 156 0.70 -19.56 -42.56
C PHE F 156 -0.78 -19.24 -42.47
N GLY F 157 -1.44 -19.17 -43.61
CA GLY F 157 -2.88 -19.11 -43.60
C GLY F 157 -3.42 -17.89 -44.31
N ASP F 158 -4.21 -17.07 -43.61
CA ASP F 158 -4.75 -15.84 -44.20
C ASP F 158 -3.69 -14.76 -44.08
N GLY F 159 -2.96 -14.51 -45.18
CA GLY F 159 -1.88 -13.56 -45.17
C GLY F 159 -2.29 -12.12 -45.29
N ALA F 160 -3.59 -11.84 -45.30
CA ALA F 160 -4.09 -10.48 -45.42
C ALA F 160 -4.64 -9.92 -44.11
N ASN F 161 -4.51 -10.64 -43.01
CA ASN F 161 -5.15 -10.19 -41.77
C ASN F 161 -4.14 -9.45 -40.89
N ASN F 162 -4.63 -9.02 -39.72
CA ASN F 162 -3.85 -8.17 -38.85
C ASN F 162 -2.59 -8.87 -38.35
N MET F 163 -2.65 -10.19 -38.13
CA MET F 163 -1.47 -10.90 -37.63
C MET F 163 -0.38 -10.98 -38.68
N ALA F 164 -0.75 -11.23 -39.94
CA ALA F 164 0.26 -11.28 -40.99
C ALA F 164 0.94 -9.93 -41.13
N HIS F 165 0.17 -8.85 -41.11
CA HIS F 165 0.73 -7.51 -41.22
C HIS F 165 1.68 -7.19 -40.07
N SER F 166 1.27 -7.51 -38.83
CA SER F 166 2.11 -7.20 -37.69
C SER F 166 3.31 -8.14 -37.56
N LEU F 167 3.18 -9.41 -37.96
CA LEU F 167 4.38 -10.26 -37.96
C LEU F 167 5.39 -9.75 -38.98
N LEU F 168 4.93 -9.24 -40.12
CA LEU F 168 5.83 -8.61 -41.07
C LEU F 168 6.54 -7.41 -40.44
N LEU F 169 5.77 -6.43 -39.94
CA LEU F 169 6.37 -5.18 -39.49
C LEU F 169 7.16 -5.37 -38.19
N GLY F 170 6.55 -6.08 -37.23
CA GLY F 170 7.23 -6.30 -35.96
C GLY F 170 8.40 -7.26 -36.11
N GLY F 171 8.24 -8.26 -36.99
CA GLY F 171 9.32 -9.21 -37.20
C GLY F 171 10.56 -8.56 -37.80
N VAL F 172 10.38 -7.81 -38.90
CA VAL F 172 11.56 -7.24 -39.53
C VAL F 172 12.18 -6.18 -38.64
N THR F 173 11.36 -5.49 -37.81
CA THR F 173 11.92 -4.55 -36.84
C THR F 173 12.87 -5.25 -35.89
N ALA F 174 12.59 -6.50 -35.54
CA ALA F 174 13.45 -7.28 -34.66
C ALA F 174 14.62 -7.92 -35.40
N GLY F 175 14.73 -7.74 -36.71
CA GLY F 175 15.78 -8.39 -37.48
C GLY F 175 15.47 -9.79 -37.92
N ILE F 176 14.20 -10.18 -37.88
CA ILE F 176 13.78 -11.53 -38.25
C ILE F 176 13.44 -11.59 -39.74
N HIS F 177 13.92 -12.63 -40.42
CA HIS F 177 13.52 -12.93 -41.79
C HIS F 177 12.12 -13.50 -41.78
N VAL F 178 11.15 -12.73 -42.28
CA VAL F 178 9.73 -13.09 -42.20
C VAL F 178 9.25 -13.62 -43.55
N THR F 179 8.49 -14.72 -43.51
CA THR F 179 7.79 -15.25 -44.67
C THR F 179 6.31 -15.39 -44.33
N VAL F 180 5.46 -14.97 -45.26
CA VAL F 180 4.02 -15.19 -45.23
C VAL F 180 3.67 -16.16 -46.35
N ALA F 181 3.04 -17.27 -45.99
CA ALA F 181 2.62 -18.32 -46.92
C ALA F 181 1.10 -18.33 -46.92
N ALA F 182 0.50 -17.98 -48.06
CA ALA F 182 -0.93 -17.76 -48.15
C ALA F 182 -1.38 -18.01 -49.59
N PRO F 183 -2.64 -18.35 -49.81
CA PRO F 183 -3.15 -18.46 -51.19
C PRO F 183 -3.27 -17.07 -51.80
N GLU F 184 -3.19 -17.02 -53.14
CA GLU F 184 -3.03 -15.75 -53.83
C GLU F 184 -4.16 -14.76 -53.59
N GLY F 185 -5.34 -15.21 -53.18
CA GLY F 185 -6.31 -14.16 -52.92
C GLY F 185 -6.21 -13.51 -51.54
N PHE F 186 -5.23 -13.92 -50.74
CA PHE F 186 -5.16 -13.54 -49.33
C PHE F 186 -3.72 -13.21 -48.95
N LEU F 187 -3.11 -12.30 -49.70
CA LEU F 187 -1.72 -11.89 -49.52
C LEU F 187 -1.64 -10.59 -48.72
N PRO F 188 -0.48 -10.28 -48.14
CA PRO F 188 -0.35 -9.02 -47.38
C PRO F 188 -0.68 -7.81 -48.24
N ASP F 189 -1.26 -6.80 -47.60
CA ASP F 189 -1.46 -5.54 -48.28
C ASP F 189 -0.14 -5.04 -48.85
N PRO F 190 -0.08 -4.69 -50.14
CA PRO F 190 1.20 -4.25 -50.72
C PRO F 190 1.82 -3.04 -50.04
N SER F 191 1.01 -2.09 -49.56
CA SER F 191 1.57 -0.96 -48.83
C SER F 191 2.25 -1.41 -47.54
N VAL F 192 1.66 -2.36 -46.82
CA VAL F 192 2.29 -2.86 -45.61
C VAL F 192 3.53 -3.65 -45.97
N ARG F 193 3.44 -4.47 -47.02
CA ARG F 193 4.61 -5.25 -47.43
C ARG F 193 5.79 -4.34 -47.76
N ALA F 194 5.54 -3.21 -48.44
CA ALA F 194 6.61 -2.29 -48.78
C ALA F 194 7.19 -1.63 -47.53
N ALA F 195 6.33 -1.28 -46.57
CA ALA F 195 6.82 -0.73 -45.31
C ALA F 195 7.71 -1.73 -44.59
N ALA F 196 7.35 -3.00 -44.59
CA ALA F 196 8.20 -4.02 -43.98
C ALA F 196 9.50 -4.18 -44.75
N GLU F 197 9.45 -4.11 -46.06
CA GLU F 197 10.68 -4.30 -46.86
C GLU F 197 11.68 -3.18 -46.54
N ARG F 198 11.19 -1.96 -46.42
CA ARG F 198 12.09 -0.82 -46.12
C ARG F 198 12.69 -0.92 -44.72
N ARG F 199 11.88 -1.27 -43.73
CA ARG F 199 12.40 -1.44 -42.35
C ARG F 199 13.45 -2.54 -42.34
N ALA F 200 13.17 -3.63 -43.07
CA ALA F 200 14.11 -4.76 -43.10
C ALA F 200 15.48 -4.30 -43.60
N GLN F 201 15.51 -3.25 -44.42
CA GLN F 201 16.80 -2.78 -44.89
C GLN F 201 17.68 -2.28 -43.75
N ASP F 202 17.09 -1.69 -42.70
CA ASP F 202 17.86 -1.19 -41.58
C ASP F 202 18.26 -2.28 -40.59
N THR F 203 17.63 -3.46 -40.63
CA THR F 203 17.87 -4.47 -39.60
C THR F 203 18.58 -5.71 -40.12
N GLY F 204 18.84 -5.79 -41.42
CA GLY F 204 19.39 -7.00 -41.98
C GLY F 204 18.39 -8.10 -42.24
N ALA F 205 17.11 -7.81 -42.10
CA ALA F 205 16.07 -8.83 -42.25
C ALA F 205 15.63 -8.91 -43.71
N SER F 206 14.50 -9.59 -43.96
CA SER F 206 13.97 -9.69 -45.30
C SER F 206 12.50 -10.06 -45.22
N VAL F 207 11.82 -9.93 -46.35
CA VAL F 207 10.40 -10.20 -46.50
C VAL F 207 10.21 -11.13 -47.68
N THR F 208 9.47 -12.23 -47.47
CA THR F 208 9.12 -13.16 -48.53
C THR F 208 7.64 -13.44 -48.47
N VAL F 209 6.96 -13.33 -49.60
CA VAL F 209 5.56 -13.74 -49.74
C VAL F 209 5.51 -14.90 -50.73
N THR F 210 4.88 -16.01 -50.32
CA THR F 210 4.83 -17.20 -51.16
C THR F 210 3.49 -17.91 -51.02
N ALA F 211 3.14 -18.70 -52.04
CA ALA F 211 1.97 -19.56 -51.97
C ALA F 211 2.33 -21.01 -51.71
N ASP F 212 3.61 -21.28 -51.44
CA ASP F 212 4.12 -22.64 -51.27
C ASP F 212 4.35 -22.89 -49.77
N ALA F 213 3.40 -23.57 -49.12
CA ALA F 213 3.50 -23.78 -47.68
C ALA F 213 4.75 -24.61 -47.33
N HIS F 214 5.07 -25.60 -48.16
CA HIS F 214 6.21 -26.45 -47.84
C HIS F 214 7.52 -25.70 -48.00
N ALA F 215 7.60 -24.79 -48.98
CA ALA F 215 8.81 -23.98 -49.11
C ALA F 215 8.95 -23.04 -47.92
N ALA F 216 7.85 -22.47 -47.42
CA ALA F 216 7.94 -21.55 -46.28
C ALA F 216 8.33 -22.27 -44.99
N ALA F 217 7.90 -23.53 -44.82
CA ALA F 217 8.22 -24.23 -43.59
C ALA F 217 9.68 -24.67 -43.55
N ALA F 218 10.30 -24.85 -44.71
CA ALA F 218 11.66 -25.38 -44.79
C ALA F 218 12.64 -24.45 -44.09
N GLY F 219 13.37 -24.99 -43.10
CA GLY F 219 14.35 -24.22 -42.38
C GLY F 219 13.79 -23.13 -41.49
N ALA F 220 12.48 -23.11 -41.24
CA ALA F 220 11.93 -22.12 -40.33
C ALA F 220 12.36 -22.41 -38.90
N ASP F 221 12.63 -21.35 -38.14
CA ASP F 221 12.82 -21.46 -36.70
C ASP F 221 11.52 -21.31 -35.93
N VAL F 222 10.56 -20.57 -36.50
CA VAL F 222 9.30 -20.25 -35.86
C VAL F 222 8.20 -20.40 -36.90
N LEU F 223 7.17 -21.18 -36.57
CA LEU F 223 5.99 -21.31 -37.42
C LEU F 223 4.79 -20.74 -36.69
N VAL F 224 4.00 -19.91 -37.39
CA VAL F 224 2.91 -19.19 -36.75
C VAL F 224 1.66 -19.33 -37.61
N THR F 225 0.49 -19.40 -36.96
CA THR F 225 -0.75 -19.30 -37.71
C THR F 225 -1.78 -18.61 -36.82
N ASP F 226 -3.01 -18.52 -37.33
CA ASP F 226 -4.08 -17.72 -36.77
C ASP F 226 -5.37 -18.28 -37.36
N THR F 227 -6.51 -18.06 -36.71
CA THR F 227 -7.74 -18.56 -37.31
C THR F 227 -7.93 -17.92 -38.68
N TRP F 228 -8.44 -18.72 -39.61
CA TRP F 228 -8.53 -18.30 -40.99
C TRP F 228 -9.59 -17.23 -41.19
N THR F 229 -10.56 -17.18 -40.28
CA THR F 229 -11.74 -16.37 -40.42
C THR F 229 -12.32 -16.12 -39.03
N LEU F 238 -13.84 -25.78 -45.72
CA LEU F 238 -14.21 -26.74 -46.80
C LEU F 238 -15.07 -25.91 -47.74
N ASP F 239 -15.75 -24.94 -47.16
CA ASP F 239 -16.48 -24.01 -48.04
C ASP F 239 -15.55 -22.84 -48.25
N ARG F 240 -15.81 -21.76 -47.56
CA ARG F 240 -15.03 -20.53 -47.76
C ARG F 240 -13.61 -20.68 -47.21
N VAL F 241 -13.35 -21.67 -46.35
CA VAL F 241 -12.01 -21.81 -45.73
C VAL F 241 -11.19 -22.84 -46.50
N LYS F 242 -11.78 -23.45 -47.53
CA LYS F 242 -11.03 -24.39 -48.39
C LYS F 242 -9.71 -23.79 -48.88
N PRO F 243 -9.59 -22.51 -49.32
CA PRO F 243 -8.28 -22.06 -49.84
C PRO F 243 -7.16 -22.20 -48.82
N PHE F 244 -7.49 -22.22 -47.54
CA PHE F 244 -6.47 -22.19 -46.50
C PHE F 244 -6.02 -23.56 -46.05
N ARG F 245 -6.82 -24.60 -46.31
CA ARG F 245 -6.51 -25.92 -45.78
C ARG F 245 -5.12 -26.41 -46.14
N PRO F 246 -4.59 -26.22 -47.35
CA PRO F 246 -3.21 -26.64 -47.61
C PRO F 246 -2.17 -25.90 -46.78
N PHE F 247 -2.56 -24.83 -46.07
CA PHE F 247 -1.67 -24.05 -45.24
C PHE F 247 -1.84 -24.38 -43.77
N GLN F 248 -2.54 -25.47 -43.46
CA GLN F 248 -2.71 -25.92 -42.06
C GLN F 248 -1.36 -26.17 -41.40
N LEU F 249 -1.22 -25.71 -40.16
CA LEU F 249 0.03 -25.97 -39.41
C LEU F 249 -0.13 -27.33 -38.76
N ASN F 250 0.38 -28.34 -39.45
CA ASN F 250 0.21 -29.72 -38.99
C ASN F 250 1.57 -30.35 -38.79
N SER F 251 1.56 -31.62 -38.37
CA SER F 251 2.83 -32.28 -38.08
C SER F 251 3.69 -32.43 -39.33
N ARG F 252 3.06 -32.56 -40.49
CA ARG F 252 3.80 -32.68 -41.75
C ARG F 252 4.57 -31.39 -42.02
N LEU F 253 3.89 -30.26 -41.89
CA LEU F 253 4.54 -28.96 -42.07
C LEU F 253 5.64 -28.77 -41.02
N LEU F 254 5.35 -29.12 -39.77
CA LEU F 254 6.33 -28.85 -38.71
C LEU F 254 7.58 -29.69 -38.91
N ALA F 255 7.41 -30.93 -39.42
CA ALA F 255 8.55 -31.80 -39.68
C ALA F 255 9.47 -31.26 -40.77
N LEU F 256 8.98 -30.33 -41.60
CA LEU F 256 9.82 -29.73 -42.64
C LEU F 256 10.71 -28.62 -42.09
N ALA F 257 10.42 -28.12 -40.90
CA ALA F 257 11.13 -26.97 -40.35
C ALA F 257 12.38 -27.44 -39.62
N ASP F 258 13.15 -26.47 -39.10
CA ASP F 258 14.30 -26.81 -38.30
C ASP F 258 13.89 -27.71 -37.12
N SER F 259 14.81 -28.58 -36.70
CA SER F 259 14.46 -29.56 -35.67
C SER F 259 14.06 -28.90 -34.36
N ASP F 260 14.55 -27.69 -34.11
CA ASP F 260 14.32 -26.95 -32.88
C ASP F 260 13.22 -25.90 -33.03
N ALA F 261 12.39 -26.00 -34.07
CA ALA F 261 11.41 -24.96 -34.34
C ALA F 261 10.32 -24.94 -33.26
N ILE F 262 9.76 -23.75 -33.04
CA ILE F 262 8.66 -23.58 -32.10
C ILE F 262 7.46 -23.08 -32.88
N VAL F 263 6.29 -23.22 -32.27
CA VAL F 263 5.01 -22.93 -32.90
C VAL F 263 4.28 -21.90 -32.05
N LEU F 264 3.75 -20.86 -32.71
CA LEU F 264 2.97 -19.78 -32.11
C LEU F 264 1.58 -19.72 -32.72
N HIS F 265 0.61 -19.22 -31.95
CA HIS F 265 -0.76 -19.07 -32.40
C HIS F 265 -1.42 -18.07 -31.46
N CYS F 266 -1.93 -16.96 -31.98
CA CYS F 266 -2.38 -15.89 -31.10
C CYS F 266 -3.62 -16.26 -30.27
N LEU F 267 -4.35 -17.31 -30.65
CA LEU F 267 -5.54 -17.82 -29.96
C LEU F 267 -6.72 -16.87 -30.17
N PRO F 268 -7.97 -17.38 -30.15
CA PRO F 268 -8.29 -18.79 -29.88
C PRO F 268 -7.97 -19.67 -31.08
N ALA F 269 -7.74 -20.95 -30.83
CA ALA F 269 -7.46 -21.89 -31.90
C ALA F 269 -8.69 -22.71 -32.23
N HIS F 270 -8.91 -22.94 -33.51
CA HIS F 270 -9.95 -23.83 -34.00
C HIS F 270 -9.23 -25.13 -34.34
N ARG F 271 -9.10 -26.02 -33.37
CA ARG F 271 -8.31 -27.22 -33.54
C ARG F 271 -8.87 -28.06 -34.68
N GLY F 272 -7.99 -28.48 -35.61
CA GLY F 272 -8.38 -29.21 -36.80
C GLY F 272 -8.54 -28.34 -38.03
N ASP F 273 -8.69 -27.02 -37.85
CA ASP F 273 -8.67 -26.08 -38.97
C ASP F 273 -7.25 -25.58 -39.20
N GLU F 274 -6.87 -24.40 -38.69
CA GLU F 274 -5.54 -23.86 -39.00
C GLU F 274 -4.41 -24.60 -38.30
N ILE F 275 -4.69 -25.39 -37.26
CA ILE F 275 -3.66 -26.06 -36.48
C ILE F 275 -4.26 -27.35 -35.97
N THR F 276 -3.41 -28.35 -35.75
CA THR F 276 -3.88 -29.66 -35.31
C THR F 276 -3.65 -29.81 -33.80
N ASP F 277 -4.38 -30.76 -33.21
CA ASP F 277 -4.16 -31.07 -31.79
C ASP F 277 -2.71 -31.46 -31.55
N ALA F 278 -2.14 -32.27 -32.44
CA ALA F 278 -0.80 -32.80 -32.22
C ALA F 278 0.22 -31.68 -32.12
N VAL F 279 0.11 -30.68 -33.00
CA VAL F 279 1.06 -29.58 -33.00
C VAL F 279 0.85 -28.69 -31.80
N MET F 280 -0.38 -28.34 -31.55
CA MET F 280 -0.61 -27.38 -30.49
C MET F 280 -0.45 -27.93 -29.08
N ASP F 281 -0.60 -29.24 -28.89
CA ASP F 281 -0.33 -29.86 -27.59
C ASP F 281 1.04 -30.53 -27.51
N GLY F 282 1.85 -30.45 -28.57
CA GLY F 282 3.13 -31.12 -28.61
C GLY F 282 4.29 -30.27 -28.12
N PRO F 283 5.51 -30.84 -28.17
CA PRO F 283 6.66 -30.19 -27.53
C PRO F 283 7.17 -28.93 -28.24
N ALA F 284 6.82 -28.70 -29.50
CA ALA F 284 7.25 -27.48 -30.18
C ALA F 284 6.34 -26.29 -29.87
N SER F 285 5.19 -26.52 -29.25
CA SER F 285 4.20 -25.46 -29.08
C SER F 285 4.63 -24.51 -27.96
N ALA F 286 4.57 -23.21 -28.24
CA ALA F 286 4.82 -22.17 -27.25
C ALA F 286 3.58 -21.32 -26.99
N VAL F 287 2.39 -21.84 -27.35
CA VAL F 287 1.21 -20.96 -27.37
C VAL F 287 0.80 -20.52 -25.97
N TRP F 288 1.03 -21.35 -24.93
CA TRP F 288 0.57 -20.94 -23.61
C TRP F 288 1.49 -19.87 -23.00
N ASP F 289 2.81 -20.02 -23.16
CA ASP F 289 3.74 -18.97 -22.76
C ASP F 289 3.48 -17.70 -23.56
N GLU F 290 3.17 -17.86 -24.85
CA GLU F 290 2.86 -16.71 -25.69
C GLU F 290 1.64 -15.97 -25.16
N ALA F 291 0.59 -16.72 -24.77
CA ALA F 291 -0.58 -16.07 -24.19
C ALA F 291 -0.23 -15.35 -22.89
N GLU F 292 0.53 -16.00 -22.01
CA GLU F 292 0.93 -15.32 -20.77
C GLU F 292 1.66 -14.02 -21.07
N ASN F 293 2.54 -14.03 -22.07
CA ASN F 293 3.39 -12.87 -22.36
C ASN F 293 2.61 -11.67 -22.89
N ARG F 294 1.33 -11.84 -23.28
CA ARG F 294 0.50 -10.66 -23.52
C ARG F 294 0.52 -9.75 -22.32
N LEU F 295 0.42 -10.32 -21.12
CA LEU F 295 0.40 -9.53 -19.90
C LEU F 295 1.71 -8.75 -19.73
N HIS F 296 2.85 -9.46 -19.82
CA HIS F 296 4.15 -8.81 -19.57
C HIS F 296 4.52 -7.81 -20.66
N ALA F 297 4.34 -8.18 -21.93
CA ALA F 297 4.73 -7.29 -23.02
C ALA F 297 3.89 -6.01 -23.04
N GLN F 298 2.60 -6.11 -22.74
CA GLN F 298 1.74 -4.92 -22.75
C GLN F 298 2.05 -4.02 -21.56
N LYS F 299 2.37 -4.61 -20.41
CA LYS F 299 2.82 -3.80 -19.28
C LYS F 299 4.09 -3.05 -19.63
N ALA F 300 5.05 -3.74 -20.28
CA ALA F 300 6.29 -3.07 -20.68
C ALA F 300 6.01 -1.93 -21.66
N LEU F 301 5.17 -2.20 -22.66
CA LEU F 301 4.79 -1.15 -23.60
C LEU F 301 4.20 0.06 -22.87
N LEU F 302 3.28 -0.18 -21.93
CA LEU F 302 2.69 0.94 -21.19
C LEU F 302 3.73 1.71 -20.39
N VAL F 303 4.58 0.99 -19.66
CA VAL F 303 5.62 1.67 -18.88
C VAL F 303 6.48 2.55 -19.80
N TRP F 304 6.87 1.99 -20.95
CA TRP F 304 7.77 2.69 -21.87
C TRP F 304 7.10 3.94 -22.44
N LEU F 305 5.86 3.81 -22.92
CA LEU F 305 5.15 4.96 -23.47
C LEU F 305 4.89 6.02 -22.40
N LEU F 306 4.53 5.59 -21.19
CA LEU F 306 4.24 6.59 -20.14
C LEU F 306 5.48 7.39 -19.80
N GLU F 307 6.64 6.74 -19.74
CA GLU F 307 7.82 7.49 -19.34
C GLU F 307 8.37 8.34 -20.48
N ARG F 308 8.04 8.00 -21.72
CA ARG F 308 8.43 8.76 -22.90
C ARG F 308 7.52 9.94 -23.17
N SER F 309 6.39 10.05 -22.48
CA SER F 309 5.34 10.95 -22.93
C SER F 309 5.00 12.08 -21.95
#